data_2XNR
# 
_entry.id   2XNR 
# 
_audit_conform.dict_name       mmcif_pdbx.dic 
_audit_conform.dict_version    5.383 
_audit_conform.dict_location   http://mmcif.pdb.org/dictionaries/ascii/mmcif_pdbx.dic 
# 
loop_
_database_2.database_id 
_database_2.database_code 
_database_2.pdbx_database_accession 
_database_2.pdbx_DOI 
PDB   2XNR         pdb_00002xnr 10.2210/pdb2xnr/pdb 
PDBE  EBI-44978    ?            ?                   
WWPDB D_1290044978 ?            ?                   
# 
_pdbx_database_related.db_name        PDB 
_pdbx_database_related.db_id          2XNQ 
_pdbx_database_related.content_type   unspecified 
_pdbx_database_related.details        'STRUCTURAL INSIGHTS INTO CIS ELEMENT RECOGNITION OF NON-POLYADENYLATED RNAS BY THE NAB3-RRM' 
# 
_pdbx_database_status.status_code                     REL 
_pdbx_database_status.entry_id                        2XNR 
_pdbx_database_status.deposit_site                    PDBE 
_pdbx_database_status.process_site                    PDBE 
_pdbx_database_status.SG_entry                        . 
_pdbx_database_status.recvd_initial_deposition_date   2010-08-05 
_pdbx_database_status.pdb_format_compatible           Y 
_pdbx_database_status.status_code_sf                  REL 
_pdbx_database_status.status_code_mr                  ? 
_pdbx_database_status.status_code_cs                  ? 
_pdbx_database_status.methods_development_category    ? 
_pdbx_database_status.status_code_nmr_data            ? 
# 
loop_
_audit_author.name 
_audit_author.pdbx_ordinal 
'Lunde, B.M.'  1 
'Horner, M.'   2 
'Meinhart, A.' 3 
# 
_citation.id                        primary 
_citation.title                     'Structural Insights Into Cis Element Recognition of Non-Polyadenylated Rnas by the Nab3-Rrm.' 
_citation.journal_abbrev            'Nucleic Acids Res.' 
_citation.journal_volume            39 
_citation.page_first                337 
_citation.page_last                 ? 
_citation.year                      2011 
_citation.journal_id_ASTM           NARHAD 
_citation.country                   UK 
_citation.journal_id_ISSN           0305-1048 
_citation.journal_id_CSD            0389 
_citation.book_publisher            ? 
_citation.pdbx_database_id_PubMed   20805243 
_citation.pdbx_database_id_DOI      10.1093/NAR/GKQ751 
# 
loop_
_citation_author.citation_id 
_citation_author.name 
_citation_author.ordinal 
_citation_author.identifier_ORCID 
primary 'Lunde, B.M.'  1 ? 
primary 'Horner, M.'   2 ? 
primary 'Meinhart, A.' 3 ? 
# 
_cell.entry_id           2XNR 
_cell.length_a           30.640 
_cell.length_b           30.640 
_cell.length_c           82.420 
_cell.angle_alpha        90.00 
_cell.angle_beta         90.00 
_cell.angle_gamma        90.00 
_cell.Z_PDB              4 
_cell.pdbx_unique_axis   ? 
# 
_symmetry.entry_id                         2XNR 
_symmetry.space_group_name_H-M             'P 41' 
_symmetry.pdbx_full_space_group_name_H-M   ? 
_symmetry.cell_setting                     ? 
_symmetry.Int_Tables_number                76 
# 
loop_
_entity.id 
_entity.type 
_entity.src_method 
_entity.pdbx_description 
_entity.formula_weight 
_entity.pdbx_number_of_molecules 
_entity.pdbx_ec 
_entity.pdbx_mutation 
_entity.pdbx_fragment 
_entity.details 
1 polymer     man 'NUCLEAR POLYADENYLATED RNA-BINDING PROTEIN 3' 11034.574 1  ? ? 'RNA RECOGNITION MOTIF, RESIDUES 329-404' ? 
2 polymer     syn "5'-R(*UP*UP*CP*UP*UP*AP*UP*UP*CP*UP*UP*A)-3'" 3673.144  1  ? ? ?                                         ? 
3 non-polymer syn 'ACETATE ION'                                  59.044    2  ? ? ?                                         ? 
4 water       nat water                                          18.015    47 ? ? ?                                         ? 
# 
loop_
_entity_poly.entity_id 
_entity_poly.type 
_entity_poly.nstd_linkage 
_entity_poly.nstd_monomer 
_entity_poly.pdbx_seq_one_letter_code 
_entity_poly.pdbx_seq_one_letter_code_can 
_entity_poly.pdbx_strand_id 
_entity_poly.pdbx_target_identifier 
1 'polypeptide(L)'   no no 
;MGSSHHHHHHSSGLVPRGSHMKSRLFIGNLPLKNVSKEDLFRIFSPYGHIMQINIKNAFGFIQFDNPQSVRDAIECESQE
MNFGKKLILEVSSSNAR
;
;MGSSHHHHHHSSGLVPRGSHMKSRLFIGNLPLKNVSKEDLFRIFSPYGHIMQINIKNAFGFIQFDNPQSVRDAIECESQE
MNFGKKLILEVSSSNAR
;
A ? 
2 polyribonucleotide no no UUCUUAUUCUUA                                                                                         
UUCUUAUUCUUA                                                                                         C ? 
# 
loop_
_entity_poly_seq.entity_id 
_entity_poly_seq.num 
_entity_poly_seq.mon_id 
_entity_poly_seq.hetero 
1 1  MET n 
1 2  GLY n 
1 3  SER n 
1 4  SER n 
1 5  HIS n 
1 6  HIS n 
1 7  HIS n 
1 8  HIS n 
1 9  HIS n 
1 10 HIS n 
1 11 SER n 
1 12 SER n 
1 13 GLY n 
1 14 LEU n 
1 15 VAL n 
1 16 PRO n 
1 17 ARG n 
1 18 GLY n 
1 19 SER n 
1 20 HIS n 
1 21 MET n 
1 22 LYS n 
1 23 SER n 
1 24 ARG n 
1 25 LEU n 
1 26 PHE n 
1 27 ILE n 
1 28 GLY n 
1 29 ASN n 
1 30 LEU n 
1 31 PRO n 
1 32 LEU n 
1 33 LYS n 
1 34 ASN n 
1 35 VAL n 
1 36 SER n 
1 37 LYS n 
1 38 GLU n 
1 39 ASP n 
1 40 LEU n 
1 41 PHE n 
1 42 ARG n 
1 43 ILE n 
1 44 PHE n 
1 45 SER n 
1 46 PRO n 
1 47 TYR n 
1 48 GLY n 
1 49 HIS n 
1 50 ILE n 
1 51 MET n 
1 52 GLN n 
1 53 ILE n 
1 54 ASN n 
1 55 ILE n 
1 56 LYS n 
1 57 ASN n 
1 58 ALA n 
1 59 PHE n 
1 60 GLY n 
1 61 PHE n 
1 62 ILE n 
1 63 GLN n 
1 64 PHE n 
1 65 ASP n 
1 66 ASN n 
1 67 PRO n 
1 68 GLN n 
1 69 SER n 
1 70 VAL n 
1 71 ARG n 
1 72 ASP n 
1 73 ALA n 
1 74 ILE n 
1 75 GLU n 
1 76 CYS n 
1 77 GLU n 
1 78 SER n 
1 79 GLN n 
1 80 GLU n 
1 81 MET n 
1 82 ASN n 
1 83 PHE n 
1 84 GLY n 
1 85 LYS n 
1 86 LYS n 
1 87 LEU n 
1 88 ILE n 
1 89 LEU n 
1 90 GLU n 
1 91 VAL n 
1 92 SER n 
1 93 SER n 
1 94 SER n 
1 95 ASN n 
1 96 ALA n 
1 97 ARG n 
2 1  U   n 
2 2  U   n 
2 3  C   n 
2 4  U   n 
2 5  U   n 
2 6  A   n 
2 7  U   n 
2 8  U   n 
2 9  C   n 
2 10 U   n 
2 11 U   n 
2 12 A   n 
# 
_entity_src_gen.entity_id                          1 
_entity_src_gen.pdbx_src_id                        1 
_entity_src_gen.pdbx_alt_source_flag               sample 
_entity_src_gen.pdbx_seq_type                      ? 
_entity_src_gen.pdbx_beg_seq_num                   ? 
_entity_src_gen.pdbx_end_seq_num                   ? 
_entity_src_gen.gene_src_common_name               
;BAKER'S YEAST
;
_entity_src_gen.gene_src_genus                     ? 
_entity_src_gen.pdbx_gene_src_gene                 ? 
_entity_src_gen.gene_src_species                   ? 
_entity_src_gen.gene_src_strain                    ? 
_entity_src_gen.gene_src_tissue                    ? 
_entity_src_gen.gene_src_tissue_fraction           ? 
_entity_src_gen.gene_src_details                   ? 
_entity_src_gen.pdbx_gene_src_fragment             ? 
_entity_src_gen.pdbx_gene_src_scientific_name      'SACCHAROMYCES CEREVISIAE' 
_entity_src_gen.pdbx_gene_src_ncbi_taxonomy_id     4932 
_entity_src_gen.pdbx_gene_src_variant              ? 
_entity_src_gen.pdbx_gene_src_cell_line            ? 
_entity_src_gen.pdbx_gene_src_atcc                 ? 
_entity_src_gen.pdbx_gene_src_organ                ? 
_entity_src_gen.pdbx_gene_src_organelle            ? 
_entity_src_gen.pdbx_gene_src_cell                 ? 
_entity_src_gen.pdbx_gene_src_cellular_location    ? 
_entity_src_gen.host_org_common_name               ? 
_entity_src_gen.pdbx_host_org_scientific_name      'ESCHERICHIA COLI' 
_entity_src_gen.pdbx_host_org_ncbi_taxonomy_id     469008 
_entity_src_gen.host_org_genus                     ? 
_entity_src_gen.pdbx_host_org_gene                 ? 
_entity_src_gen.pdbx_host_org_organ                ? 
_entity_src_gen.host_org_species                   ? 
_entity_src_gen.pdbx_host_org_tissue               ? 
_entity_src_gen.pdbx_host_org_tissue_fraction      ? 
_entity_src_gen.pdbx_host_org_strain               'BL21(DE3) RIL' 
_entity_src_gen.pdbx_host_org_variant              ? 
_entity_src_gen.pdbx_host_org_cell_line            ? 
_entity_src_gen.pdbx_host_org_atcc                 ? 
_entity_src_gen.pdbx_host_org_culture_collection   ? 
_entity_src_gen.pdbx_host_org_cell                 ? 
_entity_src_gen.pdbx_host_org_organelle            ? 
_entity_src_gen.pdbx_host_org_cellular_location    ? 
_entity_src_gen.pdbx_host_org_vector_type          PLASMID 
_entity_src_gen.pdbx_host_org_vector               ? 
_entity_src_gen.host_org_details                   ? 
_entity_src_gen.expression_system_id               ? 
_entity_src_gen.plasmid_name                       PET28B 
_entity_src_gen.plasmid_details                    ? 
_entity_src_gen.pdbx_description                   ? 
# 
_pdbx_entity_src_syn.entity_id              2 
_pdbx_entity_src_syn.pdbx_src_id            1 
_pdbx_entity_src_syn.pdbx_alt_source_flag   sample 
_pdbx_entity_src_syn.pdbx_beg_seq_num       ? 
_pdbx_entity_src_syn.pdbx_end_seq_num       ? 
_pdbx_entity_src_syn.organism_scientific    'SACCHAROMYCES CEREVISIAE' 
_pdbx_entity_src_syn.organism_common_name   
;BAKER'S YEAST
;
_pdbx_entity_src_syn.ncbi_taxonomy_id       4932 
_pdbx_entity_src_syn.details                ? 
# 
loop_
_struct_ref.id 
_struct_ref.db_name 
_struct_ref.db_code 
_struct_ref.entity_id 
_struct_ref.pdbx_seq_one_letter_code 
_struct_ref.pdbx_align_begin 
_struct_ref.pdbx_db_accession 
_struct_ref.pdbx_db_isoform 
1 UNP NAB3_YEAST 1 ? ? P38996 ? 
2 PDB 2XNR       2 ? ? 2XNR   ? 
# 
loop_
_struct_ref_seq.align_id 
_struct_ref_seq.ref_id 
_struct_ref_seq.pdbx_PDB_id_code 
_struct_ref_seq.pdbx_strand_id 
_struct_ref_seq.seq_align_beg 
_struct_ref_seq.pdbx_seq_align_beg_ins_code 
_struct_ref_seq.seq_align_end 
_struct_ref_seq.pdbx_seq_align_end_ins_code 
_struct_ref_seq.pdbx_db_accession 
_struct_ref_seq.db_align_beg 
_struct_ref_seq.pdbx_db_align_beg_ins_code 
_struct_ref_seq.db_align_end 
_struct_ref_seq.pdbx_db_align_end_ins_code 
_struct_ref_seq.pdbx_auth_seq_align_beg 
_struct_ref_seq.pdbx_auth_seq_align_end 
1 1 2XNR A 22 ? 97 ? P38996 329 ? 404 ? 329 404 
2 2 2XNR C 1  ? 12 ? 2XNR   0   ? 11  ? 0   11  
# 
loop_
_struct_ref_seq_dif.align_id 
_struct_ref_seq_dif.pdbx_pdb_id_code 
_struct_ref_seq_dif.mon_id 
_struct_ref_seq_dif.pdbx_pdb_strand_id 
_struct_ref_seq_dif.seq_num 
_struct_ref_seq_dif.pdbx_pdb_ins_code 
_struct_ref_seq_dif.pdbx_seq_db_name 
_struct_ref_seq_dif.pdbx_seq_db_accession_code 
_struct_ref_seq_dif.db_mon_id 
_struct_ref_seq_dif.pdbx_seq_db_seq_num 
_struct_ref_seq_dif.details 
_struct_ref_seq_dif.pdbx_auth_seq_num 
_struct_ref_seq_dif.pdbx_ordinal 
1 2XNR MET A 1  ? UNP P38996 ? ? 'expression tag' 308 1  
1 2XNR GLY A 2  ? UNP P38996 ? ? 'expression tag' 309 2  
1 2XNR SER A 3  ? UNP P38996 ? ? 'expression tag' 310 3  
1 2XNR SER A 4  ? UNP P38996 ? ? 'expression tag' 311 4  
1 2XNR HIS A 5  ? UNP P38996 ? ? 'expression tag' 312 5  
1 2XNR HIS A 6  ? UNP P38996 ? ? 'expression tag' 313 6  
1 2XNR HIS A 7  ? UNP P38996 ? ? 'expression tag' 314 7  
1 2XNR HIS A 8  ? UNP P38996 ? ? 'expression tag' 315 8  
1 2XNR HIS A 9  ? UNP P38996 ? ? 'expression tag' 316 9  
1 2XNR HIS A 10 ? UNP P38996 ? ? 'expression tag' 317 10 
1 2XNR SER A 11 ? UNP P38996 ? ? 'expression tag' 318 11 
1 2XNR SER A 12 ? UNP P38996 ? ? 'expression tag' 319 12 
1 2XNR GLY A 13 ? UNP P38996 ? ? 'expression tag' 320 13 
1 2XNR LEU A 14 ? UNP P38996 ? ? 'expression tag' 321 14 
1 2XNR VAL A 15 ? UNP P38996 ? ? 'expression tag' 322 15 
1 2XNR PRO A 16 ? UNP P38996 ? ? 'expression tag' 323 16 
1 2XNR ARG A 17 ? UNP P38996 ? ? 'expression tag' 324 17 
1 2XNR GLY A 18 ? UNP P38996 ? ? 'expression tag' 325 18 
1 2XNR SER A 19 ? UNP P38996 ? ? 'expression tag' 326 19 
1 2XNR HIS A 20 ? UNP P38996 ? ? 'expression tag' 327 20 
1 2XNR MET A 21 ? UNP P38996 ? ? 'expression tag' 328 21 
# 
loop_
_chem_comp.id 
_chem_comp.type 
_chem_comp.mon_nstd_flag 
_chem_comp.name 
_chem_comp.pdbx_synonyms 
_chem_comp.formula 
_chem_comp.formula_weight 
A   'RNA linking'       y "ADENOSINE-5'-MONOPHOSPHATE" ? 'C10 H14 N5 O7 P' 347.221 
ACT non-polymer         . 'ACETATE ION'                ? 'C2 H3 O2 -1'     59.044  
ALA 'L-peptide linking' y ALANINE                      ? 'C3 H7 N O2'      89.093  
ARG 'L-peptide linking' y ARGININE                     ? 'C6 H15 N4 O2 1'  175.209 
ASN 'L-peptide linking' y ASPARAGINE                   ? 'C4 H8 N2 O3'     132.118 
ASP 'L-peptide linking' y 'ASPARTIC ACID'              ? 'C4 H7 N O4'      133.103 
C   'RNA linking'       y "CYTIDINE-5'-MONOPHOSPHATE"  ? 'C9 H14 N3 O8 P'  323.197 
CYS 'L-peptide linking' y CYSTEINE                     ? 'C3 H7 N O2 S'    121.158 
GLN 'L-peptide linking' y GLUTAMINE                    ? 'C5 H10 N2 O3'    146.144 
GLU 'L-peptide linking' y 'GLUTAMIC ACID'              ? 'C5 H9 N O4'      147.129 
GLY 'peptide linking'   y GLYCINE                      ? 'C2 H5 N O2'      75.067  
HIS 'L-peptide linking' y HISTIDINE                    ? 'C6 H10 N3 O2 1'  156.162 
HOH non-polymer         . WATER                        ? 'H2 O'            18.015  
ILE 'L-peptide linking' y ISOLEUCINE                   ? 'C6 H13 N O2'     131.173 
LEU 'L-peptide linking' y LEUCINE                      ? 'C6 H13 N O2'     131.173 
LYS 'L-peptide linking' y LYSINE                       ? 'C6 H15 N2 O2 1'  147.195 
MET 'L-peptide linking' y METHIONINE                   ? 'C5 H11 N O2 S'   149.211 
PHE 'L-peptide linking' y PHENYLALANINE                ? 'C9 H11 N O2'     165.189 
PRO 'L-peptide linking' y PROLINE                      ? 'C5 H9 N O2'      115.130 
SER 'L-peptide linking' y SERINE                       ? 'C3 H7 N O3'      105.093 
TYR 'L-peptide linking' y TYROSINE                     ? 'C9 H11 N O3'     181.189 
U   'RNA linking'       y "URIDINE-5'-MONOPHOSPHATE"   ? 'C9 H13 N2 O9 P'  324.181 
VAL 'L-peptide linking' y VALINE                       ? 'C5 H11 N O2'     117.146 
# 
_exptl.entry_id          2XNR 
_exptl.method            'X-RAY DIFFRACTION' 
_exptl.crystals_number   1 
# 
_exptl_crystal.id                    1 
_exptl_crystal.density_meas          ? 
_exptl_crystal.density_Matthews      2.15 
_exptl_crystal.density_percent_sol   48.94 
_exptl_crystal.description           NONE 
# 
_exptl_crystal_grow.crystal_id      1 
_exptl_crystal_grow.method          ? 
_exptl_crystal_grow.temp            ? 
_exptl_crystal_grow.temp_details    ? 
_exptl_crystal_grow.pH              4.5 
_exptl_crystal_grow.pdbx_pH_range   ? 
_exptl_crystal_grow.pdbx_details    
'85MM SODIUM ACETATE BUFFER PH 4.6, 170MM AMMONIUM ACETATE, 25.5% (W/V) PEG 4000, 15% (V/V) GLYCEROL' 
# 
_diffrn.id                     1 
_diffrn.ambient_temp           100 
_diffrn.ambient_temp_details   ? 
_diffrn.crystal_id             1 
# 
_diffrn_detector.diffrn_id              1 
_diffrn_detector.detector               PIXEL 
_diffrn_detector.type                   'DECTRIS PILATUS 6M' 
_diffrn_detector.pdbx_collection_date   2010-03-29 
_diffrn_detector.details                ? 
# 
_diffrn_radiation.diffrn_id                        1 
_diffrn_radiation.wavelength_id                    1 
_diffrn_radiation.pdbx_monochromatic_or_laue_m_l   M 
_diffrn_radiation.monochromator                    'SI 111' 
_diffrn_radiation.pdbx_diffrn_protocol             'SINGLE WAVELENGTH' 
_diffrn_radiation.pdbx_scattering_type             x-ray 
# 
_diffrn_radiation_wavelength.id           1 
_diffrn_radiation_wavelength.wavelength   0.978243 
_diffrn_radiation_wavelength.wt           1.0 
# 
_diffrn_source.diffrn_id                   1 
_diffrn_source.source                      SYNCHROTRON 
_diffrn_source.type                        'SLS BEAMLINE X10SA' 
_diffrn_source.pdbx_synchrotron_site       SLS 
_diffrn_source.pdbx_synchrotron_beamline   X10SA 
_diffrn_source.pdbx_wavelength             0.978243 
_diffrn_source.pdbx_wavelength_list        ? 
# 
_reflns.pdbx_diffrn_id               1 
_reflns.pdbx_ordinal                 1 
_reflns.entry_id                     2XNR 
_reflns.observed_criterion_sigma_I   0.0 
_reflns.observed_criterion_sigma_F   ? 
_reflns.d_resolution_low             50.00 
_reflns.d_resolution_high            1.60 
_reflns.number_obs                   9510 
_reflns.number_all                   ? 
_reflns.percent_possible_obs         98.9 
_reflns.pdbx_Rmerge_I_obs            0.09 
_reflns.pdbx_Rsym_value              ? 
_reflns.pdbx_netI_over_sigmaI        14.91 
_reflns.B_iso_Wilson_estimate        ? 
_reflns.pdbx_redundancy              6.3 
# 
_reflns_shell.pdbx_diffrn_id         1 
_reflns_shell.pdbx_ordinal           1 
_reflns_shell.d_res_high             1.60 
_reflns_shell.d_res_low              1.70 
_reflns_shell.percent_possible_all   96.3 
_reflns_shell.Rmerge_I_obs           0.43 
_reflns_shell.pdbx_Rsym_value        ? 
_reflns_shell.meanI_over_sigI_obs    5.26 
_reflns_shell.pdbx_redundancy        6.3 
# 
_refine.pdbx_refine_id                           'X-RAY DIFFRACTION' 
_refine.entry_id                                 2XNR 
_refine.pdbx_diffrn_id                           1 
_refine.pdbx_TLS_residual_ADP_flag               ? 
_refine.ls_number_reflns_obs                     9510 
_refine.ls_number_reflns_all                     ? 
_refine.pdbx_ls_sigma_I                          ? 
_refine.pdbx_ls_sigma_F                          . 
_refine.pdbx_data_cutoff_high_absF               ? 
_refine.pdbx_data_cutoff_low_absF                ? 
_refine.pdbx_data_cutoff_high_rms_absF           ? 
_refine.ls_d_res_low                             30.64 
_refine.ls_d_res_high                            1.60 
_refine.ls_percent_reflns_obs                    100.00 
_refine.ls_R_factor_obs                          0.16150 
_refine.ls_R_factor_all                          ? 
_refine.ls_R_factor_R_work                       0.16032 
_refine.ls_R_factor_R_free                       0.18420 
_refine.ls_R_factor_R_free_error                 ? 
_refine.ls_R_factor_R_free_error_details         ? 
_refine.ls_percent_reflns_R_free                 5.0 
_refine.ls_number_reflns_R_free                  501 
_refine.ls_number_parameters                     ? 
_refine.ls_number_restraints                     ? 
_refine.occupancy_min                            ? 
_refine.occupancy_max                            ? 
_refine.correlation_coeff_Fo_to_Fc               0.968 
_refine.correlation_coeff_Fo_to_Fc_free          0.958 
_refine.B_iso_mean                               19.685 
_refine.aniso_B[1][1]                            0.32 
_refine.aniso_B[2][2]                            0.32 
_refine.aniso_B[3][3]                            -0.64 
_refine.aniso_B[1][2]                            0.00 
_refine.aniso_B[1][3]                            0.00 
_refine.aniso_B[2][3]                            0.00 
_refine.solvent_model_details                    MASK 
_refine.solvent_model_param_ksol                 ? 
_refine.solvent_model_param_bsol                 ? 
_refine.pdbx_solvent_vdw_probe_radii             1.40 
_refine.pdbx_solvent_ion_probe_radii             0.80 
_refine.pdbx_solvent_shrinkage_radii             0.80 
_refine.pdbx_ls_cross_valid_method               THROUGHOUT 
_refine.details                                  'HYDROGENS HAVE BEEN ADDED IN THE RIDING POSITIONS.' 
_refine.pdbx_starting_model                      'PDB ENTRY 2XNQ' 
_refine.pdbx_method_to_determine_struct          'MOLECULAR REPLACEMENT' 
_refine.pdbx_isotropic_thermal_model             ? 
_refine.pdbx_stereochemistry_target_values       'MAXIMUM LIKELIHOOD' 
_refine.pdbx_stereochem_target_val_spec_case     ? 
_refine.pdbx_R_Free_selection_details            RANDOM 
_refine.pdbx_overall_ESU_R                       0.086 
_refine.pdbx_overall_ESU_R_Free                  0.083 
_refine.overall_SU_ML                            0.052 
_refine.pdbx_overall_phase_error                 ? 
_refine.overall_SU_B                             3.294 
_refine.overall_SU_R_Cruickshank_DPI             ? 
_refine.pdbx_overall_SU_R_free_Cruickshank_DPI   ? 
_refine.pdbx_overall_SU_R_Blow_DPI               ? 
_refine.pdbx_overall_SU_R_free_Blow_DPI          ? 
# 
_refine_hist.pdbx_refine_id                   'X-RAY DIFFRACTION' 
_refine_hist.cycle_id                         LAST 
_refine_hist.pdbx_number_atoms_protein        604 
_refine_hist.pdbx_number_atoms_nucleic_acid   65 
_refine_hist.pdbx_number_atoms_ligand         8 
_refine_hist.number_atoms_solvent             47 
_refine_hist.number_atoms_total               724 
_refine_hist.d_res_high                       1.60 
_refine_hist.d_res_low                        30.64 
# 
loop_
_refine_ls_restr.type 
_refine_ls_restr.dev_ideal 
_refine_ls_restr.dev_ideal_target 
_refine_ls_restr.weight 
_refine_ls_restr.number 
_refine_ls_restr.pdbx_refine_id 
_refine_ls_restr.pdbx_restraint_function 
r_bond_refined_d             0.009  0.022  ? 692 'X-RAY DIFFRACTION' ? 
r_bond_other_d               ?      ?      ? ?   'X-RAY DIFFRACTION' ? 
r_angle_refined_deg          1.252  2.085  ? 938 'X-RAY DIFFRACTION' ? 
r_angle_other_deg            ?      ?      ? ?   'X-RAY DIFFRACTION' ? 
r_dihedral_angle_1_deg       ?      ?      ? ?   'X-RAY DIFFRACTION' ? 
r_dihedral_angle_2_deg       37.858 25.161 ? 31  'X-RAY DIFFRACTION' ? 
r_dihedral_angle_3_deg       11.191 15.000 ? 119 'X-RAY DIFFRACTION' ? 
r_dihedral_angle_4_deg       8.955  15.000 ? 3   'X-RAY DIFFRACTION' ? 
r_chiral_restr               0.084  0.200  ? 104 'X-RAY DIFFRACTION' ? 
r_gen_planes_refined         0.006  0.021  ? 497 'X-RAY DIFFRACTION' ? 
r_gen_planes_other           ?      ?      ? ?   'X-RAY DIFFRACTION' ? 
r_nbd_refined                ?      ?      ? ?   'X-RAY DIFFRACTION' ? 
r_nbd_other                  ?      ?      ? ?   'X-RAY DIFFRACTION' ? 
r_nbtor_refined              ?      ?      ? ?   'X-RAY DIFFRACTION' ? 
r_nbtor_other                ?      ?      ? ?   'X-RAY DIFFRACTION' ? 
r_xyhbond_nbd_refined        ?      ?      ? ?   'X-RAY DIFFRACTION' ? 
r_xyhbond_nbd_other          ?      ?      ? ?   'X-RAY DIFFRACTION' ? 
r_metal_ion_refined          ?      ?      ? ?   'X-RAY DIFFRACTION' ? 
r_metal_ion_other            ?      ?      ? ?   'X-RAY DIFFRACTION' ? 
r_symmetry_vdw_refined       ?      ?      ? ?   'X-RAY DIFFRACTION' ? 
r_symmetry_vdw_other         ?      ?      ? ?   'X-RAY DIFFRACTION' ? 
r_symmetry_hbond_refined     ?      ?      ? ?   'X-RAY DIFFRACTION' ? 
r_symmetry_hbond_other       ?      ?      ? ?   'X-RAY DIFFRACTION' ? 
r_symmetry_metal_ion_refined ?      ?      ? ?   'X-RAY DIFFRACTION' ? 
r_symmetry_metal_ion_other   ?      ?      ? ?   'X-RAY DIFFRACTION' ? 
r_mcbond_it                  0.695  1.500  ? 379 'X-RAY DIFFRACTION' ? 
r_mcbond_other               ?      ?      ? ?   'X-RAY DIFFRACTION' ? 
r_mcangle_it                 1.385  2.000  ? 607 'X-RAY DIFFRACTION' ? 
r_mcangle_other              ?      ?      ? ?   'X-RAY DIFFRACTION' ? 
r_scbond_it                  2.163  3.000  ? 313 'X-RAY DIFFRACTION' ? 
r_scbond_other               ?      ?      ? ?   'X-RAY DIFFRACTION' ? 
r_scangle_it                 3.434  4.500  ? 331 'X-RAY DIFFRACTION' ? 
r_scangle_other              ?      ?      ? ?   'X-RAY DIFFRACTION' ? 
r_long_range_B_refined       ?      ?      ? ?   'X-RAY DIFFRACTION' ? 
r_long_range_B_other         ?      ?      ? ?   'X-RAY DIFFRACTION' ? 
r_rigid_bond_restr           ?      ?      ? ?   'X-RAY DIFFRACTION' ? 
r_sphericity_free            ?      ?      ? ?   'X-RAY DIFFRACTION' ? 
r_sphericity_bonded          ?      ?      ? ?   'X-RAY DIFFRACTION' ? 
# 
_refine_ls_shell.pdbx_refine_id                   'X-RAY DIFFRACTION' 
_refine_ls_shell.pdbx_total_number_of_bins_used   20 
_refine_ls_shell.d_res_high                       1.600 
_refine_ls_shell.d_res_low                        1.642 
_refine_ls_shell.number_reflns_R_work             690 
_refine_ls_shell.R_factor_R_work                  0.218 
_refine_ls_shell.percent_reflns_obs               100.00 
_refine_ls_shell.R_factor_R_free                  0.311 
_refine_ls_shell.R_factor_R_free_error            ? 
_refine_ls_shell.percent_reflns_R_free            ? 
_refine_ls_shell.number_reflns_R_free             36 
_refine_ls_shell.number_reflns_all                ? 
_refine_ls_shell.R_factor_all                     ? 
# 
_struct.entry_id                  2XNR 
_struct.title                     'Structural insights into cis element recognition of non- polyadenylated RNAs by the Nab3-RRM' 
_struct.pdbx_model_details        ? 
_struct.pdbx_CASP_flag            ? 
_struct.pdbx_model_type_details   ? 
# 
_struct_keywords.entry_id        2XNR 
_struct_keywords.pdbx_keywords   'RNA BINDING PROTEIN/RNA' 
_struct_keywords.text            'RNA BINDING PROTEIN-RNA COMPLEX, TRANSCRIPTION TERMINATION, RNA RECOGNITION, RRM, RNA PROCESSING' 
# 
loop_
_struct_asym.id 
_struct_asym.pdbx_blank_PDB_chainid_flag 
_struct_asym.pdbx_modified 
_struct_asym.entity_id 
_struct_asym.details 
A N N 1 ? 
B N N 2 ? 
C N N 3 ? 
D N N 3 ? 
E N N 4 ? 
# 
_struct_biol.id   1 
# 
loop_
_struct_conf.conf_type_id 
_struct_conf.id 
_struct_conf.pdbx_PDB_helix_id 
_struct_conf.beg_label_comp_id 
_struct_conf.beg_label_asym_id 
_struct_conf.beg_label_seq_id 
_struct_conf.pdbx_beg_PDB_ins_code 
_struct_conf.end_label_comp_id 
_struct_conf.end_label_asym_id 
_struct_conf.end_label_seq_id 
_struct_conf.pdbx_end_PDB_ins_code 
_struct_conf.beg_auth_comp_id 
_struct_conf.beg_auth_asym_id 
_struct_conf.beg_auth_seq_id 
_struct_conf.end_auth_comp_id 
_struct_conf.end_auth_asym_id 
_struct_conf.end_auth_seq_id 
_struct_conf.pdbx_PDB_helix_class 
_struct_conf.details 
_struct_conf.pdbx_PDB_helix_length 
HELX_P HELX_P1 1 SER A 36 ? SER A 45 ? SER A 343 SER A 352 1 ? 10 
HELX_P HELX_P2 2 PRO A 46 ? GLY A 48 ? PRO A 353 GLY A 355 5 ? 3  
HELX_P HELX_P3 3 ASN A 66 ? SER A 78 ? ASN A 373 SER A 385 1 ? 13 
# 
_struct_conf_type.id          HELX_P 
_struct_conf_type.criteria    ? 
_struct_conf_type.reference   ? 
# 
_struct_sheet.id               AA 
_struct_sheet.type             ? 
_struct_sheet.number_strands   4 
_struct_sheet.details          ? 
# 
loop_
_struct_sheet_order.sheet_id 
_struct_sheet_order.range_id_1 
_struct_sheet_order.range_id_2 
_struct_sheet_order.offset 
_struct_sheet_order.sense 
AA 1 2 ? anti-parallel 
AA 2 3 ? anti-parallel 
AA 3 4 ? anti-parallel 
# 
loop_
_struct_sheet_range.sheet_id 
_struct_sheet_range.id 
_struct_sheet_range.beg_label_comp_id 
_struct_sheet_range.beg_label_asym_id 
_struct_sheet_range.beg_label_seq_id 
_struct_sheet_range.pdbx_beg_PDB_ins_code 
_struct_sheet_range.end_label_comp_id 
_struct_sheet_range.end_label_asym_id 
_struct_sheet_range.end_label_seq_id 
_struct_sheet_range.pdbx_end_PDB_ins_code 
_struct_sheet_range.beg_auth_comp_id 
_struct_sheet_range.beg_auth_asym_id 
_struct_sheet_range.beg_auth_seq_id 
_struct_sheet_range.end_auth_comp_id 
_struct_sheet_range.end_auth_asym_id 
_struct_sheet_range.end_auth_seq_id 
AA 1 ILE A 50 ? LYS A 56 ? ILE A 357 LYS A 363 
AA 2 PHE A 59 ? PHE A 64 ? PHE A 366 PHE A 371 
AA 3 ARG A 24 ? ILE A 27 ? ARG A 331 ILE A 334 
AA 4 LEU A 89 ? VAL A 91 ? LEU A 396 VAL A 398 
# 
loop_
_pdbx_struct_sheet_hbond.sheet_id 
_pdbx_struct_sheet_hbond.range_id_1 
_pdbx_struct_sheet_hbond.range_id_2 
_pdbx_struct_sheet_hbond.range_1_label_atom_id 
_pdbx_struct_sheet_hbond.range_1_label_comp_id 
_pdbx_struct_sheet_hbond.range_1_label_asym_id 
_pdbx_struct_sheet_hbond.range_1_label_seq_id 
_pdbx_struct_sheet_hbond.range_1_PDB_ins_code 
_pdbx_struct_sheet_hbond.range_1_auth_atom_id 
_pdbx_struct_sheet_hbond.range_1_auth_comp_id 
_pdbx_struct_sheet_hbond.range_1_auth_asym_id 
_pdbx_struct_sheet_hbond.range_1_auth_seq_id 
_pdbx_struct_sheet_hbond.range_2_label_atom_id 
_pdbx_struct_sheet_hbond.range_2_label_comp_id 
_pdbx_struct_sheet_hbond.range_2_label_asym_id 
_pdbx_struct_sheet_hbond.range_2_label_seq_id 
_pdbx_struct_sheet_hbond.range_2_PDB_ins_code 
_pdbx_struct_sheet_hbond.range_2_auth_atom_id 
_pdbx_struct_sheet_hbond.range_2_auth_comp_id 
_pdbx_struct_sheet_hbond.range_2_auth_asym_id 
_pdbx_struct_sheet_hbond.range_2_auth_seq_id 
AA 1 2 N LYS A 56 ? N LYS A 363 O PHE A 59 ? O PHE A 366 
AA 2 3 N ILE A 62 ? N ILE A 369 O LEU A 25 ? O LEU A 332 
AA 3 4 N PHE A 26 ? N PHE A 333 O GLU A 90 ? O GLU A 397 
# 
loop_
_struct_site.id 
_struct_site.pdbx_evidence_code 
_struct_site.pdbx_auth_asym_id 
_struct_site.pdbx_auth_comp_id 
_struct_site.pdbx_auth_seq_id 
_struct_site.pdbx_auth_ins_code 
_struct_site.pdbx_num_residues 
_struct_site.details 
AC1 Software A ACT 1000 ? 3 'BINDING SITE FOR RESIDUE ACT A 1000' 
AC2 Software A ACT 1001 ? 4 'BINDING SITE FOR RESIDUE ACT A 1001' 
# 
loop_
_struct_site_gen.id 
_struct_site_gen.site_id 
_struct_site_gen.pdbx_num_res 
_struct_site_gen.label_comp_id 
_struct_site_gen.label_asym_id 
_struct_site_gen.label_seq_id 
_struct_site_gen.pdbx_auth_ins_code 
_struct_site_gen.auth_comp_id 
_struct_site_gen.auth_asym_id 
_struct_site_gen.auth_seq_id 
_struct_site_gen.label_atom_id 
_struct_site_gen.label_alt_id 
_struct_site_gen.symmetry 
_struct_site_gen.details 
1 AC1 3 LYS A 22 ? LYS A 329  . ? 4_564 ? 
2 AC1 3 ILE A 53 ? ILE A 360  . ? 1_555 ? 
3 AC1 3 HOH E .  ? HOH A 2047 . ? 1_555 ? 
4 AC2 4 LYS A 22 ? LYS A 329  . ? 1_555 ? 
5 AC2 4 SER A 23 ? SER A 330  . ? 1_555 ? 
6 AC2 4 ARG A 24 ? ARG A 331  . ? 1_555 ? 
7 AC2 4 GLN A 63 ? GLN A 370  . ? 1_555 ? 
# 
_atom_sites.entry_id                    2XNR 
_atom_sites.fract_transf_matrix[1][1]   -0.03204847 
_atom_sites.fract_transf_matrix[1][2]   -0.00490350 
_atom_sites.fract_transf_matrix[1][3]   -0.00374497 
_atom_sites.fract_transf_matrix[2][1]   0.00329366 
_atom_sites.fract_transf_matrix[2][2]   0.00315463 
_atom_sites.fract_transf_matrix[2][3]   -0.03231677 
_atom_sites.fract_transf_matrix[3][1]   0.00193959 
_atom_sites.fract_transf_matrix[3][2]   -0.01193781 
_atom_sites.fract_transf_matrix[3][3]   -0.00096764 
_atom_sites.fract_transf_vector[1]      0.336989 
_atom_sites.fract_transf_vector[2]      0.258127 
_atom_sites.fract_transf_vector[3]      0.063078 
# 
loop_
_atom_type.symbol 
C 
N 
O 
P 
S 
# 
loop_
_atom_site.group_PDB 
_atom_site.id 
_atom_site.type_symbol 
_atom_site.label_atom_id 
_atom_site.label_alt_id 
_atom_site.label_comp_id 
_atom_site.label_asym_id 
_atom_site.label_entity_id 
_atom_site.label_seq_id 
_atom_site.pdbx_PDB_ins_code 
_atom_site.Cartn_x 
_atom_site.Cartn_y 
_atom_site.Cartn_z 
_atom_site.occupancy 
_atom_site.B_iso_or_equiv 
_atom_site.pdbx_formal_charge 
_atom_site.auth_seq_id 
_atom_site.auth_comp_id 
_atom_site.auth_asym_id 
_atom_site.auth_atom_id 
_atom_site.pdbx_PDB_model_num 
ATOM   1   N N     . MET A 1 21 ? -12.134 -1.778  -11.163 1.00 38.87 ? 328  MET A N     1 
ATOM   2   C CA    . MET A 1 21 ? -11.777 -2.490  -9.899  1.00 37.31 ? 328  MET A CA    1 
ATOM   3   C C     . MET A 1 21 ? -10.352 -3.040  -9.964  1.00 34.80 ? 328  MET A C     1 
ATOM   4   O O     . MET A 1 21 ? -9.710  -2.982  -11.012 1.00 36.08 ? 328  MET A O     1 
ATOM   5   C CB    . MET A 1 21 ? -12.798 -3.598  -9.587  1.00 39.69 ? 328  MET A CB    1 
ATOM   6   C CG    . MET A 1 21 ? -12.749 -4.832  -10.504 1.00 42.79 ? 328  MET A CG    1 
ATOM   7   S SD    . MET A 1 21 ? -13.433 -6.313  -9.707  1.00 50.91 ? 328  MET A SD    1 
ATOM   8   C CE    . MET A 1 21 ? -12.339 -6.527  -8.293  1.00 47.72 ? 328  MET A CE    1 
ATOM   9   N N     . LYS A 1 22 ? -9.859  -3.562  -8.845  1.00 31.33 ? 329  LYS A N     1 
ATOM   10  C CA    . LYS A 1 22 ? -8.502  -4.105  -8.751  1.00 27.13 ? 329  LYS A CA    1 
ATOM   11  C C     . LYS A 1 22 ? -7.423  -3.025  -8.762  1.00 22.92 ? 329  LYS A C     1 
ATOM   12  O O     . LYS A 1 22 ? -6.246  -3.345  -8.890  1.00 22.14 ? 329  LYS A O     1 
ATOM   13  C CB    . LYS A 1 22 ? -8.211  -5.104  -9.882  1.00 28.59 ? 329  LYS A CB    1 
ATOM   14  C CG    . LYS A 1 22 ? -8.821  -6.490  -9.759  1.00 31.31 ? 329  LYS A CG    1 
ATOM   15  C CD    . LYS A 1 22 ? -8.275  -7.355  -10.891 1.00 36.03 ? 329  LYS A CD    1 
ATOM   16  C CE    . LYS A 1 22 ? -8.589  -8.818  -10.695 1.00 39.38 ? 329  LYS A CE    1 
ATOM   17  N NZ    . LYS A 1 22 ? -10.022 -9.151  -11.001 1.00 43.19 ? 329  LYS A NZ    1 
ATOM   18  N N     . SER A 1 23 ? -7.804  -1.757  -8.605  1.00 19.90 ? 330  SER A N     1 
ATOM   19  C CA    . SER A 1 23 ? -6.819  -0.666  -8.616  1.00 16.98 ? 330  SER A CA    1 
ATOM   20  C C     . SER A 1 23 ? -6.452  -0.162  -7.213  1.00 14.95 ? 330  SER A C     1 
ATOM   21  O O     . SER A 1 23 ? -5.754  0.844   -7.087  1.00 13.72 ? 330  SER A O     1 
ATOM   22  C CB    . SER A 1 23 ? -7.312  0.519   -9.467  1.00 17.30 ? 330  SER A CB    1 
ATOM   23  O OG    . SER A 1 23 ? -7.491  0.144   -10.822 1.00 20.76 ? 330  SER A OG    1 
ATOM   24  N N     . ARG A 1 24 ? -6.864  -0.895  -6.179  1.00 14.61 ? 331  ARG A N     1 
ATOM   25  C CA    . ARG A 1 24 ? -6.524  -0.547  -4.799  1.00 13.87 ? 331  ARG A CA    1 
ATOM   26  C C     . ARG A 1 24 ? -5.599  -1.599  -4.191  1.00 12.48 ? 331  ARG A C     1 
ATOM   27  O O     . ARG A 1 24 ? -5.831  -2.804  -4.348  1.00 13.10 ? 331  ARG A O     1 
ATOM   28  C CB    . ARG A 1 24 ? -7.793  -0.426  -3.972  1.00 15.38 ? 331  ARG A CB    1 
ATOM   29  C CG    . ARG A 1 24 ? -7.583  0.165   -2.584  1.00 18.93 ? 331  ARG A CG    1 
ATOM   30  C CD    . ARG A 1 24 ? -8.875  0.099   -1.744  1.00 25.79 ? 331  ARG A CD    1 
ATOM   31  N NE    . ARG A 1 24 ? -10.033 0.661   -2.426  1.00 32.70 ? 331  ARG A NE    1 
ATOM   32  C CZ    . ARG A 1 24 ? -10.491 1.901   -2.250  0.80 37.32 ? 331  ARG A CZ    1 
ATOM   33  N NH1   . ARG A 1 24 ? -9.881  2.731   -1.406  1.00 38.89 ? 331  ARG A NH1   1 
ATOM   34  N NH2   . ARG A 1 24 ? -11.566 2.316   -2.923  1.00 40.96 ? 331  ARG A NH2   1 
ATOM   35  N N     . LEU A 1 25 ? -4.547  -1.129  -3.525  1.00 10.50 ? 332  LEU A N     1 
ATOM   36  C CA    . LEU A 1 25 ? -3.625  -1.988  -2.813  1.00 10.25 ? 332  LEU A CA    1 
ATOM   37  C C     . LEU A 1 25 ? -4.004  -2.058  -1.331  1.00 10.84 ? 332  LEU A C     1 
ATOM   38  O O     . LEU A 1 25 ? -4.285  -1.040  -0.711  1.00 10.96 ? 332  LEU A O     1 
ATOM   39  C CB    . LEU A 1 25 ? -2.186  -1.440  -2.975  1.00 9.99  ? 332  LEU A CB    1 
ATOM   40  C CG    . LEU A 1 25 ? -1.102  -2.093  -2.124  1.00 10.01 ? 332  LEU A CG    1 
ATOM   41  C CD1   . LEU A 1 25 ? -0.764  -3.470  -2.681  1.00 12.11 ? 332  LEU A CD1   1 
ATOM   42  C CD2   . LEU A 1 25 ? 0.126   -1.213  -2.140  1.00 9.35  ? 332  LEU A CD2   1 
ATOM   43  N N     . PHE A 1 26 ? -4.028  -3.272  -0.783  1.00 10.13 ? 333  PHE A N     1 
ATOM   44  C CA    . PHE A 1 26 ? -4.247  -3.510  0.652   1.00 10.52 ? 333  PHE A CA    1 
ATOM   45  C C     . PHE A 1 26 ? -2.921  -3.769  1.366   1.00 10.61 ? 333  PHE A C     1 
ATOM   46  O O     . PHE A 1 26 ? -2.062  -4.518  0.875   1.00 10.47 ? 333  PHE A O     1 
ATOM   47  C CB    . PHE A 1 26 ? -5.155  -4.730  0.834   1.00 11.26 ? 333  PHE A CB    1 
ATOM   48  C CG    . PHE A 1 26 ? -5.302  -5.176  2.259   1.00 12.89 ? 333  PHE A CG    1 
ATOM   49  C CD1   . PHE A 1 26 ? -5.974  -4.380  3.191   1.00 12.97 ? 333  PHE A CD1   1 
ATOM   50  C CD2   . PHE A 1 26 ? -4.781  -6.399  2.670   1.00 14.96 ? 333  PHE A CD2   1 
ATOM   51  C CE1   . PHE A 1 26 ? -6.130  -4.805  4.515   1.00 13.86 ? 333  PHE A CE1   1 
ATOM   52  C CE2   . PHE A 1 26 ? -4.931  -6.828  3.997   1.00 14.24 ? 333  PHE A CE2   1 
ATOM   53  C CZ    . PHE A 1 26 ? -5.621  -6.021  4.913   1.00 14.22 ? 333  PHE A CZ    1 
ATOM   54  N N     . ILE A 1 27 ? -2.747  -3.130  2.524   1.00 9.92  ? 334  ILE A N     1 
ATOM   55  C CA    . ILE A 1 27 ? -1.603  -3.382  3.391   1.00 10.85 ? 334  ILE A CA    1 
ATOM   56  C C     . ILE A 1 27 ? -2.160  -3.910  4.706   1.00 11.38 ? 334  ILE A C     1 
ATOM   57  O O     . ILE A 1 27 ? -2.963  -3.241  5.339   1.00 11.82 ? 334  ILE A O     1 
ATOM   58  C CB    . ILE A 1 27 ? -0.768  -2.107  3.647   1.00 10.82 ? 334  ILE A CB    1 
ATOM   59  C CG1   . ILE A 1 27 ? -0.382  -1.434  2.322   1.00 11.71 ? 334  ILE A CG1   1 
ATOM   60  C CG2   . ILE A 1 27 ? 0.470   -2.459  4.463   1.00 11.64 ? 334  ILE A CG2   1 
ATOM   61  C CD1   . ILE A 1 27 ? 0.149   -0.002  2.454   1.00 14.19 ? 334  ILE A CD1   1 
ATOM   62  N N     . GLY A 1 28 ? -1.735  -5.103  5.111   1.00 11.88 ? 335  GLY A N     1 
ATOM   63  C CA    . GLY A 1 28 ? -2.400  -5.809  6.214   1.00 12.53 ? 335  GLY A CA    1 
ATOM   64  C C     . GLY A 1 28 ? -1.808  -5.685  7.608   1.00 13.37 ? 335  GLY A C     1 
ATOM   65  O O     . GLY A 1 28 ? -2.433  -6.114  8.583   1.00 15.17 ? 335  GLY A O     1 
ATOM   66  N N     . ASN A 1 29 ? -0.601  -5.132  7.700   1.00 12.71 ? 336  ASN A N     1 
ATOM   67  C CA    . ASN A 1 29 ? 0.139   -5.143  8.961   1.00 13.36 ? 336  ASN A CA    1 
ATOM   68  C C     . ASN A 1 29 ? 0.984   -3.896  9.185   1.00 12.77 ? 336  ASN A C     1 
ATOM   69  O O     . ASN A 1 29 ? 2.151   -3.980  9.573   1.00 14.50 ? 336  ASN A O     1 
ATOM   70  C CB    . ASN A 1 29 ? 1.008   -6.413  9.072   1.00 13.59 ? 336  ASN A CB    1 
ATOM   71  C CG    . ASN A 1 29 ? 2.091   -6.487  7.991   1.00 12.67 ? 336  ASN A CG    1 
ATOM   72  O OD1   . ASN A 1 29 ? 2.002   -5.834  6.954   1.00 12.78 ? 336  ASN A OD1   1 
ATOM   73  N ND2   . ASN A 1 29 ? 3.112   -7.299  8.241   1.00 15.94 ? 336  ASN A ND2   1 
ATOM   74  N N     . LEU A 1 30 ? 0.387   -2.730  8.993   1.00 12.51 ? 337  LEU A N     1 
ATOM   75  C CA    . LEU A 1 30 ? 1.081   -1.495  9.362   1.00 12.53 ? 337  LEU A CA    1 
ATOM   76  C C     . LEU A 1 30 ? 1.333   -1.469  10.864  1.00 13.61 ? 337  LEU A C     1 
ATOM   77  O O     . LEU A 1 30 ? 0.523   -1.995  11.638  1.00 14.55 ? 337  LEU A O     1 
ATOM   78  C CB    . LEU A 1 30 ? 0.255   -0.284  9.011   1.00 12.49 ? 337  LEU A CB    1 
ATOM   79  C CG    . LEU A 1 30 ? -0.008  -0.030  7.518   1.00 12.03 ? 337  LEU A CG    1 
ATOM   80  C CD1   . LEU A 1 30 ? -1.042  1.073   7.393   1.00 13.39 ? 337  LEU A CD1   1 
ATOM   81  C CD2   . LEU A 1 30 ? 1.300   0.317   6.806   1.00 14.20 ? 337  LEU A CD2   1 
ATOM   82  N N     . PRO A 1 31 ? 2.450   -0.849  11.285  1.00 14.38 ? 338  PRO A N     1 
ATOM   83  C CA    . PRO A 1 31 ? 2.590   -0.518  12.715  1.00 14.86 ? 338  PRO A CA    1 
ATOM   84  C C     . PRO A 1 31 ? 1.368   0.272   13.175  1.00 15.19 ? 338  PRO A C     1 
ATOM   85  O O     . PRO A 1 31 ? 0.741   0.973   12.375  1.00 14.76 ? 338  PRO A O     1 
ATOM   86  C CB    . PRO A 1 31 ? 3.840   0.352   12.758  1.00 16.72 ? 338  PRO A CB    1 
ATOM   87  C CG    . PRO A 1 31 ? 4.628   -0.059  11.542  1.00 16.21 ? 338  PRO A CG    1 
ATOM   88  C CD    . PRO A 1 31 ? 3.612   -0.408  10.487  1.00 14.63 ? 338  PRO A CD    1 
ATOM   89  N N     . LEU A 1 32 ? 1.028   0.167   14.456  1.00 15.85 ? 339  LEU A N     1 
ATOM   90  C CA    . LEU A 1 32 ? -0.189  0.793   14.970  1.00 17.13 ? 339  LEU A CA    1 
ATOM   91  C C     . LEU A 1 32 ? 0.016   2.248   15.375  1.00 17.92 ? 339  LEU A C     1 
ATOM   92  O O     . LEU A 1 32 ? -0.951  2.943   15.701  1.00 19.86 ? 339  LEU A O     1 
ATOM   93  C CB    . LEU A 1 32 ? -0.718  -0.005  16.175  1.00 17.47 ? 339  LEU A CB    1 
ATOM   94  C CG    . LEU A 1 32 ? -1.526  -1.257  15.847  1.00 20.78 ? 339  LEU A CG    1 
ATOM   95  C CD1   . LEU A 1 32 ? -2.656  -0.901  14.887  1.00 19.59 ? 339  LEU A CD1   1 
ATOM   96  C CD2   . LEU A 1 32 ? -0.668  -2.364  15.257  1.00 22.60 ? 339  LEU A CD2   1 
ATOM   97  N N     . LYS A 1 33 ? 1.273   2.681   15.425  1.00 18.05 ? 340  LYS A N     1 
ATOM   98  C CA    . LYS A 1 33 ? 1.606   4.083   15.680  1.00 19.42 ? 340  LYS A CA    1 
ATOM   99  C C     . LYS A 1 33 ? 2.747   4.511   14.784  1.00 19.33 ? 340  LYS A C     1 
ATOM   100 O O     . LYS A 1 33 ? 3.482   3.671   14.257  1.00 19.42 ? 340  LYS A O     1 
ATOM   101 C CB    . LYS A 1 33 ? 2.049   4.295   17.124  1.00 21.00 ? 340  LYS A CB    1 
ATOM   102 C CG    . LYS A 1 33 ? 1.124   3.753   18.155  1.00 22.08 ? 340  LYS A CG    1 
ATOM   103 C CD    . LYS A 1 33 ? 1.627   4.131   19.501  1.00 21.36 ? 340  LYS A CD    1 
ATOM   104 C CE    . LYS A 1 33 ? 1.104   5.491   19.914  1.00 20.89 ? 340  LYS A CE    1 
ATOM   105 N NZ    . LYS A 1 33 ? 1.553   5.832   21.281  1.00 20.70 ? 340  LYS A NZ    1 
ATOM   106 N N     . ASN A 1 34 ? 2.899   5.826   14.640  1.00 19.81 ? 341  ASN A N     1 
ATOM   107 C CA    . ASN A 1 34 ? 4.044   6.407   13.937  1.00 20.28 ? 341  ASN A CA    1 
ATOM   108 C C     . ASN A 1 34 ? 4.085   6.008   12.461  1.00 18.52 ? 341  ASN A C     1 
ATOM   109 O O     . ASN A 1 34 ? 5.144   5.707   11.931  1.00 19.06 ? 341  ASN A O     1 
ATOM   110 C CB    . ASN A 1 34 ? 5.360   6.037   14.645  1.00 21.59 ? 341  ASN A CB    1 
ATOM   111 C CG    . ASN A 1 34 ? 6.506   6.978   14.297  1.00 25.46 ? 341  ASN A CG    1 
ATOM   112 O OD1   . ASN A 1 34 ? 6.325   8.193   14.188  1.00 29.72 ? 341  ASN A OD1   1 
ATOM   113 N ND2   . ASN A 1 34 ? 7.693   6.419   14.135  1.00 28.79 ? 341  ASN A ND2   1 
ATOM   114 N N     . VAL A 1 35 ? 2.919   6.006   11.825  1.00 17.08 ? 342  VAL A N     1 
ATOM   115 C CA    . VAL A 1 35 ? 2.782   5.738   10.383  1.00 15.78 ? 342  VAL A CA    1 
ATOM   116 C C     . VAL A 1 35 ? 1.963   6.870   9.778   1.00 15.50 ? 342  VAL A C     1 
ATOM   117 O O     . VAL A 1 35 ? 0.847   7.122   10.232  1.00 17.62 ? 342  VAL A O     1 
ATOM   118 C CB    . VAL A 1 35 ? 2.053   4.388   10.118  1.00 15.13 ? 342  VAL A CB    1 
ATOM   119 C CG1   . VAL A 1 35 ? 1.841   4.178   8.625   1.00 14.37 ? 342  VAL A CG1   1 
ATOM   120 C CG2   . VAL A 1 35 ? 2.852   3.219   10.688  1.00 16.50 ? 342  VAL A CG2   1 
ATOM   121 N N     . SER A 1 36 ? 2.500   7.560   8.774   1.00 13.94 ? 343  SER A N     1 
ATOM   122 C CA    . SER A 1 36 ? 1.733   8.623   8.109   1.00 13.45 ? 343  SER A CA    1 
ATOM   123 C C     . SER A 1 36 ? 1.356   8.248   6.689   1.00 12.42 ? 343  SER A C     1 
ATOM   124 O O     . SER A 1 36 ? 1.982   7.396   6.083   1.00 12.12 ? 343  SER A O     1 
ATOM   125 C CB    . SER A 1 36 ? 2.509   9.947   8.064   1.00 14.33 ? 343  SER A CB    1 
ATOM   126 O OG    . SER A 1 36 ? 3.669   9.812   7.259   1.00 14.11 ? 343  SER A OG    1 
ATOM   127 N N     . LYS A 1 37 ? 0.364   8.947   6.151   1.00 12.88 ? 344  LYS A N     1 
ATOM   128 C CA    . LYS A 1 37 ? 0.015   8.795   4.741   1.00 13.04 ? 344  LYS A CA    1 
ATOM   129 C C     . LYS A 1 37 ? 1.218   9.152   3.879   1.00 13.35 ? 344  LYS A C     1 
ATOM   130 O O     . LYS A 1 37 ? 1.454   8.514   2.853   1.00 13.40 ? 344  LYS A O     1 
ATOM   131 C CB    . LYS A 1 37 ? -1.182  9.675   4.376   1.00 13.81 ? 344  LYS A CB    1 
ATOM   132 C CG    . LYS A 1 37 ? -2.470  9.217   5.020   1.00 15.48 ? 344  LYS A CG    1 
ATOM   133 C CD    . LYS A 1 37 ? -3.620  10.123  4.608   1.00 20.39 ? 344  LYS A CD    1 
ATOM   134 C CE    . LYS A 1 37 ? -4.942  9.616   5.133   1.00 23.66 ? 344  LYS A CE    1 
ATOM   135 N NZ    . LYS A 1 37 ? -6.070  10.283  4.408   1.00 26.81 ? 344  LYS A NZ    1 
ATOM   136 N N     . GLU A 1 38 ? 1.986   10.155  4.293   1.00 14.36 ? 345  GLU A N     1 
ATOM   137 C CA    . GLU A 1 38 ? 3.199   10.513  3.550   1.00 15.96 ? 345  GLU A CA    1 
ATOM   138 C C     . GLU A 1 38 ? 4.238   9.402   3.500   1.00 14.57 ? 345  GLU A C     1 
ATOM   139 O O     . GLU A 1 38 ? 4.879   9.221   2.456   1.00 14.86 ? 345  GLU A O     1 
ATOM   140 C CB    . GLU A 1 38 ? 3.832   11.792  4.086   1.00 17.68 ? 345  GLU A CB    1 
ATOM   141 C CG    . GLU A 1 38 ? 3.108   13.054  3.641   1.00 24.15 ? 345  GLU A CG    1 
ATOM   142 C CD    . GLU A 1 38 ? 4.035   14.239  3.317   1.00 30.04 ? 345  GLU A CD    1 
ATOM   143 O OE1   . GLU A 1 38 ? 5.280   14.073  3.233   1.00 32.13 ? 345  GLU A OE1   1 
ATOM   144 O OE2   . GLU A 1 38 ? 3.497   15.355  3.139   1.00 33.39 ? 345  GLU A OE2   1 
ATOM   145 N N     . ASP A 1 39 ? 4.416   8.671   4.604   1.00 14.45 ? 346  ASP A N     1 
ATOM   146 C CA    . ASP A 1 39 ? 5.292   7.493   4.619   1.00 13.93 ? 346  ASP A CA    1 
ATOM   147 C C     . ASP A 1 39 ? 4.846   6.543   3.513   1.00 13.30 ? 346  ASP A C     1 
ATOM   148 O O     . ASP A 1 39 ? 5.671   6.066   2.728   1.00 12.67 ? 346  ASP A O     1 
ATOM   149 C CB    . ASP A 1 39 ? 5.218   6.718   5.948   1.00 14.30 ? 346  ASP A CB    1 
ATOM   150 C CG    . ASP A 1 39 ? 5.850   7.441   7.121   1.00 16.42 ? 346  ASP A CG    1 
ATOM   151 O OD1   . ASP A 1 39 ? 5.404   7.157   8.267   1.00 16.67 ? 346  ASP A OD1   1 
ATOM   152 O OD2   . ASP A 1 39 ? 6.802   8.246   6.932   1.00 19.13 ? 346  ASP A OD2   1 
ATOM   153 N N     . LEU A 1 40 ? 3.544   6.252   3.472   1.00 12.40 ? 347  LEU A N     1 
ATOM   154 C CA    . LEU A 1 40 ? 3.005   5.306   2.500   1.00 11.74 ? 347  LEU A CA    1 
ATOM   155 C C     . LEU A 1 40 ? 3.148   5.850   1.090   1.00 11.83 ? 347  LEU A C     1 
ATOM   156 O O     . LEU A 1 40 ? 3.497   5.107   0.162   1.00 11.74 ? 347  LEU A O     1 
ATOM   157 C CB    . LEU A 1 40 ? 1.551   4.942   2.820   1.00 11.95 ? 347  LEU A CB    1 
ATOM   158 C CG    . LEU A 1 40 ? 1.364   4.178   4.138   1.00 12.44 ? 347  LEU A CG    1 
ATOM   159 C CD1   . LEU A 1 40 ? -0.128  3.911   4.319   1.00 13.58 ? 347  LEU A CD1   1 
ATOM   160 C CD2   . LEU A 1 40 ? 2.168   2.882   4.147   1.00 15.95 ? 347  LEU A CD2   1 
ATOM   161 N N     . PHE A 1 41 ? 2.912   7.145   0.927   1.00 12.10 ? 348  PHE A N     1 
ATOM   162 C CA    . PHE A 1 41 ? 3.128   7.780   -0.355  1.00 12.76 ? 348  PHE A CA    1 
ATOM   163 C C     . PHE A 1 41 ? 4.567   7.622   -0.847  1.00 13.04 ? 348  PHE A C     1 
ATOM   164 O O     . PHE A 1 41 ? 4.786   7.279   -2.003  1.00 12.74 ? 348  PHE A O     1 
ATOM   165 C CB    . PHE A 1 41 ? 2.746   9.256   -0.316  1.00 13.52 ? 348  PHE A CB    1 
ATOM   166 C CG    . PHE A 1 41 ? 2.986   9.933   -1.607  1.00 13.31 ? 348  PHE A CG    1 
ATOM   167 C CD1   . PHE A 1 41 ? 2.005   9.920   -2.589  1.00 14.28 ? 348  PHE A CD1   1 
ATOM   168 C CD2   . PHE A 1 41 ? 4.214   10.524  -1.879  1.00 14.49 ? 348  PHE A CD2   1 
ATOM   169 C CE1   . PHE A 1 41 ? 2.229   10.506  -3.815  1.00 14.84 ? 348  PHE A CE1   1 
ATOM   170 C CE2   . PHE A 1 41 ? 4.445   11.117  -3.110  1.00 15.94 ? 348  PHE A CE2   1 
ATOM   171 C CZ    . PHE A 1 41 ? 3.446   11.104  -4.075  1.00 14.26 ? 348  PHE A CZ    1 
ATOM   172 N N     . ARG A 1 42 ? 5.547   7.853   0.020   1.00 13.89 ? 349  ARG A N     1 
ATOM   173 C CA    . ARG A 1 42 ? 6.953   7.718   -0.388  1.00 14.87 ? 349  ARG A CA    1 
ATOM   174 C C     . ARG A 1 42 ? 7.292   6.300   -0.844  1.00 14.44 ? 349  ARG A C     1 
ATOM   175 O O     . ARG A 1 42 ? 8.061   6.112   -1.798  1.00 15.48 ? 349  ARG A O     1 
ATOM   176 C CB    . ARG A 1 42 ? 7.896   8.178   0.735   1.00 16.17 ? 349  ARG A CB    1 
ATOM   177 C CG    . ARG A 1 42 ? 7.944   9.683   0.922   1.00 20.88 ? 349  ARG A CG    1 
ATOM   178 C CD    . ARG A 1 42 ? 8.887   10.027  2.072   1.00 28.25 ? 349  ARG A CD    1 
ATOM   179 N NE    . ARG A 1 42 ? 8.665   11.367  2.603   1.00 35.50 ? 349  ARG A NE    1 
ATOM   180 C CZ    . ARG A 1 42 ? 8.030   11.647  3.741   1.00 37.02 ? 349  ARG A CZ    1 
ATOM   181 N NH1   . ARG A 1 42 ? 7.538   10.675  4.498   1.00 37.53 ? 349  ARG A NH1   1 
ATOM   182 N NH2   . ARG A 1 42 ? 7.894   12.913  4.128   1.00 40.44 ? 349  ARG A NH2   1 
ATOM   183 N N     . ILE A 1 43 ? 6.717   5.305   -0.178  1.00 13.23 ? 350  ILE A N     1 
ATOM   184 C CA    . ILE A 1 43 ? 6.988   3.920   -0.513  1.00 12.38 ? 350  ILE A CA    1 
ATOM   185 C C     . ILE A 1 43 ? 6.340   3.545   -1.854  1.00 12.16 ? 350  ILE A C     1 
ATOM   186 O O     . ILE A 1 43 ? 6.962   2.885   -2.698  1.00 13.08 ? 350  ILE A O     1 
ATOM   187 C CB    . ILE A 1 43 ? 6.500   2.956   0.596   1.00 12.14 ? 350  ILE A CB    1 
ATOM   188 C CG1   . ILE A 1 43 ? 7.266   3.204   1.901   1.00 12.94 ? 350  ILE A CG1   1 
ATOM   189 C CG2   . ILE A 1 43 ? 6.697   1.509   0.149   1.00 13.22 ? 350  ILE A CG2   1 
ATOM   190 C CD1   . ILE A 1 43 ? 6.572   2.627   3.130   1.00 13.51 ? 350  ILE A CD1   1 
ATOM   191 N N     . PHE A 1 44 ? 5.092   3.957   -2.048  1.00 10.63 ? 351  PHE A N     1 
ATOM   192 C CA    . PHE A 1 44 ? 4.300   3.405   -3.145  1.00 10.03 ? 351  PHE A CA    1 
ATOM   193 C C     . PHE A 1 44 ? 4.118   4.296   -4.366  1.00 10.67 ? 351  PHE A C     1 
ATOM   194 O O     . PHE A 1 44 ? 3.708   3.806   -5.427  1.00 10.64 ? 351  PHE A O     1 
ATOM   195 C CB    . PHE A 1 44 ? 2.949   2.903   -2.603  1.00 10.28 ? 351  PHE A CB    1 
ATOM   196 C CG    . PHE A 1 44 ? 3.107   1.707   -1.706  1.00 9.74  ? 351  PHE A CG    1 
ATOM   197 C CD1   . PHE A 1 44 ? 3.011   1.844   -0.326  1.00 11.48 ? 351  PHE A CD1   1 
ATOM   198 C CD2   . PHE A 1 44 ? 3.422   0.453   -2.245  1.00 10.19 ? 351  PHE A CD2   1 
ATOM   199 C CE1   . PHE A 1 44 ? 3.217   0.751   0.517   1.00 12.59 ? 351  PHE A CE1   1 
ATOM   200 C CE2   . PHE A 1 44 ? 3.625   -0.648  -1.397  1.00 10.72 ? 351  PHE A CE2   1 
ATOM   201 C CZ    . PHE A 1 44 ? 3.514   -0.492  -0.027  1.00 11.71 ? 351  PHE A CZ    1 
ATOM   202 N N     . SER A 1 45 ? 4.434   5.582   -4.247  1.00 11.47 ? 352  SER A N     1 
ATOM   203 C CA    . SER A 1 45 ? 4.347   6.481   -5.395  1.00 12.89 ? 352  SER A CA    1 
ATOM   204 C C     . SER A 1 45 ? 5.161   6.060   -6.635  1.00 12.89 ? 352  SER A C     1 
ATOM   205 O O     . SER A 1 45 ? 4.748   6.382   -7.736  1.00 13.18 ? 352  SER A O     1 
ATOM   206 C CB    . SER A 1 45 ? 4.697   7.924   -5.004  1.00 13.92 ? 352  SER A CB    1 
ATOM   207 O OG    . SER A 1 45 ? 6.009   7.998   -4.467  1.00 17.39 ? 352  SER A OG    1 
ATOM   208 N N     . PRO A 1 46 ? 6.297   5.340   -6.474  1.00 12.99 ? 353  PRO A N     1 
ATOM   209 C CA    . PRO A 1 46 ? 7.025   4.923   -7.691  1.00 13.40 ? 353  PRO A CA    1 
ATOM   210 C C     . PRO A 1 46 ? 6.200   4.038   -8.623  1.00 12.82 ? 353  PRO A C     1 
ATOM   211 O O     . PRO A 1 46 ? 6.525   3.967   -9.810  1.00 14.29 ? 353  PRO A O     1 
ATOM   212 C CB    . PRO A 1 46 ? 8.192   4.100   -7.136  1.00 13.74 ? 353  PRO A CB    1 
ATOM   213 C CG    . PRO A 1 46 ? 8.406   4.669   -5.758  1.00 14.72 ? 353  PRO A CG    1 
ATOM   214 C CD    . PRO A 1 46 ? 7.039   4.971   -5.250  1.00 13.23 ? 353  PRO A CD    1 
ATOM   215 N N     . TYR A 1 47 ? 5.154   3.375   -8.094  1.00 11.19 ? 354  TYR A N     1 
ATOM   216 C CA    . TYR A 1 47 ? 4.379   2.379   -8.866  1.00 11.42 ? 354  TYR A CA    1 
ATOM   217 C C     . TYR A 1 47 ? 3.249   2.923   -9.712  1.00 11.82 ? 354  TYR A C     1 
ATOM   218 O O     . TYR A 1 47 ? 2.767   2.231   -10.618 1.00 12.73 ? 354  TYR A O     1 
ATOM   219 C CB    . TYR A 1 47 ? 3.891   1.243   -7.949  1.00 10.78 ? 354  TYR A CB    1 
ATOM   220 C CG    . TYR A 1 47 ? 5.075   0.628   -7.280  1.00 11.32 ? 354  TYR A CG    1 
ATOM   221 C CD1   . TYR A 1 47 ? 5.972   -0.160  -8.012  1.00 11.32 ? 354  TYR A CD1   1 
ATOM   222 C CD2   . TYR A 1 47 ? 5.366   0.916   -5.942  1.00 11.23 ? 354  TYR A CD2   1 
ATOM   223 C CE1   . TYR A 1 47 ? 7.105   -0.687  -7.425  1.00 11.64 ? 354  TYR A CE1   1 
ATOM   224 C CE2   . TYR A 1 47 ? 6.500   0.402   -5.344  1.00 12.81 ? 354  TYR A CE2   1 
ATOM   225 C CZ    . TYR A 1 47 ? 7.358   -0.409  -6.084  1.00 13.33 ? 354  TYR A CZ    1 
ATOM   226 O OH    . TYR A 1 47 ? 8.490   -0.926  -5.495  1.00 15.69 ? 354  TYR A OH    1 
ATOM   227 N N     . GLY A 1 48 ? 2.853   4.165   -9.461  1.00 11.69 ? 355  GLY A N     1 
ATOM   228 C CA    . GLY A 1 48 ? 1.811   4.770   -10.270 1.00 12.61 ? 355  GLY A CA    1 
ATOM   229 C C     . GLY A 1 48 ? 1.270   5.986   -9.549  1.00 13.42 ? 355  GLY A C     1 
ATOM   230 O O     . GLY A 1 48 ? 1.737   6.329   -8.455  1.00 14.89 ? 355  GLY A O     1 
ATOM   231 N N     . HIS A 1 49 ? 0.261   6.606   -10.149 1.00 13.88 ? 356  HIS A N     1 
ATOM   232 C CA    . HIS A 1 49 ? -0.382  7.788   -9.546  1.00 14.37 ? 356  HIS A CA    1 
ATOM   233 C C     . HIS A 1 49 ? -1.386  7.382   -8.491  1.00 13.49 ? 356  HIS A C     1 
ATOM   234 O O     . HIS A 1 49 ? -2.347  6.669   -8.769  1.00 13.44 ? 356  HIS A O     1 
ATOM   235 C CB    . HIS A 1 49 ? -1.035  8.651   -10.617 1.00 16.14 ? 356  HIS A CB    1 
ATOM   236 C CG    . HIS A 1 49 ? -0.049  9.234   -11.584 1.00 20.34 ? 356  HIS A CG    1 
ATOM   237 N ND1   . HIS A 1 49 ? -0.003  8.861   -12.906 1.00 26.22 ? 356  HIS A ND1   1 
ATOM   238 C CD2   . HIS A 1 49 ? 0.948   10.131  -11.404 1.00 24.92 ? 356  HIS A CD2   1 
ATOM   239 C CE1   . HIS A 1 49 ? 0.968   9.522   -13.511 1.00 27.46 ? 356  HIS A CE1   1 
ATOM   240 N NE2   . HIS A 1 49 ? 1.566   10.292  -12.620 1.00 26.54 ? 356  HIS A NE2   1 
ATOM   241 N N     . ILE A 1 50 ? -1.110  7.809   -7.264  1.00 12.20 ? 357  ILE A N     1 
ATOM   242 C CA    . ILE A 1 50 ? -1.956  7.502   -6.121  1.00 11.88 ? 357  ILE A CA    1 
ATOM   243 C C     . ILE A 1 50 ? -3.051  8.563   -6.001  1.00 13.25 ? 357  ILE A C     1 
ATOM   244 O O     . ILE A 1 50 ? -2.760  9.779   -5.952  1.00 14.80 ? 357  ILE A O     1 
ATOM   245 C CB    . ILE A 1 50 ? -1.129  7.454   -4.825  1.00 11.35 ? 357  ILE A CB    1 
ATOM   246 C CG1   . ILE A 1 50 ? -0.175  6.245   -4.844  1.00 9.98  ? 357  ILE A CG1   1 
ATOM   247 C CG2   . ILE A 1 50 ? -2.059  7.449   -3.600  1.00 11.73 ? 357  ILE A CG2   1 
ATOM   248 C CD1   . ILE A 1 50 ? 0.880   6.305   -3.767  1.00 10.51 ? 357  ILE A CD1   1 
ATOM   249 N N     . MET A 1 51 ? -4.302  8.095   -5.948  1.00 12.75 ? 358  MET A N     1 
ATOM   250 C CA    . MET A 1 51 ? -5.458  8.966   -5.863  1.00 14.55 ? 358  MET A CA    1 
ATOM   251 C C     . MET A 1 51 ? -5.914  9.216   -4.439  1.00 14.52 ? 358  MET A C     1 
ATOM   252 O O     . MET A 1 51 ? -6.467  10.276  -4.126  1.00 15.62 ? 358  MET A O     1 
ATOM   253 C CB    . MET A 1 51 ? -6.621  8.368   -6.662  1.00 15.38 ? 358  MET A CB    1 
ATOM   254 C CG    . MET A 1 51 ? -6.314  8.050   -8.127  1.00 18.66 ? 358  MET A CG    1 
ATOM   255 S SD    . MET A 1 51 ? -6.107  9.510   -9.173  1.00 24.72 ? 358  MET A SD    1 
ATOM   256 C CE    . MET A 1 51 ? -4.332  9.798   -9.073  1.00 23.03 ? 358  MET A CE    1 
ATOM   257 N N     . GLN A 1 52 ? -5.707  8.225   -3.582  1.00 13.53 ? 359  GLN A N     1 
ATOM   258 C CA    . GLN A 1 52 ? -6.182  8.287   -2.214  1.00 14.50 ? 359  GLN A CA    1 
ATOM   259 C C     . GLN A 1 52 ? -5.407  7.306   -1.359  1.00 13.23 ? 359  GLN A C     1 
ATOM   260 O O     . GLN A 1 52 ? -5.060  6.235   -1.833  1.00 12.68 ? 359  GLN A O     1 
ATOM   261 C CB    . GLN A 1 52 ? -7.677  7.933   -2.167  1.00 16.35 ? 359  GLN A CB    1 
ATOM   262 C CG    . GLN A 1 52 ? -8.292  7.969   -0.789  1.00 21.35 ? 359  GLN A CG    1 
ATOM   263 C CD    . GLN A 1 52 ? -9.810  7.935   -0.822  1.00 26.99 ? 359  GLN A CD    1 
ATOM   264 O OE1   . GLN A 1 52 ? -10.442 8.402   -1.779  1.00 31.81 ? 359  GLN A OE1   1 
ATOM   265 N NE2   . GLN A 1 52 ? -10.408 7.406   0.238   1.00 29.44 ? 359  GLN A NE2   1 
ATOM   266 N N     . ILE A 1 53 ? -5.155  7.693   -0.107  1.00 12.89 ? 360  ILE A N     1 
ATOM   267 C CA    . ILE A 1 53 ? -4.536  6.828   0.915   1.00 12.46 ? 360  ILE A CA    1 
ATOM   268 C C     . ILE A 1 53 ? -5.386  6.848   2.169   1.00 13.71 ? 360  ILE A C     1 
ATOM   269 O O     . ILE A 1 53 ? -5.696  7.921   2.688   1.00 14.48 ? 360  ILE A O     1 
ATOM   270 C CB    . ILE A 1 53 ? -3.102  7.269   1.274   1.00 12.55 ? 360  ILE A CB    1 
ATOM   271 C CG1   . ILE A 1 53 ? -2.238  7.265   -0.002  1.00 12.31 ? 360  ILE A CG1   1 
ATOM   272 C CG2   . ILE A 1 53 ? -2.509  6.367   2.382   1.00 12.23 ? 360  ILE A CG2   1 
ATOM   273 C CD1   . ILE A 1 53 ? -0.760  7.588   0.223   1.00 14.96 ? 360  ILE A CD1   1 
ATOM   274 N N     . ASN A 1 54 ? -5.801  5.667   2.622   1.00 14.20 ? 361  ASN A N     1 
ATOM   275 C CA    . ASN A 1 54 ? -6.529  5.530   3.887   1.00 15.47 ? 361  ASN A CA    1 
ATOM   276 C C     . ASN A 1 54 ? -5.774  4.591   4.822   1.00 14.91 ? 361  ASN A C     1 
ATOM   277 O O     . ASN A 1 54 ? -5.249  3.555   4.394   1.00 14.27 ? 361  ASN A O     1 
ATOM   278 C CB    . ASN A 1 54 ? -7.955  5.010   3.651   1.00 17.32 ? 361  ASN A CB    1 
ATOM   279 C CG    . ASN A 1 54 ? -8.788  5.944   2.781   1.00 21.46 ? 361  ASN A CG    1 
ATOM   280 O OD1   . ASN A 1 54 ? -9.405  5.508   1.816   1.00 29.87 ? 361  ASN A OD1   1 
ATOM   281 N ND2   . ASN A 1 54 ? -8.799  7.226   3.114   1.00 27.23 ? 361  ASN A ND2   1 
ATOM   282 N N     . ILE A 1 55 ? -5.695  4.970   6.094   1.00 14.87 ? 362  ILE A N     1 
ATOM   283 C CA    . ILE A 1 55 ? -5.102  4.109   7.116   1.00 15.02 ? 362  ILE A CA    1 
ATOM   284 C C     . ILE A 1 55 ? -6.156  3.853   8.179   1.00 15.76 ? 362  ILE A C     1 
ATOM   285 O O     . ILE A 1 55 ? -6.770  4.793   8.688   1.00 16.40 ? 362  ILE A O     1 
ATOM   286 C CB    . ILE A 1 55 ? -3.865  4.750   7.753   1.00 14.67 ? 362  ILE A CB    1 
ATOM   287 C CG1   . ILE A 1 55 ? -2.786  4.970   6.686   1.00 15.04 ? 362  ILE A CG1   1 
ATOM   288 C CG2   . ILE A 1 55 ? -3.326  3.882   8.919   1.00 15.78 ? 362  ILE A CG2   1 
ATOM   289 C CD1   . ILE A 1 55 ? -1.716  5.961   7.115   1.00 16.22 ? 362  ILE A CD1   1 
ATOM   290 N N     . LYS A 1 56 ? -6.379  2.579   8.492   1.00 15.79 ? 363  LYS A N     1 
ATOM   291 C CA    . LYS A 1 56 ? -7.292  2.210   9.565   1.00 17.51 ? 363  LYS A CA    1 
ATOM   292 C C     . LYS A 1 56 ? -6.527  1.253   10.444  1.00 16.90 ? 363  LYS A C     1 
ATOM   293 O O     . LYS A 1 56 ? -6.556  0.042   10.248  1.00 16.45 ? 363  LYS A O     1 
ATOM   294 C CB    . LYS A 1 56 ? -8.599  1.578   9.064   1.00 18.15 ? 363  LYS A CB    1 
ATOM   295 C CG    . LYS A 1 56 ? -9.635  1.312   10.194  1.00 23.93 ? 363  LYS A CG    1 
ATOM   296 C CD    . LYS A 1 56 ? -10.222 2.615   10.775  1.00 29.31 ? 363  LYS A CD    1 
ATOM   297 C CE    . LYS A 1 56 ? -10.818 2.398   12.161  1.00 33.23 ? 363  LYS A CE    1 
ATOM   298 N NZ    . LYS A 1 56 ? -11.696 3.536   12.563  1.00 36.44 ? 363  LYS A NZ    1 
ATOM   299 N N     . ASN A 1 57 ? -5.814  1.835   11.400  1.00 17.36 ? 364  ASN A N     1 
ATOM   300 C CA    . ASN A 1 57 ? -4.965  1.083   12.317  1.00 17.75 ? 364  ASN A CA    1 
ATOM   301 C C     . ASN A 1 57 ? -3.938  0.234   11.571  1.00 16.12 ? 364  ASN A C     1 
ATOM   302 O O     . ASN A 1 57 ? -3.116  0.804   10.884  1.00 16.68 ? 364  ASN A O     1 
ATOM   303 C CB    . ASN A 1 57 ? -5.811  0.319   13.341  1.00 18.96 ? 364  ASN A CB    1 
ATOM   304 C CG    . ASN A 1 57 ? -6.762  1.241   14.091  1.00 21.00 ? 364  ASN A CG    1 
ATOM   305 O OD1   . ASN A 1 57 ? -6.329  2.177   14.761  1.00 27.14 ? 364  ASN A OD1   1 
ATOM   306 N ND2   . ASN A 1 57 ? -8.053  0.999   13.954  1.00 22.01 ? 364  ASN A ND2   1 
ATOM   307 N N     . ALA A 1 58 ? -3.973  -1.096  11.683  1.00 15.95 ? 365  ALA A N     1 
ATOM   308 C CA    . ALA A 1 58 ? -3.014  -1.957  10.963  1.00 15.26 ? 365  ALA A CA    1 
ATOM   309 C C     . ALA A 1 58 ? -3.242  -2.028  9.456   1.00 14.21 ? 365  ALA A C     1 
ATOM   310 O O     . ALA A 1 58 ? -2.380  -2.523  8.717   1.00 14.44 ? 365  ALA A O     1 
ATOM   311 C CB    . ALA A 1 58 ? -3.020  -3.372  11.529  1.00 16.17 ? 365  ALA A CB    1 
ATOM   312 N N     . PHE A 1 59 ? -4.391  -1.546  8.998   1.00 14.03 ? 366  PHE A N     1 
ATOM   313 C CA    . PHE A 1 59 ? -4.760  -1.704  7.592   1.00 13.65 ? 366  PHE A CA    1 
ATOM   314 C C     . PHE A 1 59 ? -4.520  -0.431  6.793   1.00 13.61 ? 366  PHE A C     1 
ATOM   315 O O     . PHE A 1 59 ? -4.940  0.671   7.202   1.00 14.40 ? 366  PHE A O     1 
ATOM   316 C CB    . PHE A 1 59 ? -6.221  -2.162  7.429   1.00 14.77 ? 366  PHE A CB    1 
ATOM   317 C CG    . PHE A 1 59 ? -6.566  -3.431  8.183   1.00 15.70 ? 366  PHE A CG    1 
ATOM   318 C CD1   . PHE A 1 59 ? -7.845  -3.613  8.676   1.00 19.51 ? 366  PHE A CD1   1 
ATOM   319 C CD2   . PHE A 1 59 ? -5.613  -4.435  8.391   1.00 16.24 ? 366  PHE A CD2   1 
ATOM   320 C CE1   . PHE A 1 59 ? -8.189  -4.779  9.369   1.00 21.26 ? 366  PHE A CE1   1 
ATOM   321 C CE2   . PHE A 1 59 ? -5.945  -5.611  9.100   1.00 18.87 ? 366  PHE A CE2   1 
ATOM   322 C CZ    . PHE A 1 59 ? -7.240  -5.776  9.581   1.00 20.47 ? 366  PHE A CZ    1 
ATOM   323 N N     . GLY A 1 60 ? -3.867  -0.593  5.644   1.00 12.37 ? 367  GLY A N     1 
ATOM   324 C CA    . GLY A 1 60 ? -3.666  0.526   4.724   1.00 11.25 ? 367  GLY A CA    1 
ATOM   325 C C     . GLY A 1 60 ? -4.357  0.232   3.412   1.00 10.85 ? 367  GLY A C     1 
ATOM   326 O O     . GLY A 1 60 ? -4.441  -0.930  2.986   1.00 10.46 ? 367  GLY A O     1 
ATOM   327 N N     . PHE A 1 61 ? -4.865  1.292   2.788   1.00 10.92 ? 368  PHE A N     1 
ATOM   328 C CA    . PHE A 1 61 ? -5.498  1.178   1.485   1.00 11.40 ? 368  PHE A CA    1 
ATOM   329 C C     . PHE A 1 61 ? -4.978  2.276   0.580   1.00 11.64 ? 368  PHE A C     1 
ATOM   330 O O     . PHE A 1 61 ? -5.137  3.465   0.876   1.00 13.67 ? 368  PHE A O     1 
ATOM   331 C CB    . PHE A 1 61 ? -7.021  1.289   1.629   1.00 12.37 ? 368  PHE A CB    1 
ATOM   332 C CG    . PHE A 1 61 ? -7.613  0.284   2.563   1.00 12.81 ? 368  PHE A CG    1 
ATOM   333 C CD1   . PHE A 1 61 ? -8.031  -0.954  2.084   1.00 12.94 ? 368  PHE A CD1   1 
ATOM   334 C CD2   . PHE A 1 61 ? -7.752  0.570   3.933   1.00 11.52 ? 368  PHE A CD2   1 
ATOM   335 C CE1   . PHE A 1 61 ? -8.585  -1.885  2.953   1.00 13.70 ? 368  PHE A CE1   1 
ATOM   336 C CE2   . PHE A 1 61 ? -8.294  -0.365  4.803   1.00 13.13 ? 368  PHE A CE2   1 
ATOM   337 C CZ    . PHE A 1 61 ? -8.722  -1.601  4.305   1.00 13.93 ? 368  PHE A CZ    1 
ATOM   338 N N     . ILE A 1 62 ? -4.367  1.875   -0.532  1.00 10.46 ? 369  ILE A N     1 
ATOM   339 C CA    . ILE A 1 62 ? -3.803  2.835   -1.461  1.00 10.96 ? 369  ILE A CA    1 
ATOM   340 C C     . ILE A 1 62 ? -4.510  2.681   -2.789  1.00 10.52 ? 369  ILE A C     1 
ATOM   341 O O     . ILE A 1 62 ? -4.383  1.648   -3.448  1.00 11.17 ? 369  ILE A O     1 
ATOM   342 C CB    . ILE A 1 62 ? -2.296  2.645   -1.602  1.00 10.71 ? 369  ILE A CB    1 
ATOM   343 C CG1   . ILE A 1 62 ? -1.613  2.893   -0.226  1.00 13.47 ? 369  ILE A CG1   1 
ATOM   344 C CG2   . ILE A 1 62 ? -1.736  3.595   -2.660  1.00 12.21 ? 369  ILE A CG2   1 
ATOM   345 C CD1   . ILE A 1 62 ? -0.110  2.941   -0.253  1.00 17.56 ? 369  ILE A CD1   1 
ATOM   346 N N     . GLN A 1 63 ? -5.250  3.719   -3.171  1.00 10.34 ? 370  GLN A N     1 
ATOM   347 C CA    . GLN A 1 63 ? -5.993  3.715   -4.422  1.00 11.45 ? 370  GLN A CA    1 
ATOM   348 C C     . GLN A 1 63 ? -5.124  4.300   -5.523  1.00 11.62 ? 370  GLN A C     1 
ATOM   349 O O     . GLN A 1 63 ? -4.772  5.488   -5.483  1.00 11.95 ? 370  GLN A O     1 
ATOM   350 C CB    . GLN A 1 63 ? -7.276  4.533   -4.266  1.00 12.52 ? 370  GLN A CB    1 
ATOM   351 C CG    . GLN A 1 63 ? -8.136  4.562   -5.525  1.00 15.89 ? 370  GLN A CG    1 
ATOM   352 C CD    . GLN A 1 63 ? -8.806  3.246   -5.746  1.00 19.88 ? 370  GLN A CD    1 
ATOM   353 O OE1   . GLN A 1 63 ? -9.601  2.801   -4.914  1.00 22.76 ? 370  GLN A OE1   1 
ATOM   354 N NE2   . GLN A 1 63 ? -8.500  2.607   -6.868  1.00 20.16 ? 370  GLN A NE2   1 
ATOM   355 N N     . PHE A 1 64 ? -4.764  3.461   -6.487  1.00 11.73 ? 371  PHE A N     1 
ATOM   356 C CA    . PHE A 1 64 ? -4.097  3.921   -7.704  1.00 11.85 ? 371  PHE A CA    1 
ATOM   357 C C     . PHE A 1 64 ? -5.151  4.167   -8.779  1.00 13.11 ? 371  PHE A C     1 
ATOM   358 O O     . PHE A 1 64 ? -6.348  3.904   -8.575  1.00 14.11 ? 371  PHE A O     1 
ATOM   359 C CB    . PHE A 1 64 ? -3.114  2.866   -8.229  1.00 11.82 ? 371  PHE A CB    1 
ATOM   360 C CG    . PHE A 1 64 ? -1.887  2.679   -7.379  1.00 10.74 ? 371  PHE A CG    1 
ATOM   361 C CD1   . PHE A 1 64 ? -0.758  3.480   -7.556  1.00 11.15 ? 371  PHE A CD1   1 
ATOM   362 C CD2   . PHE A 1 64 ? -1.842  1.657   -6.423  1.00 11.27 ? 371  PHE A CD2   1 
ATOM   363 C CE1   . PHE A 1 64 ? 0.379   3.278   -6.782  1.00 11.60 ? 371  PHE A CE1   1 
ATOM   364 C CE2   . PHE A 1 64 ? -0.698  1.457   -5.649  1.00 12.97 ? 371  PHE A CE2   1 
ATOM   365 C CZ    . PHE A 1 64 ? 0.416   2.265   -5.840  1.00 12.61 ? 371  PHE A CZ    1 
ATOM   366 N N     . ASP A 1 65 ? -4.706  4.664   -9.932  1.00 14.33 ? 372  ASP A N     1 
ATOM   367 C CA    . ASP A 1 65 ? -5.603  4.866   -11.068 1.00 15.79 ? 372  ASP A CA    1 
ATOM   368 C C     . ASP A 1 65 ? -5.650  3.699   -12.069 1.00 15.94 ? 372  ASP A C     1 
ATOM   369 O O     . ASP A 1 65 ? -6.249  3.830   -13.141 1.00 17.32 ? 372  ASP A O     1 
ATOM   370 C CB    . ASP A 1 65 ? -5.273  6.182   -11.792 1.00 16.86 ? 372  ASP A CB    1 
ATOM   371 C CG    . ASP A 1 65 ? -3.881  6.180   -12.412 1.00 18.28 ? 372  ASP A CG    1 
ATOM   372 O OD1   . ASP A 1 65 ? -3.560  7.137   -13.154 1.00 21.92 ? 372  ASP A OD1   1 
ATOM   373 O OD2   . ASP A 1 65 ? -3.104  5.223   -12.179 1.00 17.31 ? 372  ASP A OD2   1 
ATOM   374 N N     . ASN A 1 66 ? -5.028  2.570   -11.731 1.00 14.90 ? 373  ASN A N     1 
ATOM   375 C CA    . ASN A 1 66 ? -5.030  1.399   -12.614 1.00 14.69 ? 373  ASN A CA    1 
ATOM   376 C C     . ASN A 1 66 ? -4.602  0.145   -11.825 1.00 14.58 ? 373  ASN A C     1 
ATOM   377 O O     . ASN A 1 66 ? -3.950  0.273   -10.784 1.00 13.71 ? 373  ASN A O     1 
ATOM   378 C CB    . ASN A 1 66 ? -4.075  1.638   -13.791 1.00 15.50 ? 373  ASN A CB    1 
ATOM   379 C CG    . ASN A 1 66 ? -2.640  1.533   -13.373 1.00 14.59 ? 373  ASN A CG    1 
ATOM   380 O OD1   . ASN A 1 66 ? -2.063  0.451   -13.437 1.00 15.32 ? 373  ASN A OD1   1 
ATOM   381 N ND2   . ASN A 1 66 ? -2.073  2.629   -12.866 1.00 15.28 ? 373  ASN A ND2   1 
ATOM   382 N N     . PRO A 1 67 ? -4.950  -1.061  -12.328 1.00 15.06 ? 374  PRO A N     1 
ATOM   383 C CA    . PRO A 1 67 ? -4.610  -2.310  -11.636 1.00 14.87 ? 374  PRO A CA    1 
ATOM   384 C C     . PRO A 1 67 ? -3.155  -2.770  -11.757 1.00 14.30 ? 374  PRO A C     1 
ATOM   385 O O     . PRO A 1 67 ? -2.689  -3.540  -10.916 1.00 14.26 ? 374  PRO A O     1 
ATOM   386 C CB    . PRO A 1 67 ? -5.538  -3.336  -12.296 1.00 15.89 ? 374  PRO A CB    1 
ATOM   387 C CG    . PRO A 1 67 ? -5.745  -2.815  -13.663 1.00 17.64 ? 374  PRO A CG    1 
ATOM   388 C CD    . PRO A 1 67 ? -5.804  -1.317  -13.507 1.00 16.68 ? 374  PRO A CD    1 
ATOM   389 N N     . GLN A 1 68 ? -2.457  -2.351  -12.809 1.00 14.85 ? 375  GLN A N     1 
ATOM   390 C CA    . GLN A 1 68 ? -1.058  -2.765  -12.995 1.00 14.48 ? 375  GLN A CA    1 
ATOM   391 C C     . GLN A 1 68 ? -0.157  -2.209  -11.873 1.00 13.52 ? 375  GLN A C     1 
ATOM   392 O O     . GLN A 1 68 ? 0.750   -2.902  -11.383 1.00 13.81 ? 375  GLN A O     1 
ATOM   393 C CB    . GLN A 1 68 ? -0.528  -2.347  -14.375 1.00 15.61 ? 375  GLN A CB    1 
ATOM   394 C CG    . GLN A 1 68 ? 0.857   -2.945  -14.696 1.00 16.78 ? 375  GLN A CG    1 
ATOM   395 C CD    . GLN A 1 68 ? 0.852   -4.480  -14.689 1.00 18.81 ? 375  GLN A CD    1 
ATOM   396 O OE1   . GLN A 1 68 ? -0.013  -5.131  -15.286 1.00 21.63 ? 375  GLN A OE1   1 
ATOM   397 N NE2   . GLN A 1 68 ? 1.822   -5.061  -14.000 1.00 20.96 ? 375  GLN A NE2   1 
ATOM   398 N N     . SER A 1 69 ? -0.415  -0.964  -11.461 1.00 12.46 ? 376  SER A N     1 
ATOM   399 C CA    . SER A 1 69 ? 0.327   -0.366  -10.367 1.00 11.62 ? 376  SER A CA    1 
ATOM   400 C C     . SER A 1 69 ? 0.244   -1.209  -9.102  1.00 11.08 ? 376  SER A C     1 
ATOM   401 O O     . SER A 1 69 ? 1.231   -1.347  -8.393  1.00 10.70 ? 376  SER A O     1 
ATOM   402 C CB    . SER A 1 69 ? -0.197  1.035   -10.069 1.00 10.87 ? 376  SER A CB    1 
ATOM   403 O OG    . SER A 1 69 ? 0.165   1.928   -11.111 1.00 12.37 ? 376  SER A OG    1 
ATOM   404 N N     . VAL A 1 70 ? -0.939  -1.759  -8.825  1.00 11.04 ? 377  VAL A N     1 
ATOM   405 C CA    . VAL A 1 70 ? -1.136  -2.580  -7.627  1.00 11.38 ? 377  VAL A CA    1 
ATOM   406 C C     . VAL A 1 70 ? -0.280  -3.844  -7.738  1.00 11.63 ? 377  VAL A C     1 
ATOM   407 O O     . VAL A 1 70 ? 0.388   -4.223  -6.793  1.00 11.65 ? 377  VAL A O     1 
ATOM   408 C CB    . VAL A 1 70 ? -2.619  -2.935  -7.446  1.00 12.04 ? 377  VAL A CB    1 
ATOM   409 C CG1   . VAL A 1 70 ? -2.818  -3.936  -6.306  1.00 13.16 ? 377  VAL A CG1   1 
ATOM   410 C CG2   . VAL A 1 70 ? -3.421  -1.659  -7.208  1.00 13.04 ? 377  VAL A CG2   1 
ATOM   411 N N     . ARG A 1 71 ? -0.325  -4.494  -8.896  1.00 12.36 ? 378  ARG A N     1 
ATOM   412 C CA    . ARG A 1 71 ? 0.459   -5.716  -9.113  1.00 12.88 ? 378  ARG A CA    1 
ATOM   413 C C     . ARG A 1 71 ? 1.957   -5.441  -8.973  1.00 12.52 ? 378  ARG A C     1 
ATOM   414 O O     . ARG A 1 71 ? 2.675   -6.200  -8.312  1.00 12.17 ? 378  ARG A O     1 
ATOM   415 C CB    . ARG A 1 71 ? 0.122   -6.336  -10.477 1.00 14.55 ? 378  ARG A CB    1 
ATOM   416 C CG    . ARG A 1 71 ? -1.249  -6.994  -10.487 1.00 16.90 ? 378  ARG A CG    1 
ATOM   417 C CD    . ARG A 1 71 ? -1.476  -7.813  -11.768 1.00 20.49 ? 378  ARG A CD    1 
ATOM   418 N NE    . ARG A 1 71 ? -1.570  -6.962  -12.955 1.00 22.42 ? 378  ARG A NE    1 
ATOM   419 C CZ    . ARG A 1 71 ? -2.708  -6.495  -13.467 1.00 24.20 ? 378  ARG A CZ    1 
ATOM   420 N NH1   . ARG A 1 71 ? -3.879  -6.787  -12.906 1.00 25.62 ? 378  ARG A NH1   1 
ATOM   421 N NH2   . ARG A 1 71 ? -2.677  -5.721  -14.545 1.00 23.75 ? 378  ARG A NH2   1 
ATOM   422 N N     . ASP A 1 72 ? 2.415   -4.330  -9.553  1.00 12.45 ? 379  ASP A N     1 
ATOM   423 C CA    . ASP A 1 72 ? 3.826   -3.952  -9.498  1.00 13.00 ? 379  ASP A CA    1 
ATOM   424 C C     . ASP A 1 72 ? 4.253   -3.680  -8.053  1.00 12.15 ? 379  ASP A C     1 
ATOM   425 O O     . ASP A 1 72 ? 5.347   -4.098  -7.621  1.00 12.49 ? 379  ASP A O     1 
ATOM   426 C CB    . ASP A 1 72 ? 4.115   -2.725  -10.372 1.00 13.40 ? 379  ASP A CB    1 
ATOM   427 C CG    . ASP A 1 72 ? 3.921   -2.987  -11.861 1.00 16.90 ? 379  ASP A CG    1 
ATOM   428 O OD1   . ASP A 1 72 ? 3.881   -1.989  -12.622 1.00 18.37 ? 379  ASP A OD1   1 
ATOM   429 O OD2   . ASP A 1 72 ? 3.810   -4.166  -12.290 1.00 18.62 ? 379  ASP A OD2   1 
ATOM   430 N N     . ALA A 1 73 ? 3.386   -3.002  -7.295  1.00 11.12 ? 380  ALA A N     1 
ATOM   431 C CA    . ALA A 1 73 ? 3.668   -2.712  -5.888  1.00 10.69 ? 380  ALA A CA    1 
ATOM   432 C C     . ALA A 1 73 ? 3.818   -4.007  -5.094  1.00 11.19 ? 380  ALA A C     1 
ATOM   433 O O     . ALA A 1 73 ? 4.740   -4.133  -4.284  1.00 11.40 ? 380  ALA A O     1 
ATOM   434 C CB    . ALA A 1 73 ? 2.583   -1.841  -5.288  1.00 10.50 ? 380  ALA A CB    1 
ATOM   435 N N     . ILE A 1 74 ? 2.918   -4.962  -5.321  1.00 11.09 ? 381  ILE A N     1 
ATOM   436 C CA    . ILE A 1 74 ? 2.990   -6.238  -4.585  1.00 12.07 ? 381  ILE A CA    1 
ATOM   437 C C     . ILE A 1 74 ? 4.280   -6.962  -4.955  1.00 13.44 ? 381  ILE A C     1 
ATOM   438 O O     . ILE A 1 74 ? 4.975   -7.478  -4.084  1.00 14.33 ? 381  ILE A O     1 
ATOM   439 C CB    . ILE A 1 74 ? 1.780   -7.141  -4.912  1.00 11.69 ? 381  ILE A CB    1 
ATOM   440 C CG1   . ILE A 1 74 ? 0.490   -6.522  -4.347  1.00 10.95 ? 381  ILE A CG1   1 
ATOM   441 C CG2   . ILE A 1 74 ? 1.986   -8.548  -4.344  1.00 13.03 ? 381  ILE A CG2   1 
ATOM   442 C CD1   . ILE A 1 74 ? -0.775  -6.999  -5.071  1.00 13.81 ? 381  ILE A CD1   1 
ATOM   443 N N     . GLU A 1 75 ? 4.595   -7.005  -6.247  1.00 14.23 ? 382  GLU A N     1 
ATOM   444 C CA    . GLU A 1 75 ? 5.748   -7.781  -6.704  1.00 16.61 ? 382  GLU A CA    1 
ATOM   445 C C     . GLU A 1 75 ? 7.072   -7.201  -6.207  1.00 17.84 ? 382  GLU A C     1 
ATOM   446 O O     . GLU A 1 75 ? 7.953   -7.955  -5.792  1.00 19.33 ? 382  GLU A O     1 
ATOM   447 C CB    . GLU A 1 75 ? 5.738   -7.881  -8.222  1.00 17.54 ? 382  GLU A CB    1 
ATOM   448 C CG    . GLU A 1 75 ? 4.589   -8.734  -8.773  1.00 20.97 ? 382  GLU A CG    1 
ATOM   449 C CD    . GLU A 1 75 ? 4.618   -10.185 -8.276  1.00 26.75 ? 382  GLU A CD    1 
ATOM   450 O OE1   . GLU A 1 75 ? 3.632   -10.602 -7.634  1.00 26.96 ? 382  GLU A OE1   1 
ATOM   451 O OE2   . GLU A 1 75 ? 5.628   -10.897 -8.505  1.00 30.27 ? 382  GLU A OE2   1 
ATOM   452 N N     . CYS A 1 76 ? 7.204   -5.874  -6.214  1.00 17.21 ? 383  CYS A N     1 
ATOM   453 C CA    . CYS A 1 76 ? 8.456   -5.231  -5.817  1.00 19.14 ? 383  CYS A CA    1 
ATOM   454 C C     . CYS A 1 76 ? 8.575   -4.961  -4.320  1.00 18.38 ? 383  CYS A C     1 
ATOM   455 O O     . CYS A 1 76 ? 9.625   -5.227  -3.715  1.00 19.64 ? 383  CYS A O     1 
ATOM   456 C CB    . CYS A 1 76 ? 8.683   -3.947  -6.618  1.00 19.25 ? 383  CYS A CB    1 
ATOM   457 S SG    . CYS A 1 76 ? 9.023   -4.289  -8.369  1.00 27.70 ? 383  CYS A SG    1 
ATOM   458 N N     . GLU A 1 77 ? 7.510   -4.466  -3.701  1.00 16.59 ? 384  GLU A N     1 
ATOM   459 C CA    . GLU A 1 77 ? 7.601   -4.065  -2.301  1.00 16.18 ? 384  GLU A CA    1 
ATOM   460 C C     . GLU A 1 77 ? 7.472   -5.214  -1.322  1.00 16.27 ? 384  GLU A C     1 
ATOM   461 O O     . GLU A 1 77 ? 7.857   -5.079  -0.156  1.00 17.05 ? 384  GLU A O     1 
ATOM   462 C CB    . GLU A 1 77 ? 6.601   -2.956  -1.969  1.00 15.63 ? 384  GLU A CB    1 
ATOM   463 C CG    . GLU A 1 77 ? 6.986   -1.595  -2.532  1.00 17.11 ? 384  GLU A CG    1 
ATOM   464 C CD    . GLU A 1 77 ? 8.392   -1.125  -2.157  1.00 16.21 ? 384  GLU A CD    1 
ATOM   465 O OE1   . GLU A 1 77 ? 8.837   -1.299  -0.999  1.00 17.68 ? 384  GLU A OE1   1 
ATOM   466 O OE2   . GLU A 1 77 ? 9.053   -0.542  -3.029  1.00 17.37 ? 384  GLU A OE2   1 
ATOM   467 N N     . SER A 1 78 ? 6.950   -6.349  -1.773  1.00 15.17 ? 385  SER A N     1 
ATOM   468 C CA    . SER A 1 78 ? 6.900   -7.503  -0.885  1.00 16.51 ? 385  SER A CA    1 
ATOM   469 C C     . SER A 1 78 ? 8.304   -7.970  -0.502  1.00 18.15 ? 385  SER A C     1 
ATOM   470 O O     . SER A 1 78 ? 8.470   -8.536  0.586   1.00 19.39 ? 385  SER A O     1 
ATOM   471 C CB    . SER A 1 78 ? 6.097   -8.647  -1.474  1.00 16.88 ? 385  SER A CB    1 
ATOM   472 O OG    . SER A 1 78 ? 4.736   -8.275  -1.571  1.00 17.38 ? 385  SER A OG    1 
ATOM   473 N N     . GLN A 1 79 ? 9.285   -7.682  -1.366  1.00 17.57 ? 386  GLN A N     1 
ATOM   474 C CA    . GLN A 1 79 ? 10.707  -8.070  -1.192  1.00 19.50 ? 386  GLN A CA    1 
ATOM   475 C C     . GLN A 1 79 ? 11.483  -7.081  -0.325  1.00 18.64 ? 386  GLN A C     1 
ATOM   476 O O     . GLN A 1 79 ? 12.665  -7.269  -0.069  1.00 19.02 ? 386  GLN A O     1 
ATOM   477 C CB    . GLN A 1 79 ? 11.434  -8.111  -2.549  1.00 20.63 ? 386  GLN A CB    1 
ATOM   478 C CG    . GLN A 1 79 ? 10.806  -8.934  -3.657  1.00 23.66 ? 386  GLN A CG    1 
ATOM   479 C CD    . GLN A 1 79 ? 11.583  -8.811  -4.951  1.00 24.11 ? 386  GLN A CD    1 
ATOM   480 O OE1   . GLN A 1 79 ? 12.815  -8.880  -4.964  1.00 27.36 ? 386  GLN A OE1   1 
ATOM   481 N NE2   . GLN A 1 79 ? 10.872  -8.616  -6.050  1.00 26.07 ? 386  GLN A NE2   1 
ATOM   482 N N     . GLU A 1 80 ? 10.835  -6.005  0.086   1.00 17.83 ? 387  GLU A N     1 
ATOM   483 C CA    . GLU A 1 80 ? 11.511  -4.913  0.775   1.00 18.86 ? 387  GLU A CA    1 
ATOM   484 C C     . GLU A 1 80 ? 11.113  -4.847  2.242   1.00 19.02 ? 387  GLU A C     1 
ATOM   485 O O     . GLU A 1 80 ? 10.066  -5.368  2.635   1.00 19.30 ? 387  GLU A O     1 
ATOM   486 C CB    . GLU A 1 80 ? 11.207  -3.572  0.094   1.00 18.81 ? 387  GLU A CB    1 
ATOM   487 C CG    . GLU A 1 80 ? 11.647  -3.445  -1.385  1.00 20.76 ? 387  GLU A CG    1 
ATOM   488 C CD    . GLU A 1 80 ? 13.169  -3.436  -1.584  1.00 26.39 ? 387  GLU A CD    1 
ATOM   489 O OE1   . GLU A 1 80 ? 13.906  -3.024  -0.658  1.00 29.81 ? 387  GLU A OE1   1 
ATOM   490 O OE2   . GLU A 1 80 ? 13.637  -3.843  -2.670  1.00 28.07 ? 387  GLU A OE2   1 
ATOM   491 N N     . MET A 1 81 ? 11.951  -4.196  3.042   1.00 19.78 ? 388  MET A N     1 
ATOM   492 C CA    . MET A 1 81 ? 11.605  -3.882  4.427   1.00 20.26 ? 388  MET A CA    1 
ATOM   493 C C     . MET A 1 81 ? 11.043  -2.484  4.474   1.00 18.92 ? 388  MET A C     1 
ATOM   494 O O     . MET A 1 81 ? 11.647  -1.545  3.942   1.00 19.30 ? 388  MET A O     1 
ATOM   495 C CB    . MET A 1 81 ? 12.846  -3.920  5.312   1.00 22.20 ? 388  MET A CB    1 
ATOM   496 C CG    . MET A 1 81 ? 13.586  -5.220  5.260   1.00 26.10 ? 388  MET A CG    1 
ATOM   497 S SD    . MET A 1 81 ? 12.611  -6.527  5.986   1.00 32.59 ? 388  MET A SD    1 
ATOM   498 C CE    . MET A 1 81 ? 12.752  -6.117  7.726   1.00 32.54 ? 388  MET A CE    1 
ATOM   499 N N     . ASN A 1 82 ? 9.891   -2.340  5.127   1.00 17.79 ? 389  ASN A N     1 
ATOM   500 C CA    . ASN A 1 82 ? 9.279   -1.039  5.340   1.00 17.62 ? 389  ASN A CA    1 
ATOM   501 C C     . ASN A 1 82 ? 8.780   -0.982  6.780   1.00 18.06 ? 389  ASN A C     1 
ATOM   502 O O     . ASN A 1 82 ? 8.172   -1.934  7.249   1.00 17.79 ? 389  ASN A O     1 
ATOM   503 C CB    . ASN A 1 82 ? 8.123   -0.814  4.357   1.00 16.54 ? 389  ASN A CB    1 
ATOM   504 C CG    . ASN A 1 82 ? 8.600   -0.600  2.924   1.00 16.86 ? 389  ASN A CG    1 
ATOM   505 O OD1   . ASN A 1 82 ? 9.282   0.379   2.636   1.00 18.26 ? 389  ASN A OD1   1 
ATOM   506 N ND2   . ASN A 1 82 ? 8.237   -1.518  2.026   1.00 17.66 ? 389  ASN A ND2   1 
ATOM   507 N N     . PHE A 1 83 ? 9.035   0.135   7.462   1.00 19.26 ? 390  PHE A N     1 
ATOM   508 C CA    . PHE A 1 83 ? 8.700   0.276   8.892   1.00 20.37 ? 390  PHE A CA    1 
ATOM   509 C C     . PHE A 1 83 ? 9.342   -0.847  9.729   1.00 21.51 ? 390  PHE A C     1 
ATOM   510 O O     . PHE A 1 83 ? 8.760   -1.308  10.723  1.00 23.00 ? 390  PHE A O     1 
ATOM   511 C CB    . PHE A 1 83 ? 7.183   0.277   9.108   1.00 19.63 ? 390  PHE A CB    1 
ATOM   512 C CG    . PHE A 1 83 ? 6.431   1.245   8.234   1.00 18.71 ? 390  PHE A CG    1 
ATOM   513 C CD1   . PHE A 1 83 ? 6.408   2.601   8.531   1.00 19.40 ? 390  PHE A CD1   1 
ATOM   514 C CD2   . PHE A 1 83 ? 5.727   0.794   7.128   1.00 18.40 ? 390  PHE A CD2   1 
ATOM   515 C CE1   . PHE A 1 83 ? 5.698   3.490   7.727   1.00 18.09 ? 390  PHE A CE1   1 
ATOM   516 C CE2   . PHE A 1 83 ? 5.015   1.673   6.313   1.00 17.30 ? 390  PHE A CE2   1 
ATOM   517 C CZ    . PHE A 1 83 ? 5.004   3.027   6.613   1.00 16.79 ? 390  PHE A CZ    1 
ATOM   518 N N     . GLY A 1 84 ? 10.521  -1.303  9.302   1.00 22.38 ? 391  GLY A N     1 
ATOM   519 C CA    . GLY A 1 84 ? 11.259  -2.360  9.997   1.00 22.85 ? 391  GLY A CA    1 
ATOM   520 C C     . GLY A 1 84 ? 10.630  -3.741  9.911   1.00 22.43 ? 391  GLY A C     1 
ATOM   521 O O     . GLY A 1 84 ? 10.945  -4.631  10.714  1.00 23.43 ? 391  GLY A O     1 
ATOM   522 N N     . LYS A 1 85 ? 9.746   -3.933  8.934   1.00 20.88 ? 392  LYS A N     1 
ATOM   523 C CA    . LYS A 1 85 ? 9.039   -5.195  8.815   1.00 20.16 ? 392  LYS A CA    1 
ATOM   524 C C     . LYS A 1 85 ? 8.777   -5.561  7.366   1.00 18.83 ? 392  LYS A C     1 
ATOM   525 O O     . LYS A 1 85 ? 9.019   -4.766  6.457   1.00 17.99 ? 392  LYS A O     1 
ATOM   526 C CB    . LYS A 1 85 ? 7.747   -5.166  9.638   1.00 20.78 ? 392  LYS A CB    1 
ATOM   527 C CG    . LYS A 1 85 ? 6.638   -4.305  9.071   1.00 20.35 ? 392  LYS A CG    1 
ATOM   528 C CD    . LYS A 1 85 ? 5.599   -3.969  10.150  1.00 21.82 ? 392  LYS A CD    1 
ATOM   529 C CE    . LYS A 1 85 ? 4.959   -5.215  10.773  1.00 21.88 ? 392  LYS A CE    1 
ATOM   530 N NZ    . LYS A 1 85 ? 3.852   -4.828  11.703  1.00 19.90 ? 392  LYS A NZ    1 
ATOM   531 N N     . LYS A 1 86 ? 8.284   -6.777  7.159   1.00 17.96 ? 393  LYS A N     1 
ATOM   532 C CA    . LYS A 1 86 ? 7.832   -7.196  5.854   1.00 16.83 ? 393  LYS A CA    1 
ATOM   533 C C     . LYS A 1 86 ? 6.328   -6.985  5.787   1.00 16.26 ? 393  LYS A C     1 
ATOM   534 O O     . LYS A 1 86 ? 5.566   -7.608  6.528   1.00 17.55 ? 393  LYS A O     1 
ATOM   535 C CB    . LYS A 1 86 ? 8.194   -8.662  5.598   1.00 18.02 ? 393  LYS A CB    1 
ATOM   536 C CG    . LYS A 1 86 ? 9.688   -8.884  5.375   1.00 18.70 ? 393  LYS A CG    1 
ATOM   537 C CD    . LYS A 1 86 ? 10.014  -10.363 5.313   1.00 18.52 ? 393  LYS A CD    1 
ATOM   538 C CE    . LYS A 1 86 ? 10.064  -10.980 6.702   1.00 18.86 ? 393  LYS A CE    1 
ATOM   539 N NZ    . LYS A 1 86 ? 10.488  -12.404 6.619   1.00 21.49 ? 393  LYS A NZ    1 
ATOM   540 N N     . LEU A 1 87 ? 5.913   -6.090  4.905   1.00 15.10 ? 394  LEU A N     1 
ATOM   541 C CA    . LEU A 1 87 ? 4.492   -5.761  4.790   1.00 14.24 ? 394  LEU A CA    1 
ATOM   542 C C     . LEU A 1 87 ? 3.723   -6.824  4.017   1.00 14.15 ? 394  LEU A C     1 
ATOM   543 O O     . LEU A 1 87 ? 4.200   -7.404  3.030   1.00 14.59 ? 394  LEU A O     1 
ATOM   544 C CB    . LEU A 1 87 ? 4.289   -4.391  4.139   1.00 13.35 ? 394  LEU A CB    1 
ATOM   545 C CG    . LEU A 1 87 ? 4.791   -3.193  4.942   1.00 13.73 ? 394  LEU A CG    1 
ATOM   546 C CD1   . LEU A 1 87 ? 4.626   -1.926  4.095   1.00 15.26 ? 394  LEU A CD1   1 
ATOM   547 C CD2   . LEU A 1 87 ? 4.088   -3.045  6.302   1.00 15.34 ? 394  LEU A CD2   1 
ATOM   548 N N     . ILE A 1 88 ? 2.531   -7.089  4.524   1.00 14.17 ? 395  ILE A N     1 
ATOM   549 C CA    . ILE A 1 88 ? 1.522   -7.875  3.841   1.00 14.27 ? 395  ILE A CA    1 
ATOM   550 C C     . ILE A 1 88 ? 0.894   -6.973  2.784   1.00 13.43 ? 395  ILE A C     1 
ATOM   551 O O     . ILE A 1 88 ? 0.267   -5.979  3.121   1.00 13.41 ? 395  ILE A O     1 
ATOM   552 C CB    . ILE A 1 88 ? 0.453   -8.341  4.850   1.00 15.11 ? 395  ILE A CB    1 
ATOM   553 C CG1   . ILE A 1 88 ? 1.049   -9.353  5.850   1.00 18.01 ? 395  ILE A CG1   1 
ATOM   554 C CG2   . ILE A 1 88 ? -0.776  -8.883  4.132   1.00 16.68 ? 395  ILE A CG2   1 
ATOM   555 N N     . LEU A 1 89 ? 1.102   -7.310  1.515   1.00 12.40 ? 396  LEU A N     1 
ATOM   556 C CA    . LEU A 1 89 ? 0.630   -6.493  0.394   1.00 11.38 ? 396  LEU A CA    1 
ATOM   557 C C     . LEU A 1 89 ? -0.220  -7.363  -0.517  1.00 11.68 ? 396  LEU A C     1 
ATOM   558 O O     . LEU A 1 89 ? 0.234   -8.445  -0.957  1.00 12.40 ? 396  LEU A O     1 
ATOM   559 C CB    . LEU A 1 89 ? 1.805   -5.921  -0.416  1.00 11.57 ? 396  LEU A CB    1 
ATOM   560 C CG    . LEU A 1 89 ? 2.800   -5.087  0.388   1.00 12.39 ? 396  LEU A CG    1 
ATOM   561 C CD1   . LEU A 1 89 ? 3.924   -4.667  -0.529  1.00 14.68 ? 396  LEU A CD1   1 
ATOM   562 C CD2   . LEU A 1 89 ? 2.109   -3.862  0.958   1.00 11.14 ? 396  LEU A CD2   1 
ATOM   563 N N     . GLU A 1 90 ? -1.447  -6.897  -0.789  1.00 11.10 ? 397  GLU A N     1 
ATOM   564 C CA    . GLU A 1 90 ? -2.413  -7.694  -1.548  1.00 11.99 ? 397  GLU A CA    1 
ATOM   565 C C     . GLU A 1 90 ? -3.281  -6.818  -2.438  1.00 11.76 ? 397  GLU A C     1 
ATOM   566 O O     . GLU A 1 90 ? -3.383  -5.609  -2.236  1.00 12.02 ? 397  GLU A O     1 
ATOM   567 C CB    . GLU A 1 90 ? -3.336  -8.492  -0.598  1.00 12.82 ? 397  GLU A CB    1 
ATOM   568 C CG    . GLU A 1 90 ? -2.644  -9.301  0.525   1.00 13.37 ? 397  GLU A CG    1 
ATOM   569 C CD    . GLU A 1 90 ? -2.042  -10.641 0.060   1.00 16.22 ? 397  GLU A CD    1 
ATOM   570 O OE1   . GLU A 1 90 ? -1.514  -11.370 0.918   1.00 18.43 ? 397  GLU A OE1   1 
ATOM   571 O OE2   . GLU A 1 90 ? -2.099  -10.962 -1.143  1.00 17.81 ? 397  GLU A OE2   1 
ATOM   572 N N     . VAL A 1 91 ? -3.905  -7.424  -3.443  1.00 12.98 ? 398  VAL A N     1 
ATOM   573 C CA    . VAL A 1 91 ? -4.940  -6.710  -4.180  1.00 13.91 ? 398  VAL A CA    1 
ATOM   574 C C     . VAL A 1 91 ? -6.108  -6.544  -3.223  1.00 15.27 ? 398  VAL A C     1 
ATOM   575 O O     . VAL A 1 91 ? -6.542  -7.530  -2.603  1.00 15.96 ? 398  VAL A O     1 
ATOM   576 C CB    . VAL A 1 91 ? -5.379  -7.511  -5.432  1.00 14.88 ? 398  VAL A CB    1 
ATOM   577 C CG1   . VAL A 1 91 ? -6.469  -6.795  -6.189  1.00 17.18 ? 398  VAL A CG1   1 
ATOM   578 C CG2   . VAL A 1 91 ? -4.186  -7.767  -6.326  1.00 15.02 ? 398  VAL A CG2   1 
ATOM   579 N N     . SER A 1 92 ? -6.607  -5.314  -3.086  1.00 15.61 ? 399  SER A N     1 
ATOM   580 C CA    . SER A 1 92 ? -7.686  -5.047  -2.132  1.00 17.32 ? 399  SER A CA    1 
ATOM   581 C C     . SER A 1 92 ? -9.016  -5.577  -2.630  1.00 20.23 ? 399  SER A C     1 
ATOM   582 O O     . SER A 1 92 ? -9.369  -5.412  -3.789  1.00 20.14 ? 399  SER A O     1 
ATOM   583 C CB    . SER A 1 92 ? -7.829  -3.566  -1.811  1.00 16.69 ? 399  SER A CB    1 
ATOM   584 O OG    . SER A 1 92 ? -8.833  -3.399  -0.814  1.00 17.87 ? 399  SER A OG    1 
ATOM   585 N N     . SER A 1 93 ? -9.737  -6.206  -1.714  1.00 22.25 ? 400  SER A N     1 
ATOM   586 C CA    . SER A 1 93 ? -11.052 -6.764  -1.992  1.00 26.01 ? 400  SER A CA    1 
ATOM   587 C C     . SER A 1 93 ? -12.138 -5.937  -1.306  1.00 28.13 ? 400  SER A C     1 
ATOM   588 O O     . SER A 1 93 ? -13.331 -6.227  -1.452  1.00 30.26 ? 400  SER A O     1 
ATOM   589 C CB    . SER A 1 93 ? -11.087 -8.199  -1.486  1.00 26.54 ? 400  SER A CB    1 
ATOM   590 O OG    . SER A 1 93 ? -10.843 -8.233  -0.095  1.00 27.32 ? 400  SER A OG    1 
ATOM   591 N N     . SER A 1 94 ? -11.725 -4.898  -0.577  1.00 28.82 ? 401  SER A N     1 
ATOM   592 C CA    . SER A 1 94 ? -12.625 -4.125  0.281   1.00 31.19 ? 401  SER A CA    1 
ATOM   593 C C     . SER A 1 94 ? -13.581 -3.257  -0.526  1.00 33.09 ? 401  SER A C     1 
ATOM   594 O O     . SER A 1 94 ? -13.155 -2.513  -1.413  1.00 32.77 ? 401  SER A O     1 
ATOM   595 C CB    . SER A 1 94 ? -11.826 -3.253  1.253   1.00 29.98 ? 401  SER A CB    1 
ATOM   596 O OG    . SER A 1 94 ? -12.679 -2.418  2.028   1.00 32.54 ? 401  SER A OG    1 
ATOM   597 N N     . ASN A 1 95 ? -14.871 -3.364  -0.208  1.00 35.46 ? 402  ASN A N     1 
ATOM   598 C CA    . ASN A 1 95 ? -15.897 -2.490  -0.783  1.00 37.74 ? 402  ASN A CA    1 
ATOM   599 C C     . ASN A 1 95 ? -16.214 -1.276  0.101   1.00 38.26 ? 402  ASN A C     1 
ATOM   600 O O     . ASN A 1 95 ? -15.543 -1.018  1.111   1.00 37.48 ? 402  ASN A O     1 
ATOM   601 C CB    . ASN A 1 95 ? -17.178 -3.284  -1.066  1.00 40.02 ? 402  ASN A CB    1 
ATOM   602 C CG    . ASN A 1 95 ? -16.973 -4.374  -2.114  1.00 41.37 ? 402  ASN A CG    1 
ATOM   603 O OD1   . ASN A 1 95 ? -16.667 -4.093  -3.276  1.00 44.43 ? 402  ASN A OD1   1 
ATOM   604 N ND2   . ASN A 1 95 ? -17.161 -5.623  -1.711  1.00 43.67 ? 402  ASN A ND2   1 
ATOM   605 O "O3'" . U   B 2 1  ? -1.899  -10.282 10.558  1.00 55.99 ? 0    U   C "O3'" 1 
ATOM   606 P P     . U   B 2 2  ? -3.195  -11.119 10.114  1.00 52.24 ? 1    U   C P     1 
ATOM   607 O OP1   . U   B 2 2  ? -4.116  -11.141 11.280  1.00 57.31 ? 1    U   C OP1   1 
ATOM   608 O OP2   . U   B 2 2  ? -2.710  -12.391 9.517   1.00 50.21 ? 1    U   C OP2   1 
ATOM   609 O "O5'" . U   B 2 2  ? -3.851  -10.240 8.954   1.00 43.32 ? 1    U   C "O5'" 1 
ATOM   610 C "C5'" . U   B 2 2  ? -5.052  -9.481  9.103   1.00 39.17 ? 1    U   C "C5'" 1 
ATOM   611 C "C4'" . U   B 2 2  ? -5.680  -9.259  7.738   1.00 31.53 ? 1    U   C "C4'" 1 
ATOM   612 O "O4'" . U   B 2 2  ? -4.670  -9.425  6.701   1.00 27.22 ? 1    U   C "O4'" 1 
ATOM   613 C "C3'" . U   B 2 2  ? -6.832  -10.195 7.375   1.00 32.10 ? 1    U   C "C3'" 1 
ATOM   614 O "O3'" . U   B 2 2  ? -7.847  -9.464  6.677   1.00 29.55 ? 1    U   C "O3'" 1 
ATOM   615 C "C2'" . U   B 2 2  ? -6.160  -11.229 6.476   1.00 29.72 ? 1    U   C "C2'" 1 
ATOM   616 O "O2'" . U   B 2 2  ? -7.039  -11.801 5.530   1.00 31.43 ? 1    U   C "O2'" 1 
ATOM   617 C "C1'" . U   B 2 2  ? -5.128  -10.370 5.756   1.00 24.79 ? 1    U   C "C1'" 1 
ATOM   618 N N1    . U   B 2 2  ? -3.960  -11.145 5.223   1.00 23.23 ? 1    U   C N1    1 
ATOM   619 C C2    . U   B 2 2  ? -3.649  -11.011 3.893   1.00 19.86 ? 1    U   C C2    1 
ATOM   620 O O2    . U   B 2 2  ? -4.274  -10.277 3.166   1.00 18.59 ? 1    U   C O2    1 
ATOM   621 N N3    . U   B 2 2  ? -2.569  -11.722 3.446   1.00 21.62 ? 1    U   C N3    1 
ATOM   622 C C4    . U   B 2 2  ? -1.785  -12.566 4.201   1.00 26.09 ? 1    U   C C4    1 
ATOM   623 O O4    . U   B 2 2  ? -0.841  -13.153 3.674   1.00 30.41 ? 1    U   C O4    1 
ATOM   624 C C5    . U   B 2 2  ? -2.166  -12.665 5.595   1.00 29.30 ? 1    U   C C5    1 
ATOM   625 C C6    . U   B 2 2  ? -3.211  -11.962 6.050   1.00 25.66 ? 1    U   C C6    1 
ATOM   626 P P     . C   B 2 3  ? -9.423  -9.697  6.878   1.00 33.93 ? 2    C   C P     1 
ATOM   627 O OP1   . C   B 2 3  ? -9.742  -9.926  8.290   1.00 40.13 ? 2    C   C OP1   1 
ATOM   628 O OP2   . C   B 2 3  ? -9.847  -10.655 5.837   1.00 36.43 ? 2    C   C OP2   1 
ATOM   629 O "O5'" . C   B 2 3  ? -10.009 -8.283  6.432   1.00 31.59 ? 2    C   C "O5'" 1 
ATOM   630 C "C5'" . C   B 2 3  ? -9.643  -7.071  7.077   1.00 29.62 ? 2    C   C "C5'" 1 
ATOM   631 C "C4'" . C   B 2 3  ? -9.946  -5.885  6.171   1.00 25.34 ? 2    C   C "C4'" 1 
ATOM   632 O "O4'" . C   B 2 3  ? -8.991  -5.864  5.077   1.00 20.62 ? 2    C   C "O4'" 1 
ATOM   633 C "C3'" . C   B 2 3  ? -11.323 -5.866  5.507   1.00 27.57 ? 2    C   C "C3'" 1 
ATOM   634 O "O3'" . C   B 2 3  ? -11.684 -4.533  5.311   1.00 28.81 ? 2    C   C "O3'" 1 
ATOM   635 C "C2'" . C   B 2 3  ? -11.027 -6.503  4.156   1.00 24.73 ? 2    C   C "C2'" 1 
ATOM   636 O "O2'" . C   B 2 3  ? -11.971 -6.203  3.148   1.00 28.18 ? 2    C   C "O2'" 1 
ATOM   637 C "C1'" . C   B 2 3  ? -9.681  -5.847  3.848   1.00 20.52 ? 2    C   C "C1'" 1 
ATOM   638 N N1    . C   B 2 3  ? -8.929  -6.628  2.846   1.00 18.09 ? 2    C   C N1    1 
ATOM   639 C C2    . C   B 2 3  ? -8.734  -6.093  1.557   1.00 18.45 ? 2    C   C C2    1 
ATOM   640 O O2    . C   B 2 3  ? -9.177  -4.972  1.280   1.00 19.31 ? 2    C   C O2    1 
ATOM   641 N N3    . C   B 2 3  ? -8.072  -6.837  0.642   1.00 17.65 ? 2    C   C N3    1 
ATOM   642 C C4    . C   B 2 3  ? -7.604  -8.047  0.956   1.00 17.14 ? 2    C   C C4    1 
ATOM   643 N N4    . C   B 2 3  ? -6.963  -8.713  -0.006  1.00 18.14 ? 2    C   C N4    1 
ATOM   644 C C5    . C   B 2 3  ? -7.793  -8.615  2.255   1.00 17.77 ? 2    C   C C5    1 
ATOM   645 C C6    . C   B 2 3  ? -8.449  -7.877  3.157   1.00 18.96 ? 2    C   C C6    1 
ATOM   646 P P     . U   B 2 4  ? -13.182 -3.986  5.478   1.00 36.08 ? 3    U   C P     1 
ATOM   647 O OP1   . U   B 2 4  ? -13.942 -4.798  6.462   1.00 39.90 ? 3    U   C OP1   1 
ATOM   648 O OP2   . U   B 2 4  ? -13.769 -3.758  4.134   1.00 37.49 ? 3    U   C OP2   1 
ATOM   649 O "O5'" . U   B 2 4  ? -12.876 -2.557  6.119   1.00 37.11 ? 3    U   C "O5'" 1 
ATOM   650 C "C5'" . U   B 2 4  ? -12.160 -2.398  7.337   1.00 40.70 ? 3    U   C "C5'" 1 
ATOM   651 C "C4'" . U   B 2 4  ? -12.024 -0.911  7.646   1.00 44.05 ? 3    U   C "C4'" 1 
ATOM   652 O "O4'" . U   B 2 4  ? -11.232 -0.289  6.599   1.00 41.42 ? 3    U   C "O4'" 1 
ATOM   653 C "C3'" . U   B 2 4  ? -13.325 -0.106  7.696   1.00 49.96 ? 3    U   C "C3'" 1 
ATOM   654 O "O3'" . U   B 2 4  ? -13.210 0.928   8.664   1.00 56.51 ? 3    U   C "O3'" 1 
ATOM   655 C "C2'" . U   B 2 4  ? -13.396 0.506   6.300   1.00 47.83 ? 3    U   C "C2'" 1 
ATOM   656 O "O2'" . U   B 2 4  ? -14.222 1.652   6.241   1.00 53.00 ? 3    U   C "O2'" 1 
ATOM   657 C "C1'" . U   B 2 4  ? -11.919 0.857   6.114   1.00 44.58 ? 3    U   C "C1'" 1 
ATOM   658 N N1    . U   B 2 4  ? -11.491 1.189   4.694   1.00 42.95 ? 3    U   C N1    1 
ATOM   659 C C2    . U   B 2 4  ? -11.011 2.462   4.408   1.00 45.87 ? 3    U   C C2    1 
ATOM   660 O O2    . U   B 2 4  ? -10.896 3.347   5.232   1.00 50.52 ? 3    U   C O2    1 
ATOM   661 N N3    . U   B 2 4  ? -10.654 2.677   3.098   1.00 46.45 ? 3    U   C N3    1 
ATOM   662 C C4    . U   B 2 4  ? -10.724 1.764   2.056   1.00 44.53 ? 3    U   C C4    1 
ATOM   663 O O4    . U   B 2 4  ? -10.362 2.099   0.929   1.00 47.30 ? 3    U   C O4    1 
ATOM   664 C C5    . U   B 2 4  ? -11.238 0.465   2.424   1.00 40.72 ? 3    U   C C5    1 
ATOM   665 C C6    . U   B 2 4  ? -11.594 0.231   3.698   1.00 39.79 ? 3    U   C C6    1 
ATOM   666 P P     . U   B 2 5  ? -14.158 1.011   9.953   1.00 66.68 ? 4    U   C P     1 
ATOM   667 O OP1   . U   B 2 5  ? -15.577 0.939   9.531   1.00 69.66 ? 4    U   C OP1   1 
ATOM   668 O OP2   . U   B 2 5  ? -13.729 2.183   10.748  1.00 70.93 ? 4    U   C OP2   1 
ATOM   669 O "O5'" . U   B 2 5  ? -13.753 -0.328  10.736  1.00 66.38 ? 4    U   C "O5'" 1 
HETATM 670 C C     . ACT C 3 .  ? -3.768  11.111  -0.052  1.00 37.07 ? 1000 ACT A C     1 
HETATM 671 O O     . ACT C 3 .  ? -3.567  10.966  -1.284  1.00 37.36 ? 1000 ACT A O     1 
HETATM 672 O OXT   . ACT C 3 .  ? -2.796  11.562  0.607   1.00 37.59 ? 1000 ACT A OXT   1 
HETATM 673 C CH3   . ACT C 3 .  ? -5.088  10.769  0.586   1.00 36.20 ? 1000 ACT A CH3   1 
HETATM 674 C C     . ACT D 3 .  ? -11.287 -0.320  -6.477  1.00 56.95 ? 1001 ACT A C     1 
HETATM 675 O O     . ACT D 3 .  ? -11.400 -1.541  -6.222  1.00 57.07 ? 1001 ACT A O     1 
HETATM 676 O OXT   . ACT D 3 .  ? -11.911 0.465   -5.728  1.00 56.95 ? 1001 ACT A OXT   1 
HETATM 677 C CH3   . ACT D 3 .  ? -10.449 0.171   -7.618  1.00 56.61 ? 1001 ACT A CH3   1 
HETATM 678 O O     . HOH E 4 .  ? -0.327  -6.724  12.535  1.00 19.13 ? 2001 HOH A O     1 
HETATM 679 O O     . HOH E 4 .  ? 3.234   8.066   17.886  1.00 20.90 ? 2002 HOH A O     1 
HETATM 680 O O     . HOH E 4 .  ? 8.941   4.002   11.263  1.00 29.96 ? 2003 HOH A O     1 
HETATM 681 O O     . HOH E 4 .  ? 9.508   4.895   7.469   1.00 41.72 ? 2004 HOH A O     1 
HETATM 682 O O     . HOH E 4 .  ? -4.396  -5.246  -9.486  1.00 9.01  ? 2005 HOH A O     1 
HETATM 683 O O     . HOH E 4 .  ? -7.967  4.265   -0.409  1.00 24.88 ? 2006 HOH A O     1 
HETATM 684 O O     . HOH E 4 .  ? -8.584  -3.275  -5.784  1.00 15.69 ? 2007 HOH A O     1 
HETATM 685 O O     . HOH E 4 .  ? -2.340  -7.206  11.078  1.00 18.48 ? 2008 HOH A O     1 
HETATM 686 O O     . HOH E 4 .  ? 0.845   -4.381  12.789  1.00 15.80 ? 2009 HOH A O     1 
HETATM 687 O O     . HOH E 4 .  ? -3.351  2.990   14.728  1.00 27.47 ? 2010 HOH A O     1 
HETATM 688 O O     . HOH E 4 .  ? 2.670   -1.356  16.246  1.00 10.03 ? 2011 HOH A O     1 
HETATM 689 O O     . HOH E 4 .  ? 4.194   1.164   16.157  1.00 22.38 ? 2012 HOH A O     1 
HETATM 690 O O     . HOH E 4 .  ? 6.640   3.259   12.063  1.00 26.05 ? 2013 HOH A O     1 
HETATM 691 O O     . HOH E 4 .  ? 0.977   7.643   15.703  1.00 18.73 ? 2014 HOH A O     1 
HETATM 692 O O     . HOH E 4 .  ? 8.258   3.851   15.633  1.00 31.91 ? 2015 HOH A O     1 
HETATM 693 O O     . HOH E 4 .  ? -1.277  5.428   11.865  1.00 23.39 ? 2016 HOH A O     1 
HETATM 694 O O     . HOH E 4 .  ? 0.434   6.884   13.157  1.00 27.05 ? 2017 HOH A O     1 
HETATM 695 O O     . HOH E 4 .  ? 1.019   12.393  5.931   1.00 9.95  ? 2018 HOH A O     1 
HETATM 696 O O     . HOH E 4 .  ? 8.475   6.020   3.987   1.00 23.50 ? 2019 HOH A O     1 
HETATM 697 O O     . HOH E 4 .  ? 8.881   8.342   4.761   1.00 24.62 ? 2020 HOH A O     1 
HETATM 698 O O     . HOH E 4 .  ? 9.757   7.493   -3.220  1.00 25.30 ? 2021 HOH A O     1 
HETATM 699 O O     . HOH E 4 .  ? 9.538   2.336   -2.865  1.00 16.47 ? 2022 HOH A O     1 
HETATM 700 O O     . HOH E 4 .  ? -0.364  5.498   -12.586 1.00 10.52 ? 2023 HOH A O     1 
HETATM 701 O O     . HOH E 4 .  ? -0.754  11.377  -5.875  1.00 10.43 ? 2024 HOH A O     1 
HETATM 702 O O     . HOH E 4 .  ? -8.007  12.153  -5.098  1.00 14.01 ? 2025 HOH A O     1 
HETATM 703 O O     . HOH E 4 .  ? -6.194  4.819   11.905  1.00 18.79 ? 2026 HOH A O     1 
HETATM 704 O O     . HOH E 4 .  ? -5.201  4.937   14.305  1.00 26.51 ? 2027 HOH A O     1 
HETATM 705 O O     . HOH E 4 .  ? -1.263  2.682   11.514  1.00 15.06 ? 2028 HOH A O     1 
HETATM 706 O O     . HOH E 4 .  ? 1.562   -7.926  -13.644 1.00 29.32 ? 2029 HOH A O     1 
HETATM 707 O O     . HOH E 4 .  ? 4.633   0.443   -11.870 1.00 8.74  ? 2030 HOH A O     1 
HETATM 708 O O     . HOH E 4 .  ? 4.424   -6.747  -11.675 1.00 25.59 ? 2031 HOH A O     1 
HETATM 709 O O     . HOH E 4 .  ? 4.970   -2.012  -15.040 1.00 17.00 ? 2032 HOH A O     1 
HETATM 710 O O     . HOH E 4 .  ? 8.017   -10.937 -3.955  1.00 33.95 ? 2033 HOH A O     1 
HETATM 711 O O     . HOH E 4 .  ? 3.533   -9.086  0.793   1.00 17.21 ? 2034 HOH A O     1 
HETATM 712 O O     . HOH E 4 .  ? 14.242  -8.786  -7.212  1.00 10.20 ? 2035 HOH A O     1 
HETATM 713 O O     . HOH E 4 .  ? 7.444   -4.566  2.718   1.00 12.44 ? 2036 HOH A O     1 
HETATM 714 O O     . HOH E 4 .  ? 12.182  -4.726  -4.786  1.00 22.14 ? 2037 HOH A O     1 
HETATM 715 O O     . HOH E 4 .  ? 10.196  2.292   4.071   1.00 29.41 ? 2038 HOH A O     1 
HETATM 716 O O     . HOH E 4 .  ? 10.411  2.548   6.601   1.00 26.90 ? 2039 HOH A O     1 
HETATM 717 O O     . HOH E 4 .  ? 12.411  -0.746  7.055   1.00 19.08 ? 2040 HOH A O     1 
HETATM 718 O O     . HOH E 4 .  ? 6.240   -9.089  2.425   1.00 17.77 ? 2041 HOH A O     1 
HETATM 719 O O     . HOH E 4 .  ? -2.546  -13.474 -1.804  1.00 6.24  ? 2042 HOH A O     1 
HETATM 720 O O     . HOH E 4 .  ? 1.284   -10.443 1.515   1.00 17.58 ? 2043 HOH A O     1 
HETATM 721 O O     . HOH E 4 .  ? -15.429 -7.947  -1.208  1.00 16.76 ? 2044 HOH A O     1 
HETATM 722 O O     . HOH E 4 .  ? -19.373 -3.964  -3.498  1.00 22.48 ? 2045 HOH A O     1 
HETATM 723 O O     . HOH E 4 .  ? -0.921  11.185  -3.051  1.00 35.04 ? 2046 HOH A O     1 
HETATM 724 O O     . HOH E 4 .  ? -0.405  11.284  -0.487  1.00 36.55 ? 2047 HOH A O     1 
# 
loop_
_atom_site_anisotrop.id 
_atom_site_anisotrop.type_symbol 
_atom_site_anisotrop.pdbx_label_atom_id 
_atom_site_anisotrop.pdbx_label_alt_id 
_atom_site_anisotrop.pdbx_label_comp_id 
_atom_site_anisotrop.pdbx_label_asym_id 
_atom_site_anisotrop.pdbx_label_seq_id 
_atom_site_anisotrop.pdbx_PDB_ins_code 
_atom_site_anisotrop.U[1][1] 
_atom_site_anisotrop.U[2][2] 
_atom_site_anisotrop.U[3][3] 
_atom_site_anisotrop.U[1][2] 
_atom_site_anisotrop.U[1][3] 
_atom_site_anisotrop.U[2][3] 
_atom_site_anisotrop.pdbx_auth_seq_id 
_atom_site_anisotrop.pdbx_auth_comp_id 
_atom_site_anisotrop.pdbx_auth_asym_id 
_atom_site_anisotrop.pdbx_auth_atom_id 
1   N N     . MET A 21 ? 0.4538 0.5465 0.4765 -0.0168 -0.1023 0.0090  328 MET A N     
2   C CA    . MET A 21 ? 0.4329 0.5200 0.4646 -0.0253 -0.0913 0.0078  328 MET A CA    
3   C C     . MET A 21 ? 0.4216 0.4730 0.4278 -0.0262 -0.0842 0.0031  328 MET A C     
4   O O     . MET A 21 ? 0.4519 0.4843 0.4348 -0.0222 -0.0874 0.0003  328 MET A O     
5   C CB    . MET A 21 ? 0.4512 0.5562 0.5007 -0.0428 -0.0978 0.0064  328 MET A CB    
6   C CG    . MET A 21 ? 0.5029 0.5895 0.5336 -0.0574 -0.1090 -0.0005 328 MET A CG    
7   S SD    . MET A 21 ? 0.5996 0.6904 0.6445 -0.0808 -0.1092 -0.0027 328 MET A SD    
8   C CE    . MET A 21 ? 0.5685 0.6363 0.6083 -0.0764 -0.0898 -0.0009 328 MET A CE    
9   N N     . LYS A 22 ? 0.3788 0.4223 0.3892 -0.0303 -0.0741 0.0026  329 LYS A N     
10  C CA    . LYS A 22 ? 0.3423 0.3563 0.3322 -0.0293 -0.0669 -0.0011 329 LYS A CA    
11  C C     . LYS A 22 ? 0.2946 0.3000 0.2762 -0.0159 -0.0583 0.0003  329 LYS A C     
12  O O     . LYS A 22 ? 0.2967 0.2819 0.2624 -0.0136 -0.0530 -0.0025 329 LYS A O     
13  C CB    . LYS A 22 ? 0.3760 0.3680 0.3424 -0.0357 -0.0746 -0.0070 329 LYS A CB    
14  C CG    . LYS A 22 ? 0.4124 0.3986 0.3784 -0.0517 -0.0803 -0.0105 329 LYS A CG    
15  C CD    . LYS A 22 ? 0.4922 0.4487 0.4279 -0.0547 -0.0858 -0.0174 329 LYS A CD    
16  C CE    . LYS A 22 ? 0.5430 0.4822 0.4711 -0.0703 -0.0891 -0.0216 329 LYS A CE    
17  N NZ    . LYS A 22 ? 0.5804 0.5388 0.5219 -0.0864 -0.1022 -0.0225 329 LYS A NZ    
18  N N     . SER A 23 ? 0.2479 0.2682 0.2401 -0.0073 -0.0565 0.0048  330 SER A N     
19  C CA    . SER A 23 ? 0.2172 0.2272 0.2007 0.0032  -0.0483 0.0061  330 SER A CA    
20  C C     . SER A 23 ? 0.1867 0.2001 0.1813 0.0060  -0.0379 0.0078  330 SER A C     
21  O O     . SER A 23 ? 0.1751 0.1816 0.1647 0.0129  -0.0313 0.0087  330 SER A O     
22  C CB    . SER A 23 ? 0.2206 0.2359 0.2009 0.0123  -0.0523 0.0099  330 SER A CB    
23  O OG    . SER A 23 ? 0.2717 0.2808 0.2365 0.0109  -0.0620 0.0082  330 SER A OG    
24  N N     . ARG A 24 ? 0.1756 0.1970 0.1825 -0.0002 -0.0362 0.0078  331 ARG A N     
25  C CA    . ARG A 24 ? 0.1633 0.1865 0.1772 0.0022  -0.0269 0.0089  331 ARG A CA    
26  C C     . ARG A 24 ? 0.1526 0.1625 0.1592 -0.0027 -0.0235 0.0061  331 ARG A C     
27  O O     . ARG A 24 ? 0.1628 0.1680 0.1669 -0.0104 -0.0274 0.0047  331 ARG A O     
28  C CB    . ARG A 24 ? 0.1691 0.2130 0.2020 0.0012  -0.0259 0.0125  331 ARG A CB    
29  C CG    . ARG A 24 ? 0.2124 0.2574 0.2495 0.0058  -0.0160 0.0137  331 ARG A CG    
30  C CD    . ARG A 24 ? 0.2861 0.3524 0.3416 0.0046  -0.0133 0.0176  331 ARG A CD    
31  N NE    . ARG A 24 ? 0.3626 0.4490 0.4311 0.0088  -0.0183 0.0207  331 ARG A NE    
32  C CZ    . ARG A 24 ? 0.4165 0.5112 0.4901 0.0209  -0.0145 0.0235  331 ARG A CZ    
33  N NH1   . ARG A 24 ? 0.4437 0.5253 0.5085 0.0282  -0.0054 0.0228  331 ARG A NH1   
34  N NH2   . ARG A 24 ? 0.4516 0.5668 0.5377 0.0262  -0.0203 0.0270  331 ARG A NH2   
35  N N     . LEU A 25 ? 0.1312 0.1341 0.1335 0.0018  -0.0168 0.0051  332 LEU A N     
36  C CA    . LEU A 25 ? 0.1332 0.1266 0.1297 0.0002  -0.0136 0.0032  332 LEU A CA    
37  C C     . LEU A 25 ? 0.1360 0.1357 0.1400 -0.0007 -0.0091 0.0053  332 LEU A C     
38  O O     . LEU A 25 ? 0.1332 0.1404 0.1430 0.0031  -0.0053 0.0067  332 LEU A O     
39  C CB    . LEU A 25 ? 0.1348 0.1211 0.1236 0.0053  -0.0101 0.0008  332 LEU A CB    
40  C CG    . LEU A 25 ? 0.1381 0.1193 0.1230 0.0065  -0.0072 -0.0008 332 LEU A CG    
41  C CD1   . LEU A 25 ? 0.1718 0.1414 0.1470 0.0056  -0.0097 -0.0023 332 LEU A CD1   
42  C CD2   . LEU A 25 ? 0.1296 0.1122 0.1135 0.0102  -0.0037 -0.0026 332 LEU A CD2   
43  N N     . PHE A 26 ? 0.1304 0.1236 0.1310 -0.0054 -0.0089 0.0059  333 PHE A N     
44  C CA    . PHE A 26 ? 0.1339 0.1290 0.1368 -0.0062 -0.0038 0.0083  333 PHE A CA    
45  C C     . PHE A 26 ? 0.1421 0.1267 0.1341 -0.0013 -0.0016 0.0068  333 PHE A C     
46  O O     . PHE A 26 ? 0.1471 0.1206 0.1300 0.0000  -0.0040 0.0049  333 PHE A O     
47  C CB    . PHE A 26 ? 0.1434 0.1364 0.1480 -0.0153 -0.0044 0.0110  333 PHE A CB    
48  C CG    . PHE A 26 ? 0.1657 0.1561 0.1680 -0.0165 0.0019  0.0143  333 PHE A CG    
49  C CD1   . PHE A 26 ? 0.1591 0.1635 0.1704 -0.0143 0.0080  0.0171  333 PHE A CD1   
50  C CD2   . PHE A 26 ? 0.2028 0.1745 0.1912 -0.0185 0.0026  0.0152  333 PHE A CD2   
51  C CE1   . PHE A 26 ? 0.1733 0.1739 0.1794 -0.0152 0.0147  0.0205  333 PHE A CE1   
52  C CE2   . PHE A 26 ? 0.1970 0.1640 0.1800 -0.0192 0.0086  0.0193  333 PHE A CE2   
53  C CZ    . PHE A 26 ? 0.1888 0.1708 0.1807 -0.0180 0.0148  0.0219  333 PHE A CZ    
54  N N     . ILE A 27 ? 0.1320 0.1207 0.1243 0.0022  0.0026  0.0075  334 ILE A N     
55  C CA    . ILE A 27 ? 0.1490 0.1313 0.1318 0.0066  0.0033  0.0064  334 ILE A CA    
56  C C     . ILE A 27 ? 0.1582 0.1377 0.1365 0.0054  0.0074  0.0102  334 ILE A C     
57  O O     . ILE A 27 ? 0.1598 0.1467 0.1426 0.0050  0.0118  0.0117  334 ILE A O     
58  C CB    . ILE A 27 ? 0.1467 0.1345 0.1301 0.0108  0.0037  0.0030  334 ILE A CB    
59  C CG1   . ILE A 27 ? 0.1557 0.1458 0.1435 0.0107  0.0018  0.0004  334 ILE A CG1   
60  C CG2   . ILE A 27 ? 0.1604 0.1459 0.1359 0.0148  0.0022  0.0016  334 ILE A CG2   
61  C CD1   . ILE A 27 ? 0.1856 0.1791 0.1745 0.0119  0.0034  -0.0025 334 ILE A CD1   
62  N N     . GLY A 28 ? 0.1724 0.1394 0.1395 0.0060  0.0067  0.0121  335 GLY A N     
63  C CA    . GLY A 28 ? 0.1853 0.1456 0.1454 0.0033  0.0115  0.0170  335 GLY A CA    
64  C C     . GLY A 28 ? 0.2011 0.1580 0.1489 0.0096  0.0135  0.0182  335 GLY A C     
65  O O     . GLY A 28 ? 0.2282 0.1795 0.1685 0.0078  0.0190  0.0228  335 GLY A O     
66  N N     . ASN A 29 ? 0.1925 0.1529 0.1375 0.0164  0.0090  0.0141  336 ASN A N     
67  C CA    . ASN A 29 ? 0.2064 0.1636 0.1377 0.0227  0.0080  0.0145  336 ASN A CA    
68  C C     . ASN A 29 ? 0.1940 0.1627 0.1283 0.0257  0.0043  0.0087  336 ASN A C     
69  O O     . ASN A 29 ? 0.2170 0.1883 0.1457 0.0309  -0.0014 0.0067  336 ASN A O     
70  C CB    . ASN A 29 ? 0.2175 0.1624 0.1363 0.0288  0.0042  0.0171  336 ASN A CB    
71  C CG    . ASN A 29 ? 0.2016 0.1521 0.1278 0.0330  -0.0015 0.0131  336 ASN A CG    
72  O OD1   . ASN A 29 ? 0.1956 0.1548 0.1349 0.0290  -0.0017 0.0096  336 ASN A OD1   
73  N ND2   . ASN A 29 ? 0.2481 0.1931 0.1645 0.0422  -0.0054 0.0144  336 ASN A ND2   
74  N N     . LEU A 30 ? 0.1857 0.1613 0.1283 0.0221  0.0074  0.0060  337 LEU A N     
75  C CA    . LEU A 30 ? 0.1845 0.1657 0.1259 0.0229  0.0049  0.0003  337 LEU A CA    
76  C C     . LEU A 30 ? 0.2054 0.1818 0.1298 0.0264  0.0043  0.0001  337 LEU A C     
77  O O     . LEU A 30 ? 0.2231 0.1919 0.1377 0.0276  0.0097  0.0048  337 LEU A O     
78  C CB    . LEU A 30 ? 0.1811 0.1642 0.1294 0.0202  0.0097  -0.0017 337 LEU A CB    
79  C CG    . LEU A 30 ? 0.1689 0.1566 0.1317 0.0174  0.0095  -0.0019 337 LEU A CG    
80  C CD1   . LEU A 30 ? 0.1845 0.1728 0.1513 0.0175  0.0149  -0.0021 337 LEU A CD1   
81  C CD2   . LEU A 30 ? 0.1938 0.1854 0.1603 0.0164  0.0042  -0.0062 337 LEU A CD2   
82  N N     . PRO A 31 ? 0.2150 0.1962 0.1350 0.0273  -0.0022 -0.0053 338 PRO A N     
83  C CA    . PRO A 31 ? 0.2291 0.2050 0.1305 0.0297  -0.0034 -0.0071 338 PRO A CA    
84  C C     . PRO A 31 ? 0.2382 0.2057 0.1333 0.0286  0.0059  -0.0074 338 PRO A C     
85  O O     . PRO A 31 ? 0.2281 0.1974 0.1352 0.0257  0.0106  -0.0083 338 PRO A O     
86  C CB    . PRO A 31 ? 0.2490 0.2340 0.1524 0.0269  -0.0121 -0.0147 338 PRO A CB    
87  C CG    . PRO A 31 ? 0.2322 0.2296 0.1541 0.0262  -0.0160 -0.0145 338 PRO A CG    
88  C CD    . PRO A 31 ? 0.2104 0.2030 0.1423 0.0252  -0.0086 -0.0102 338 PRO A CD    
89  N N     . LEU A 32 ? 0.2562 0.2147 0.1313 0.0321  0.0091  -0.0060 339 LEU A N     
90  C CA    . LEU A 32 ? 0.2771 0.2284 0.1455 0.0332  0.0201  -0.0052 339 LEU A CA    
91  C C     . LEU A 32 ? 0.2926 0.2376 0.1508 0.0326  0.0198  -0.0136 339 LEU A C     
92  O O     . LEU A 32 ? 0.3213 0.2595 0.1738 0.0353  0.0295  -0.0139 339 LEU A O     
93  C CB    . LEU A 32 ? 0.2909 0.2332 0.1396 0.0374  0.0261  0.0008  339 LEU A CB    
94  C CG    . LEU A 32 ? 0.3296 0.2730 0.1869 0.0361  0.0326  0.0101  339 LEU A CG    
95  C CD1   . LEU A 32 ? 0.3038 0.2568 0.1837 0.0322  0.0402  0.0116  339 LEU A CD1   
96  C CD2   . LEU A 32 ? 0.3507 0.2950 0.2130 0.0356  0.0237  0.0126  339 LEU A CD2   
97  N N     . LYS A 33 ? 0.2947 0.2415 0.1495 0.0294  0.0089  -0.0203 340 LYS A N     
98  C CA    . LYS A 33 ? 0.3182 0.2564 0.1633 0.0258  0.0073  -0.0294 340 LYS A CA    
99  C C     . LYS A 33 ? 0.3088 0.2568 0.1690 0.0181  -0.0019 -0.0344 340 LYS A C     
100 O O     . LYS A 33 ? 0.3004 0.2630 0.1745 0.0174  -0.0085 -0.0316 340 LYS A O     
101 C CB    . LYS A 33 ? 0.3512 0.2790 0.1678 0.0274  0.0028  -0.0342 340 LYS A CB    
102 C CG    . LYS A 33 ? 0.3744 0.2926 0.1719 0.0352  0.0117  -0.0289 340 LYS A CG    
103 C CD    . LYS A 33 ? 0.3799 0.2856 0.1461 0.0366  0.0064  -0.0350 340 LYS A CD    
104 C CE    . LYS A 33 ? 0.3859 0.2728 0.1348 0.0366  0.0136  -0.0426 340 LYS A CE    
105 N NZ    . LYS A 33 ? 0.4007 0.2721 0.1140 0.0378  0.0083  -0.0494 340 LYS A NZ    
106 N N     . ASN A 34 ? 0.3195 0.2577 0.1755 0.0127  -0.0014 -0.0416 341 ASN A N     
107 C CA    . ASN A 34 ? 0.3191 0.2648 0.1866 0.0029  -0.0092 -0.0472 341 ASN A CA    
108 C C     . ASN A 34 ? 0.2840 0.2426 0.1771 0.0018  -0.0075 -0.0420 341 ASN A C     
109 O O     . ASN A 34 ? 0.2810 0.2554 0.1878 -0.0029 -0.0144 -0.0428 341 ASN A O     
110 C CB    . ASN A 34 ? 0.3327 0.2913 0.1964 -0.0010 -0.0223 -0.0513 341 ASN A CB    
111 C CG    . ASN A 34 ? 0.3777 0.3418 0.2480 -0.0139 -0.0298 -0.0594 341 ASN A CG    
112 O OD1   . ASN A 34 ? 0.4404 0.3868 0.3023 -0.0208 -0.0259 -0.0651 341 ASN A OD1   
113 N ND2   . ASN A 34 ? 0.4068 0.3951 0.2920 -0.0171 -0.0400 -0.0597 341 ASN A ND2   
114 N N     . VAL A 35 ? 0.2657 0.2188 0.1644 0.0066  0.0018  -0.0368 342 VAL A N     
115 C CA    . VAL A 35 ? 0.2396 0.2012 0.1585 0.0060  0.0037  -0.0323 342 VAL A CA    
116 C C     . VAL A 35 ? 0.2411 0.1890 0.1586 0.0065  0.0113  -0.0327 342 VAL A C     
117 O O     . VAL A 35 ? 0.2736 0.2127 0.1833 0.0133  0.0183  -0.0309 342 VAL A O     
118 C CB    . VAL A 35 ? 0.2257 0.1958 0.1533 0.0123  0.0060  -0.0243 342 VAL A CB    
119 C CG1   . VAL A 35 ? 0.2084 0.1846 0.1528 0.0114  0.0074  -0.0208 342 VAL A CG1   
120 C CG2   . VAL A 35 ? 0.2406 0.2200 0.1664 0.0139  -0.0008 -0.0229 342 VAL A CG2   
121 N N     . SER A 36 ? 0.2196 0.1657 0.1440 0.0006  0.0107  -0.0346 343 SER A N     
122 C CA    . SER A 36 ? 0.2198 0.1503 0.1408 0.0028  0.0177  -0.0338 343 SER A CA    
123 C C     . SER A 36 ? 0.1989 0.1378 0.1353 0.0051  0.0190  -0.0276 343 SER A C     
124 O O     . SER A 36 ? 0.1861 0.1396 0.1347 0.0022  0.0148  -0.0258 343 SER A O     
125 C CB    . SER A 36 ? 0.2401 0.1538 0.1504 -0.0062 0.0175  -0.0405 343 SER A CB    
126 O OG    . SER A 36 ? 0.2294 0.1546 0.1522 -0.0158 0.0129  -0.0413 343 SER A OG    
127 N N     . LYS A 37 ? 0.2089 0.1374 0.1432 0.0112  0.0249  -0.0248 344 LYS A N     
128 C CA    . LYS A 37 ? 0.2056 0.1391 0.1507 0.0133  0.0252  -0.0194 344 LYS A CA    
129 C C     . LYS A 37 ? 0.2099 0.1408 0.1563 0.0043  0.0231  -0.0216 344 LYS A C     
130 O O     . LYS A 37 ? 0.2038 0.1451 0.1602 0.0033  0.0212  -0.0182 344 LYS A O     
131 C CB    . LYS A 37 ? 0.2208 0.1429 0.1610 0.0227  0.0311  -0.0162 344 LYS A CB    
132 C CG    . LYS A 37 ? 0.2371 0.1690 0.1819 0.0323  0.0342  -0.0126 344 LYS A CG    
133 C CD    . LYS A 37 ? 0.3025 0.2270 0.2452 0.0437  0.0397  -0.0090 344 LYS A CD    
134 C CE    . LYS A 37 ? 0.3352 0.2762 0.2877 0.0528  0.0434  -0.0046 344 LYS A CE    
135 N NZ    . LYS A 37 ? 0.3728 0.3158 0.3299 0.0649  0.0464  0.0005  344 LYS A NZ    
136 N N     . GLU A 38 ? 0.2311 0.1477 0.1666 -0.0032 0.0241  -0.0271 345 GLU A N     
137 C CA    . GLU A 38 ? 0.2503 0.1670 0.1891 -0.0142 0.0233  -0.0290 345 GLU A CA    
138 C C     . GLU A 38 ? 0.2195 0.1609 0.1730 -0.0192 0.0176  -0.0297 345 GLU A C     
139 O O     . GLU A 38 ? 0.2179 0.1669 0.1800 -0.0230 0.0184  -0.0277 345 GLU A O     
140 C CB    . GLU A 38 ? 0.2837 0.1801 0.2081 -0.0242 0.0250  -0.0354 345 GLU A CB    
141 C CG    . GLU A 38 ? 0.3811 0.2476 0.2890 -0.0203 0.0322  -0.0339 345 GLU A CG    
142 C CD    . GLU A 38 ? 0.4664 0.3118 0.3634 -0.0342 0.0353  -0.0377 345 GLU A CD    
143 O OE1   . GLU A 38 ? 0.4849 0.3441 0.3918 -0.0482 0.0321  -0.0410 345 GLU A OE1   
144 O OE2   . GLU A 38 ? 0.5253 0.3397 0.4037 -0.0310 0.0415  -0.0372 345 GLU A OE2   
145 N N     . ASP A 39 ? 0.2136 0.1665 0.1688 -0.0179 0.0125  -0.0320 346 ASP A N     
146 C CA    . ASP A 39 ? 0.1950 0.1709 0.1631 -0.0186 0.0071  -0.0316 346 ASP A CA    
147 C C     . ASP A 39 ? 0.1819 0.1648 0.1589 -0.0120 0.0085  -0.0256 346 ASP A C     
148 O O     . ASP A 39 ? 0.1668 0.1615 0.1532 -0.0139 0.0078  -0.0247 346 ASP A O     
149 C CB    . ASP A 39 ? 0.1988 0.1815 0.1630 -0.0143 0.0019  -0.0329 346 ASP A CB    
150 C CG    . ASP A 39 ? 0.2303 0.2092 0.1845 -0.0210 -0.0021 -0.0398 346 ASP A CG    
151 O OD1   . ASP A 39 ? 0.2384 0.2134 0.1816 -0.0161 -0.0039 -0.0408 346 ASP A OD1   
152 O OD2   . ASP A 39 ? 0.2636 0.2434 0.2199 -0.0319 -0.0036 -0.0445 346 ASP A OD2   
153 N N     . LEU A 40 ? 0.1736 0.1501 0.1473 -0.0044 0.0104  -0.0216 347 LEU A N     
154 C CA    . LEU A 40 ? 0.1614 0.1432 0.1417 0.0006  0.0103  -0.0167 347 LEU A CA    
155 C C     . LEU A 40 ? 0.1639 0.1408 0.1447 -0.0012 0.0132  -0.0150 347 LEU A C     
156 O O     . LEU A 40 ? 0.1590 0.1424 0.1445 -0.0004 0.0123  -0.0132 347 LEU A O     
157 C CB    . LEU A 40 ? 0.1651 0.1446 0.1441 0.0070  0.0114  -0.0130 347 LEU A CB    
158 C CG    . LEU A 40 ? 0.1706 0.1544 0.1475 0.0090  0.0099  -0.0132 347 LEU A CG    
159 C CD1   . LEU A 40 ? 0.1847 0.1683 0.1629 0.0138  0.0129  -0.0089 347 LEU A CD1   
160 C CD2   . LEU A 40 ? 0.2109 0.2037 0.1916 0.0089  0.0055  -0.0127 347 LEU A CD2   
161 N N     . PHE A 41 ? 0.1747 0.1373 0.1478 -0.0030 0.0171  -0.0155 348 PHE A N     
162 C CA    . PHE A 41 ? 0.1869 0.1412 0.1568 -0.0049 0.0207  -0.0133 348 PHE A CA    
163 C C     . PHE A 41 ? 0.1853 0.1488 0.1612 -0.0127 0.0215  -0.0152 348 PHE A C     
164 O O     . PHE A 41 ? 0.1804 0.1463 0.1575 -0.0117 0.0234  -0.0124 348 PHE A O     
165 C CB    . PHE A 41 ? 0.2077 0.1407 0.1652 -0.0056 0.0253  -0.0135 348 PHE A CB    
166 C CG    . PHE A 41 ? 0.2113 0.1323 0.1622 -0.0075 0.0296  -0.0104 348 PHE A CG    
167 C CD1   . PHE A 41 ? 0.2268 0.1424 0.1731 0.0015  0.0296  -0.0047 348 PHE A CD1   
168 C CD2   . PHE A 41 ? 0.2280 0.1450 0.1774 -0.0187 0.0334  -0.0126 348 PHE A CD2   
169 C CE1   . PHE A 41 ? 0.2414 0.1444 0.1782 0.0007  0.0335  -0.0011 348 PHE A CE1   
170 C CE2   . PHE A 41 ? 0.2533 0.1577 0.1946 -0.0208 0.0389  -0.0087 348 PHE A CE2   
171 C CZ    . PHE A 41 ? 0.2375 0.1334 0.1707 -0.0104 0.0390  -0.0028 348 PHE A CZ    
172 N N     . ARG A 42 ? 0.1925 0.1629 0.1723 -0.0203 0.0203  -0.0200 349 ARG A N     
173 C CA    . ARG A 42 ? 0.1966 0.1820 0.1863 -0.0278 0.0213  -0.0217 349 ARG A CA    
174 C C     . ARG A 42 ? 0.1820 0.1853 0.1815 -0.0211 0.0192  -0.0197 349 ARG A C     
175 O O     . ARG A 42 ? 0.1908 0.2022 0.1954 -0.0226 0.0231  -0.0184 349 ARG A O     
176 C CB    . ARG A 42 ? 0.2090 0.2026 0.2029 -0.0375 0.0181  -0.0276 349 ARG A CB    
177 C CG    . ARG A 42 ? 0.2791 0.2522 0.2621 -0.0479 0.0218  -0.0306 349 ARG A CG    
178 C CD    . ARG A 42 ? 0.3680 0.3509 0.3546 -0.0588 0.0165  -0.0377 349 ARG A CD    
179 N NE    . ARG A 42 ? 0.4741 0.4307 0.4442 -0.0674 0.0184  -0.0421 349 ARG A NE    
180 C CZ    . ARG A 42 ? 0.5025 0.4452 0.4589 -0.0640 0.0152  -0.0459 349 ARG A CZ    
181 N NH1   . ARG A 42 ? 0.5047 0.4585 0.4628 -0.0532 0.0100  -0.0452 349 ARG A NH1   
182 N NH2   . ARG A 42 ? 0.5611 0.4759 0.4994 -0.0717 0.0179  -0.0503 349 ARG A NH2   
183 N N     . ILE A 43 ? 0.1651 0.1725 0.1649 -0.0134 0.0140  -0.0191 350 ILE A N     
184 C CA    . ILE A 43 ? 0.1490 0.1676 0.1540 -0.0065 0.0121  -0.0175 350 ILE A CA    
185 C C     . ILE A 43 ? 0.1512 0.1603 0.1504 -0.0020 0.0148  -0.0138 350 ILE A C     
186 O O     . ILE A 43 ? 0.1603 0.1753 0.1614 0.0009  0.0169  -0.0132 350 ILE A O     
187 C CB    . ILE A 43 ? 0.1457 0.1663 0.1494 -0.0004 0.0065  -0.0174 350 ILE A CB    
188 C CG1   . ILE A 43 ? 0.1512 0.1822 0.1582 -0.0037 0.0023  -0.0210 350 ILE A CG1   
189 C CG2   . ILE A 43 ? 0.1573 0.1826 0.1622 0.0071  0.0051  -0.0153 350 ILE A CG2   
190 C CD1   . ILE A 43 ? 0.1623 0.1890 0.1621 0.0012  -0.0018 -0.0204 350 ILE A CD1   
191 N N     . PHE A 44 ? 0.1390 0.1343 0.1306 -0.0006 0.0146  -0.0117 351 PHE A N     
192 C CA    . PHE A 44 ? 0.1357 0.1240 0.1213 0.0041  0.0141  -0.0087 351 PHE A CA    
193 C C     . PHE A 44 ? 0.1502 0.1278 0.1276 0.0032  0.0181  -0.0063 351 PHE A C     
194 O O     . PHE A 44 ? 0.1536 0.1265 0.1243 0.0068  0.0170  -0.0043 351 PHE A O     
195 C CB    . PHE A 44 ? 0.1400 0.1257 0.1250 0.0076  0.0096  -0.0070 351 PHE A CB    
196 C CG    . PHE A 44 ? 0.1298 0.1220 0.1184 0.0094  0.0064  -0.0080 351 PHE A CG    
197 C CD1   . PHE A 44 ? 0.1500 0.1453 0.1408 0.0088  0.0054  -0.0090 351 PHE A CD1   
198 C CD2   . PHE A 44 ? 0.1362 0.1284 0.1227 0.0124  0.0049  -0.0079 351 PHE A CD2   
199 C CE1   . PHE A 44 ? 0.1627 0.1618 0.1539 0.0112  0.0028  -0.0090 351 PHE A CE1   
200 C CE2   . PHE A 44 ? 0.1422 0.1364 0.1289 0.0151  0.0024  -0.0081 351 PHE A CE2   
201 C CZ    . PHE A 44 ? 0.1526 0.1506 0.1418 0.0145  0.0013  -0.0082 351 PHE A CZ    
202 N N     . SER A 45 ? 0.1632 0.1344 0.1383 -0.0018 0.0224  -0.0065 352 SER A N     
203 C CA    . SER A 45 ? 0.1894 0.1468 0.1536 -0.0025 0.0272  -0.0033 352 SER A CA    
204 C C     . SER A 45 ? 0.1898 0.1493 0.1505 -0.0028 0.0315  -0.0021 352 SER A C     
205 O O     . SER A 45 ? 0.2020 0.1491 0.1498 0.0000  0.0334  0.0014  352 SER A O     
206 C CB    . SER A 45 ? 0.2076 0.1536 0.1678 -0.0094 0.0322  -0.0041 352 SER A CB    
207 O OG    . SER A 45 ? 0.2445 0.2020 0.2143 -0.0185 0.0347  -0.0079 352 SER A OG    
208 N N     . PRO A 46 ? 0.1825 0.1578 0.1533 -0.0048 0.0333  -0.0048 353 PRO A N     
209 C CA    . PRO A 46 ? 0.1887 0.1658 0.1548 -0.0031 0.0392  -0.0036 353 PRO A CA    
210 C C     . PRO A 46 ? 0.1887 0.1565 0.1420 0.0051  0.0354  -0.0020 353 PRO A C     
211 O O     . PRO A 46 ? 0.2132 0.1747 0.1550 0.0072  0.0405  -0.0003 353 PRO A O     
212 C CB    . PRO A 46 ? 0.1806 0.1793 0.1620 -0.0030 0.0401  -0.0068 353 PRO A CB    
213 C CG    . PRO A 46 ? 0.1863 0.1935 0.1795 -0.0095 0.0367  -0.0094 353 PRO A CG    
214 C CD    . PRO A 46 ? 0.1749 0.1672 0.1604 -0.0075 0.0309  -0.0087 353 PRO A CD    
215 N N     . TYR A 47 ? 0.1681 0.1346 0.1221 0.0089  0.0266  -0.0028 354 TYR A N     
216 C CA    . TYR A 47 ? 0.1772 0.1364 0.1205 0.0143  0.0213  -0.0025 354 TYR A CA    
217 C C     . TYR A 47 ? 0.1907 0.1375 0.1210 0.0161  0.0175  0.0006  354 TYR A C     
218 O O     . TYR A 47 ? 0.2085 0.1484 0.1267 0.0193  0.0132  0.0005  354 TYR A O     
219 C CB    . TYR A 47 ? 0.1648 0.1293 0.1153 0.0159  0.0144  -0.0048 354 TYR A CB    
220 C CG    . TYR A 47 ? 0.1649 0.1404 0.1246 0.0169  0.0176  -0.0073 354 TYR A CG    
221 C CD1   . TYR A 47 ? 0.1668 0.1424 0.1211 0.0216  0.0218  -0.0087 354 TYR A CD1   
222 C CD2   . TYR A 47 ? 0.1558 0.1421 0.1286 0.0143  0.0167  -0.0081 354 TYR A CD2   
223 C CE1   . TYR A 47 ? 0.1630 0.1518 0.1273 0.0248  0.0247  -0.0103 354 TYR A CE1   
224 C CE2   . TYR A 47 ? 0.1686 0.1679 0.1503 0.0163  0.0184  -0.0100 354 TYR A CE2   
225 C CZ    . TYR A 47 ? 0.1753 0.1771 0.1540 0.0220  0.0221  -0.0108 354 TYR A CZ    
226 O OH    . TYR A 47 ? 0.1965 0.2142 0.1855 0.0263  0.0235  -0.0121 354 TYR A OH    
227 N N     . GLY A 48 ? 0.1902 0.1329 0.1211 0.0147  0.0188  0.0034  355 GLY A N     
228 C CA    . GLY A 48 ? 0.2096 0.1415 0.1280 0.0189  0.0151  0.0074  355 GLY A CA    
229 C C     . GLY A 48 ? 0.2197 0.1481 0.1421 0.0192  0.0160  0.0098  355 GLY A C     
230 O O     . GLY A 48 ? 0.2333 0.1662 0.1664 0.0150  0.0195  0.0077  355 GLY A O     
231 N N     . HIS A 49 ? 0.2314 0.1517 0.1441 0.0253  0.0123  0.0142  356 HIS A N     
232 C CA    . HIS A 49 ? 0.2396 0.1534 0.1530 0.0290  0.0136  0.0170  356 HIS A CA    
233 C C     . HIS A 49 ? 0.2181 0.1469 0.1476 0.0315  0.0076  0.0156  356 HIS A C     
234 O O     . HIS A 49 ? 0.2122 0.1522 0.1464 0.0349  -0.0007 0.0165  356 HIS A O     
235 C CB    . HIS A 49 ? 0.2729 0.1718 0.1685 0.0370  0.0124  0.0231  356 HIS A CB    
236 C CG    . HIS A 49 ? 0.3385 0.2189 0.2154 0.0341  0.0207  0.0255  356 HIS A CG    
237 N ND1   . HIS A 49 ? 0.4203 0.2949 0.2809 0.0369  0.0189  0.0279  356 HIS A ND1   
238 C CD2   . HIS A 49 ? 0.4029 0.2695 0.2746 0.0274  0.0315  0.0259  356 HIS A CD2   
239 C CE1   . HIS A 49 ? 0.4463 0.3045 0.2924 0.0329  0.0294  0.0303  356 HIS A CE1   
240 N NE2   . HIS A 49 ? 0.4336 0.2875 0.2873 0.0262  0.0372  0.0291  356 HIS A NE2   
241 N N     . ILE A 50 ? 0.1990 0.1283 0.1363 0.0287  0.0121  0.0133  357 ILE A N     
242 C CA    . ILE A 50 ? 0.1861 0.1282 0.1371 0.0309  0.0091  0.0122  357 ILE A CA    
243 C C     . ILE A 50 ? 0.2063 0.1430 0.1543 0.0408  0.0095  0.0162  357 ILE A C     
244 O O     . ILE A 50 ? 0.2361 0.1539 0.1722 0.0429  0.0157  0.0173  357 ILE A O     
245 C CB    . ILE A 50 ? 0.1765 0.1206 0.1340 0.0245  0.0134  0.0074  357 ILE A CB    
246 C CG1   . ILE A 50 ? 0.1543 0.1078 0.1172 0.0179  0.0120  0.0040  357 ILE A CG1   
247 C CG2   . ILE A 50 ? 0.1758 0.1279 0.1422 0.0283  0.0129  0.0070  357 ILE A CG2   
248 C CD1   . ILE A 50 ? 0.1587 0.1146 0.1262 0.0118  0.0154  -0.0003 357 ILE A CD1   
249 N N     . MET A 51 ? 0.1907 0.1440 0.1495 0.0467  0.0034  0.0185  358 MET A N     
250 C CA    . MET A 51 ? 0.2130 0.1674 0.1724 0.0585  0.0032  0.0230  358 MET A CA    
251 C C     . MET A 51 ? 0.2075 0.1677 0.1764 0.0614  0.0082  0.0215  358 MET A C     
252 O O     . MET A 51 ? 0.2260 0.1776 0.1898 0.0718  0.0126  0.0239  358 MET A O     
253 C CB    . MET A 51 ? 0.2140 0.1881 0.1822 0.0637  -0.0067 0.0268  358 MET A CB    
254 C CG    . MET A 51 ? 0.2618 0.2298 0.2173 0.0619  -0.0130 0.0279  358 MET A CG    
255 S SD    . MET A 51 ? 0.3561 0.2970 0.2861 0.0721  -0.0098 0.0336  358 MET A SD    
256 C CE    . MET A 51 ? 0.3475 0.2640 0.2636 0.0606  0.0014  0.0296  358 MET A CE    
257 N N     . GLN A 52 ? 0.1868 0.1599 0.1673 0.0533  0.0081  0.0178  359 GLN A N     
258 C CA    . GLN A 52 ? 0.1942 0.1742 0.1826 0.0556  0.0129  0.0166  359 GLN A CA    
259 C C     . GLN A 52 ? 0.1755 0.1593 0.1678 0.0449  0.0134  0.0121  359 GLN A C     
260 O O     . GLN A 52 ? 0.1648 0.1556 0.1612 0.0379  0.0084  0.0113  359 GLN A O     
261 C CB    . GLN A 52 ? 0.2038 0.2082 0.2091 0.0626  0.0098  0.0210  359 GLN A CB    
262 C CG    . GLN A 52 ? 0.2613 0.2749 0.2750 0.0661  0.0166  0.0207  359 GLN A CG    
263 C CD    . GLN A 52 ? 0.3179 0.3576 0.3498 0.0753  0.0156  0.0259  359 GLN A CD    
264 O OE1   . GLN A 52 ? 0.3763 0.4219 0.4103 0.0840  0.0107  0.0301  359 GLN A OE1   
265 N NE2   . GLN A 52 ? 0.3391 0.3955 0.3838 0.0739  0.0205  0.0263  359 GLN A NE2   
266 N N     . ILE A 53 ? 0.1746 0.1520 0.1630 0.0450  0.0194  0.0091  360 ILE A N     
267 C CA    . ILE A 53 ? 0.1672 0.1485 0.1577 0.0373  0.0199  0.0055  360 ILE A CA    
268 C C     . ILE A 53 ? 0.1796 0.1676 0.1738 0.0421  0.0251  0.0062  360 ILE A C     
269 O O     . ILE A 53 ? 0.1952 0.1732 0.1815 0.0494  0.0309  0.0056  360 ILE A O     
270 C CB    . ILE A 53 ? 0.1774 0.1434 0.1562 0.0310  0.0214  0.0002  360 ILE A CB    
271 C CG1   . ILE A 53 ? 0.1768 0.1379 0.1529 0.0264  0.0184  0.0002  360 ILE A CG1   
272 C CG2   . ILE A 53 ? 0.1708 0.1428 0.1511 0.0254  0.0206  -0.0028 360 ILE A CG2   
273 C CD1   . ILE A 53 ? 0.2154 0.1679 0.1851 0.0182  0.0198  -0.0046 360 ILE A CD1   
274 N N     . ASN A 54 ? 0.1772 0.1806 0.1817 0.0383  0.0240  0.0078  361 ASN A N     
275 C CA    . ASN A 54 ? 0.1902 0.2004 0.1972 0.0413  0.0305  0.0089  361 ASN A CA    
276 C C     . ASN A 54 ? 0.1860 0.1933 0.1874 0.0341  0.0302  0.0066  361 ASN A C     
277 O O     . ASN A 54 ? 0.1762 0.1858 0.1803 0.0271  0.0247  0.0067  361 ASN A O     
278 C CB    . ASN A 54 ? 0.1998 0.2329 0.2253 0.0436  0.0309  0.0145  361 ASN A CB    
279 C CG    . ASN A 54 ? 0.2480 0.2875 0.2798 0.0536  0.0301  0.0176  361 ASN A CG    
280 O OD1   . ASN A 54 ? 0.3450 0.4002 0.3898 0.0522  0.0237  0.0208  361 ASN A OD1   
281 N ND2   . ASN A 54 ? 0.3294 0.3551 0.3501 0.0638  0.0361  0.0165  361 ASN A ND2   
282 N N     . ILE A 55 ? 0.1915 0.1914 0.1821 0.0369  0.0361  0.0046  362 ILE A N     
283 C CA    . ILE A 55 ? 0.1969 0.1940 0.1797 0.0322  0.0360  0.0034  362 ILE A CA    
284 C C     . ILE A 55 ? 0.2037 0.2078 0.1872 0.0358  0.0445  0.0069  362 ILE A C     
285 O O     . ILE A 55 ? 0.2142 0.2158 0.1932 0.0436  0.0518  0.0065  362 ILE A O     
286 C CB    . ILE A 55 ? 0.2036 0.1848 0.1690 0.0309  0.0342  -0.0031 362 ILE A CB    
287 C CG1   . ILE A 55 ? 0.2089 0.1864 0.1763 0.0261  0.0273  -0.0059 362 ILE A CG1   
288 C CG2   . ILE A 55 ? 0.2215 0.2010 0.1770 0.0283  0.0333  -0.0036 362 ILE A CG2   
289 C CD1   . ILE A 55 ? 0.2329 0.1967 0.1868 0.0235  0.0262  -0.0125 362 ILE A CD1   
290 N N     . LYS A 56 ? 0.2002 0.2115 0.1880 0.0304  0.0446  0.0108  363 LYS A N     
291 C CA    . LYS A 56 ? 0.2203 0.2377 0.2075 0.0320  0.0540  0.0149  363 LYS A CA    
292 C C     . LYS A 56 ? 0.2211 0.2278 0.1932 0.0276  0.0527  0.0150  363 LYS A C     
293 O O     . LYS A 56 ? 0.2132 0.2220 0.1896 0.0210  0.0504  0.0188  363 LYS A O     
294 C CB    . LYS A 56 ? 0.2139 0.2526 0.2232 0.0287  0.0570  0.0213  363 LYS A CB    
295 C CG    . LYS A 56 ? 0.2833 0.3317 0.2944 0.0302  0.0695  0.0264  363 LYS A CG    
296 C CD    . LYS A 56 ? 0.3519 0.4022 0.3595 0.0430  0.0791  0.0253  363 LYS A CD    
297 C CE    . LYS A 56 ? 0.4041 0.4556 0.4030 0.0458  0.0926  0.0287  363 LYS A CE    
298 N NZ    . LYS A 56 ? 0.4418 0.5005 0.4424 0.0593  0.1039  0.0289  363 LYS A NZ    
299 N N     . ASN A 57 ? 0.2383 0.2311 0.1903 0.0318  0.0535  0.0106  364 ASN A N     
300 C CA    . ASN A 57 ? 0.2527 0.2347 0.1869 0.0301  0.0507  0.0103  364 ASN A CA    
301 C C     . ASN A 57 ? 0.2314 0.2120 0.1691 0.0251  0.0401  0.0098  364 ASN A C     
302 O O     . ASN A 57 ? 0.2376 0.2177 0.1783 0.0246  0.0333  0.0048  364 ASN A O     
303 C CB    . ASN A 57 ? 0.2701 0.2525 0.1978 0.0302  0.0606  0.0167  364 ASN A CB    
304 C CG    . ASN A 57 ? 0.2966 0.2812 0.2199 0.0372  0.0725  0.0168  364 ASN A CG    
305 O OD1   . ASN A 57 ? 0.3845 0.3570 0.2896 0.0429  0.0732  0.0111  364 ASN A OD1   
306 N ND2   . ASN A 57 ? 0.2986 0.2990 0.2388 0.0365  0.0819  0.0229  364 ASN A ND2   
307 N N     . ALA A 58 ? 0.2304 0.2091 0.1667 0.0216  0.0396  0.0149  365 ALA A N     
308 C CA    . ALA A 58 ? 0.2222 0.1976 0.1600 0.0192  0.0306  0.0145  365 ALA A CA    
309 C C     . ALA A 58 ? 0.2004 0.1833 0.1564 0.0150  0.0270  0.0140  365 ALA A C     
310 O O     . ALA A 58 ? 0.2039 0.1840 0.1608 0.0144  0.0202  0.0123  365 ALA A O     
311 C CB    . ALA A 58 ? 0.2407 0.2061 0.1675 0.0179  0.0318  0.0203  365 ALA A CB    
312 N N     . PHE A 59 ? 0.1900 0.1832 0.1598 0.0133  0.0316  0.0155  366 PHE A N     
313 C CA    . PHE A 59 ? 0.1776 0.1783 0.1628 0.0093  0.0274  0.0157  366 PHE A CA    
314 C C     . PHE A 59 ? 0.1739 0.1786 0.1648 0.0129  0.0247  0.0114  366 PHE A C     
315 O O     . PHE A 59 ? 0.1830 0.1903 0.1738 0.0178  0.0295  0.0105  366 PHE A O     
316 C CB    . PHE A 59 ? 0.1832 0.1957 0.1823 0.0038  0.0322  0.0209  366 PHE A CB    
317 C CG    . PHE A 59 ? 0.1992 0.2054 0.1921 -0.0022 0.0364  0.0260  366 PHE A CG    
318 C CD1   . PHE A 59 ? 0.2402 0.2583 0.2428 -0.0065 0.0449  0.0312  366 PHE A CD1   
319 C CD2   . PHE A 59 ? 0.2171 0.2055 0.1944 -0.0031 0.0328  0.0261  366 PHE A CD2   
320 C CE1   . PHE A 59 ? 0.2673 0.2775 0.2629 -0.0137 0.0503  0.0365  366 PHE A CE1   
321 C CE2   . PHE A 59 ? 0.2571 0.2347 0.2251 -0.0084 0.0375  0.0316  366 PHE A CE2   
322 C CZ    . PHE A 59 ? 0.2712 0.2587 0.2478 -0.0147 0.0466  0.0369  366 PHE A CZ    
323 N N     . GLY A 60 ? 0.1578 0.1606 0.1514 0.0111  0.0181  0.0093  367 GLY A N     
324 C CA    . GLY A 60 ? 0.1417 0.1463 0.1393 0.0137  0.0161  0.0065  367 GLY A CA    
325 C C     . GLY A 60 ? 0.1311 0.1422 0.1390 0.0110  0.0125  0.0084  367 GLY A C     
326 O O     . GLY A 60 ? 0.1261 0.1361 0.1351 0.0059  0.0091  0.0097  367 GLY A O     
327 N N     . PHE A 61 ? 0.1288 0.1445 0.1418 0.0150  0.0128  0.0086  368 PHE A N     
328 C CA    . PHE A 61 ? 0.1299 0.1524 0.1509 0.0137  0.0079  0.0103  368 PHE A CA    
329 C C     . PHE A 61 ? 0.1370 0.1526 0.1525 0.0183  0.0064  0.0085  368 PHE A C     
330 O O     . PHE A 61 ? 0.1644 0.1772 0.1777 0.0243  0.0105  0.0085  368 PHE A O     
331 C CB    . PHE A 61 ? 0.1317 0.1716 0.1669 0.0152  0.0097  0.0145  368 PHE A CB    
332 C CG    . PHE A 61 ? 0.1330 0.1799 0.1738 0.0094  0.0132  0.0171  368 PHE A CG    
333 C CD1   . PHE A 61 ? 0.1314 0.1825 0.1779 -0.0001 0.0086  0.0185  368 PHE A CD1   
334 C CD2   . PHE A 61 ? 0.1177 0.1645 0.1556 0.0128  0.0219  0.0181  368 PHE A CD2   
335 C CE1   . PHE A 61 ? 0.1384 0.1935 0.1889 -0.0071 0.0131  0.0216  368 PHE A CE1   
336 C CE2   . PHE A 61 ? 0.1355 0.1871 0.1764 0.0071  0.0266  0.0214  368 PHE A CE2   
337 C CZ    . PHE A 61 ? 0.1418 0.1976 0.1897 -0.0033 0.0224  0.0236  368 PHE A CZ    
338 N N     . ILE A 62 ? 0.1254 0.1356 0.1365 0.0155  0.0014  0.0072  369 ILE A N     
339 C CA    . ILE A 62 ? 0.1369 0.1387 0.1408 0.0186  0.0011  0.0062  369 ILE A CA    
340 C C     . ILE A 62 ? 0.1296 0.1354 0.1347 0.0195  -0.0049 0.0084  369 ILE A C     
341 O O     . ILE A 62 ? 0.1387 0.1439 0.1418 0.0148  -0.0097 0.0074  369 ILE A O     
342 C CB    . ILE A 62 ? 0.1395 0.1321 0.1353 0.0156  0.0019  0.0027  369 ILE A CB    
343 C CG1   . ILE A 62 ? 0.1753 0.1663 0.1699 0.0149  0.0059  0.0002  369 ILE A CG1   
344 C CG2   . ILE A 62 ? 0.1641 0.1478 0.1522 0.0172  0.0031  0.0025  369 ILE A CG2   
345 C CD1   . ILE A 62 ? 0.2299 0.2172 0.2201 0.0122  0.0065  -0.0032 369 ILE A CD1   
346 N N     . GLN A 63 ? 0.1262 0.1345 0.1323 0.0262  -0.0048 0.0114  370 GLN A N     
347 C CA    . GLN A 63 ? 0.1384 0.1520 0.1447 0.0287  -0.0119 0.0140  370 GLN A CA    
348 C C     . GLN A 63 ? 0.1514 0.1485 0.1415 0.0306  -0.0118 0.0136  370 GLN A C     
349 O O     . GLN A 63 ? 0.1621 0.1476 0.1444 0.0356  -0.0064 0.0146  370 GLN A O     
350 C CB    . GLN A 63 ? 0.1444 0.1709 0.1604 0.0374  -0.0120 0.0184  370 GLN A CB    
351 C CG    . GLN A 63 ? 0.1834 0.2195 0.2008 0.0412  -0.0212 0.0216  370 GLN A CG    
352 C CD    . GLN A 63 ? 0.2246 0.2775 0.2535 0.0320  -0.0293 0.0208  370 GLN A CD    
353 O OE1   . GLN A 63 ? 0.2491 0.3202 0.2952 0.0289  -0.0281 0.0219  370 GLN A OE1   
354 N NE2   . GLN A 63 ? 0.2340 0.2797 0.2522 0.0269  -0.0370 0.0187  370 GLN A NE2   
355 N N     . PHE A 64 ? 0.1563 0.1499 0.1393 0.0262  -0.0168 0.0119  371 PHE A N     
356 C CA    . PHE A 64 ? 0.1682 0.1473 0.1345 0.0285  -0.0166 0.0124  371 PHE A CA    
357 C C     . PHE A 64 ? 0.1842 0.1675 0.1464 0.0339  -0.0249 0.0160  371 PHE A C     
358 O O     . PHE A 64 ? 0.1867 0.1873 0.1620 0.0348  -0.0313 0.0177  371 PHE A O     
359 C CB    . PHE A 64 ? 0.1732 0.1451 0.1310 0.0227  -0.0167 0.0085  371 PHE A CB    
360 C CG    . PHE A 64 ? 0.1595 0.1286 0.1200 0.0193  -0.0092 0.0054  371 PHE A CG    
361 C CD1   . PHE A 64 ? 0.1699 0.1302 0.1236 0.0195  -0.0018 0.0051  371 PHE A CD1   
362 C CD2   . PHE A 64 ? 0.1610 0.1366 0.1305 0.0155  -0.0100 0.0030  371 PHE A CD2   
363 C CE1   . PHE A 64 ? 0.1731 0.1357 0.1319 0.0160  0.0034  0.0021  371 PHE A CE1   
364 C CE2   . PHE A 64 ? 0.1823 0.1569 0.1537 0.0139  -0.0047 0.0005  371 PHE A CE2   
365 C CZ    . PHE A 64 ? 0.1805 0.1507 0.1479 0.0142  0.0012  -0.0002 371 PHE A CZ    
366 N N     . ASP A 65 ? 0.2106 0.1795 0.1544 0.0373  -0.0248 0.0176  372 ASP A N     
367 C CA    . ASP A 65 ? 0.2313 0.2023 0.1666 0.0432  -0.0340 0.0210  372 ASP A CA    
368 C C     . ASP A 65 ? 0.2365 0.2071 0.1622 0.0379  -0.0429 0.0178  372 ASP A C     
369 O O     . ASP A 65 ? 0.2579 0.2280 0.1720 0.0422  -0.0517 0.0199  372 ASP A O     
370 C CB    . ASP A 65 ? 0.2572 0.2097 0.1736 0.0517  -0.0293 0.0258  372 ASP A CB    
371 C CG    . ASP A 65 ? 0.2880 0.2206 0.1861 0.0473  -0.0212 0.0241  372 ASP A CG    
372 O OD1   . ASP A 65 ? 0.3462 0.2611 0.2256 0.0524  -0.0167 0.0284  372 ASP A OD1   
373 O OD2   . ASP A 65 ? 0.2739 0.2082 0.1756 0.0394  -0.0187 0.0189  372 ASP A OD2   
374 N N     . ASN A 66 ? 0.2232 0.1919 0.1511 0.0293  -0.0412 0.0124  373 ASN A N     
375 C CA    . ASN A 66 ? 0.2264 0.1897 0.1420 0.0240  -0.0486 0.0083  373 ASN A CA    
376 C C     . ASN A 66 ? 0.2226 0.1855 0.1458 0.0156  -0.0464 0.0032  373 ASN A C     
377 O O     . ASN A 66 ? 0.2078 0.1720 0.1411 0.0153  -0.0376 0.0031  373 ASN A O     
378 C CB    . ASN A 66 ? 0.2524 0.1949 0.1417 0.0277  -0.0446 0.0080  373 ASN A CB    
379 C CG    . ASN A 66 ? 0.2446 0.1776 0.1322 0.0262  -0.0316 0.0057  373 ASN A CG    
380 O OD1   . ASN A 66 ? 0.2574 0.1846 0.1400 0.0225  -0.0305 0.0010  373 ASN A OD1   
381 N ND2   . ASN A 66 ? 0.2519 0.1840 0.1447 0.0288  -0.0221 0.0088  373 ASN A ND2   
382 N N     . PRO A 67 ? 0.2325 0.1915 0.1484 0.0089  -0.0546 -0.0010 374 PRO A N     
383 C CA    . PRO A 67 ? 0.2307 0.1845 0.1498 0.0017  -0.0525 -0.0052 374 PRO A CA    
384 C C     . PRO A 67 ? 0.2344 0.1698 0.1389 0.0046  -0.0433 -0.0085 374 PRO A C     
385 O O     . PRO A 67 ? 0.2333 0.1657 0.1428 0.0023  -0.0391 -0.0103 374 PRO A O     
386 C CB    . PRO A 67 ? 0.2464 0.1985 0.1589 -0.0069 -0.0651 -0.0087 374 PRO A CB    
387 C CG    . PRO A 67 ? 0.2762 0.2235 0.1708 -0.0023 -0.0719 -0.0085 374 PRO A CG    
388 C CD    . PRO A 67 ? 0.2571 0.2159 0.1607 0.0074  -0.0674 -0.0020 374 PRO A CD    
389 N N     . GLN A 68 ? 0.2515 0.1753 0.1374 0.0104  -0.0401 -0.0087 375 GLN A N     
390 C CA    . GLN A 68 ? 0.2553 0.1657 0.1293 0.0144  -0.0302 -0.0115 375 GLN A CA    
391 C C     . GLN A 68 ? 0.2340 0.1545 0.1254 0.0166  -0.0198 -0.0093 375 GLN A C     
392 O O     . GLN A 68 ? 0.2380 0.1558 0.1308 0.0182  -0.0142 -0.0117 375 GLN A O     
393 C CB    . GLN A 68 ? 0.2817 0.1792 0.1323 0.0198  -0.0271 -0.0115 375 GLN A CB    
394 C CG    . GLN A 68 ? 0.3049 0.1901 0.1426 0.0247  -0.0164 -0.0147 375 GLN A CG    
395 C CD    . GLN A 68 ? 0.3388 0.2100 0.1658 0.0230  -0.0200 -0.0207 375 GLN A CD    
396 O OE1   . GLN A 68 ? 0.3831 0.2430 0.1958 0.0185  -0.0304 -0.0240 375 GLN A OE1   
397 N NE2   . GLN A 68 ? 0.3640 0.2350 0.1972 0.0267  -0.0118 -0.0221 375 GLN A NE2   
398 N N     . SER A 69 ? 0.2129 0.1444 0.1162 0.0175  -0.0180 -0.0051 376 SER A N     
399 C CA    . SER A 69 ? 0.1942 0.1345 0.1127 0.0179  -0.0100 -0.0038 376 SER A CA    
400 C C     . SER A 69 ? 0.1809 0.1276 0.1124 0.0150  -0.0112 -0.0054 376 SER A C     
401 O O     . SER A 69 ? 0.1731 0.1231 0.1104 0.0162  -0.0054 -0.0066 376 SER A O     
402 C CB    . SER A 69 ? 0.1803 0.1266 0.1063 0.0188  -0.0092 0.0004  376 SER A CB    
403 O OG    . SER A 69 ? 0.2070 0.1440 0.1190 0.0218  -0.0052 0.0028  376 SER A OG    
404 N N     . VAL A 70 ? 0.1779 0.1276 0.1140 0.0110  -0.0189 -0.0053 377 VAL A N     
405 C CA    . VAL A 70 ? 0.1776 0.1311 0.1237 0.0076  -0.0193 -0.0058 377 VAL A CA    
406 C C     . VAL A 70 ? 0.1891 0.1291 0.1238 0.0088  -0.0175 -0.0092 377 VAL A C     
407 O O     . VAL A 70 ? 0.1873 0.1284 0.1268 0.0108  -0.0135 -0.0094 377 VAL A O     
408 C CB    . VAL A 70 ? 0.1811 0.1414 0.1348 0.0014  -0.0269 -0.0045 377 VAL A CB    
409 C CG1   . VAL A 70 ? 0.1934 0.1532 0.1534 -0.0035 -0.0261 -0.0047 377 VAL A CG1   
410 C CG2   . VAL A 70 ? 0.1847 0.1600 0.1508 0.0035  -0.0273 -0.0006 377 VAL A CG2   
411 N N     . ARG A 71 ? 0.2085 0.1346 0.1264 0.0085  -0.0209 -0.0121 378 ARG A N     
412 C CA    . ARG A 71 ? 0.2258 0.1348 0.1288 0.0117  -0.0185 -0.0157 378 ARG A CA    
413 C C     . ARG A 71 ? 0.2195 0.1323 0.1239 0.0206  -0.0090 -0.0157 378 ARG A C     
414 O O     . ARG A 71 ? 0.2161 0.1257 0.1207 0.0251  -0.0057 -0.0165 378 ARG A O     
415 C CB    . ARG A 71 ? 0.2604 0.1513 0.1412 0.0102  -0.0236 -0.0196 378 ARG A CB    
416 C CG    . ARG A 71 ? 0.2918 0.1785 0.1717 -0.0007 -0.0340 -0.0208 378 ARG A CG    
417 C CD    . ARG A 71 ? 0.3534 0.2178 0.2073 -0.0033 -0.0402 -0.0262 378 ARG A CD    
418 N NE    . ARG A 71 ? 0.3802 0.2473 0.2244 -0.0002 -0.0429 -0.0262 378 ARG A NE    
419 C CZ    . ARG A 71 ? 0.3985 0.2754 0.2455 -0.0060 -0.0533 -0.0251 378 ARG A CZ    
420 N NH1   . ARG A 71 ? 0.4074 0.2960 0.2699 -0.0164 -0.0618 -0.0244 378 ARG A NH1   
421 N NH2   . ARG A 71 ? 0.3972 0.2736 0.2318 -0.0009 -0.0551 -0.0243 378 ARG A NH2   
422 N N     . ASP A 72 ? 0.2153 0.1361 0.1215 0.0229  -0.0047 -0.0144 379 ASP A N     
423 C CA    . ASP A 72 ? 0.2182 0.1470 0.1287 0.0290  0.0047  -0.0143 379 ASP A CA    
424 C C     . ASP A 72 ? 0.1958 0.1403 0.1256 0.0286  0.0062  -0.0127 379 ASP A C     
425 O O     . ASP A 72 ? 0.1965 0.1473 0.1308 0.0343  0.0107  -0.0135 379 ASP A O     
426 C CB    . ASP A 72 ? 0.2228 0.1555 0.1309 0.0288  0.0096  -0.0123 379 ASP A CB    
427 C CG    . ASP A 72 ? 0.2803 0.1965 0.1652 0.0311  0.0091  -0.0137 379 ASP A CG    
428 O OD1   . ASP A 72 ? 0.3010 0.2166 0.1802 0.0305  0.0118  -0.0111 379 ASP A OD1   
429 O OD2   . ASP A 72 ? 0.3121 0.2135 0.1819 0.0335  0.0063  -0.0173 379 ASP A OD2   
430 N N     . ALA A 73 ? 0.1768 0.1284 0.1173 0.0229  0.0023  -0.0107 380 ALA A N     
431 C CA    . ALA A 73 ? 0.1625 0.1263 0.1174 0.0222  0.0031  -0.0096 380 ALA A CA    
432 C C     . ALA A 73 ? 0.1709 0.1302 0.1239 0.0253  0.0012  -0.0103 380 ALA A C     
433 O O     . ALA A 73 ? 0.1687 0.1366 0.1280 0.0294  0.0033  -0.0104 380 ALA A O     
434 C CB    . ALA A 73 ? 0.1559 0.1244 0.1186 0.0170  0.0002  -0.0075 380 ALA A CB    
435 N N     . ILE A 74 ? 0.1778 0.1226 0.1211 0.0230  -0.0032 -0.0105 381 ILE A N     
436 C CA    . ILE A 74 ? 0.1955 0.1299 0.1329 0.0254  -0.0043 -0.0104 381 ILE A CA    
437 C C     . ILE A 74 ? 0.2178 0.1464 0.1466 0.0358  -0.0002 -0.0123 381 ILE A C     
438 O O     . ILE A 74 ? 0.2277 0.1585 0.1582 0.0424  0.0009  -0.0113 381 ILE A O     
439 C CB    . ILE A 74 ? 0.1999 0.1173 0.1271 0.0184  -0.0094 -0.0108 381 ILE A CB    
440 C CG1   . ILE A 74 ? 0.1825 0.1110 0.1223 0.0094  -0.0126 -0.0081 381 ILE A CG1   
441 C CG2   . ILE A 74 ? 0.2270 0.1259 0.1422 0.0211  -0.0091 -0.0107 381 ILE A CG2   
442 C CD1   . ILE A 74 ? 0.2230 0.1438 0.1579 0.0003  -0.0187 -0.0089 381 ILE A CD1   
443 N N     . GLU A 75 ? 0.2335 0.1551 0.1521 0.0386  0.0022  -0.0147 382 GLU A N     
444 C CA    . GLU A 75 ? 0.2693 0.1841 0.1779 0.0500  0.0074  -0.0166 382 GLU A CA    
445 C C     . GLU A 75 ? 0.2711 0.2105 0.1962 0.0571  0.0127  -0.0155 382 GLU A C     
446 O O     . GLU A 75 ? 0.2898 0.2306 0.2142 0.0679  0.0150  -0.0153 382 GLU A O     
447 C CB    . GLU A 75 ? 0.2911 0.1924 0.1830 0.0513  0.0097  -0.0197 382 GLU A CB    
448 C CG    . GLU A 75 ? 0.3499 0.2248 0.2220 0.0450  0.0030  -0.0223 382 GLU A CG    
449 C CD    . GLU A 75 ? 0.4354 0.2874 0.2935 0.0490  0.0021  -0.0234 382 GLU A CD    
450 O OE1   . GLU A 75 ? 0.4407 0.2845 0.2991 0.0398  -0.0038 -0.0223 382 GLU A OE1   
451 O OE2   . GLU A 75 ? 0.4871 0.3291 0.3338 0.0619  0.0080  -0.0249 382 GLU A OE2   
452 N N     . CYS A 76 ? 0.2518 0.2104 0.1916 0.0511  0.0143  -0.0145 383 CYS A N     
453 C CA    . CYS A 76 ? 0.2623 0.2459 0.2191 0.0543  0.0189  -0.0140 383 CYS A CA    
454 C C     . CYS A 76 ? 0.2431 0.2411 0.2140 0.0523  0.0145  -0.0127 383 CYS A C     
455 O O     . CYS A 76 ? 0.2507 0.2648 0.2307 0.0596  0.0151  -0.0126 383 CYS A O     
456 C CB    . CYS A 76 ? 0.2584 0.2519 0.2212 0.0477  0.0241  -0.0138 383 CYS A CB    
457 S SG    . CYS A 76 ? 0.3756 0.3563 0.3206 0.0535  0.0320  -0.0151 383 CYS A SG    
458 N N     . GLU A 77 ? 0.2217 0.2151 0.1935 0.0436  0.0097  -0.0118 384 GLU A N     
459 C CA    . GLU A 77 ? 0.2091 0.2147 0.1911 0.0413  0.0061  -0.0110 384 GLU A CA    
460 C C     . GLU A 77 ? 0.2152 0.2126 0.1904 0.0476  0.0023  -0.0094 384 GLU A C     
461 O O     . GLU A 77 ? 0.2196 0.2279 0.2006 0.0490  -0.0008 -0.0087 384 GLU A O     
462 C CB    . GLU A 77 ? 0.2013 0.2058 0.1866 0.0312  0.0045  -0.0106 384 GLU A CB    
463 C CG    . GLU A 77 ? 0.2147 0.2282 0.2072 0.0252  0.0085  -0.0117 384 GLU A CG    
464 C CD    . GLU A 77 ? 0.1920 0.2264 0.1973 0.0250  0.0104  -0.0134 384 GLU A CD    
465 O OE1   . GLU A 77 ? 0.2053 0.2503 0.2163 0.0266  0.0062  -0.0141 384 GLU A OE1   
466 O OE2   . GLU A 77 ? 0.2031 0.2442 0.2126 0.0224  0.0159  -0.0139 384 GLU A OE2   
467 N N     . SER A 78 ? 0.2132 0.1894 0.1737 0.0510  0.0022  -0.0088 385 SER A N     
468 C CA    . SER A 78 ? 0.2376 0.2014 0.1883 0.0574  -0.0003 -0.0065 385 SER A CA    
469 C C     . SER A 78 ? 0.2535 0.2292 0.2071 0.0710  0.0002  -0.0061 385 SER A C     
470 O O     . SER A 78 ? 0.2713 0.2447 0.2206 0.0768  -0.0030 -0.0034 385 SER A O     
471 C CB    . SER A 78 ? 0.2580 0.1930 0.1903 0.0567  -0.0003 -0.0063 385 SER A CB    
472 O OG    . SER A 78 ? 0.2660 0.1953 0.1989 0.0440  -0.0024 -0.0059 385 SER A OG    
473 N N     . GLN A 79 ? 0.2386 0.2288 0.2001 0.0760  0.0043  -0.0082 386 GLN A N     
474 C CA    . GLN A 79 ? 0.2544 0.2630 0.2234 0.0901  0.0057  -0.0078 386 GLN A CA    
475 C C     . GLN A 79 ? 0.2255 0.2672 0.2157 0.0869  0.0024  -0.0080 386 GLN A C     
476 O O     . GLN A 79 ? 0.2191 0.2833 0.2202 0.0972  0.0019  -0.0078 386 GLN A O     
477 C CB    . GLN A 79 ? 0.2668 0.2802 0.2370 0.0960  0.0134  -0.0099 386 GLN A CB    
478 C CG    . GLN A 79 ? 0.3232 0.3046 0.2710 0.0982  0.0171  -0.0113 386 GLN A CG    
479 C CD    . GLN A 79 ? 0.3265 0.3148 0.2747 0.1042  0.0257  -0.0135 386 GLN A CD    
480 O OE1   . GLN A 79 ? 0.3560 0.3673 0.3163 0.1155  0.0304  -0.0130 386 GLN A OE1   
481 N NE2   . GLN A 79 ? 0.3616 0.3321 0.2970 0.0968  0.0281  -0.0155 386 GLN A NE2   
482 N N     . GLU A 80 ? 0.2121 0.2573 0.2080 0.0728  -0.0001 -0.0091 387 GLU A N     
483 C CA    . GLU A 80 ? 0.2100 0.2828 0.2236 0.0665  -0.0031 -0.0108 387 GLU A CA    
484 C C     . GLU A 80 ? 0.2144 0.2850 0.2234 0.0645  -0.0105 -0.0099 387 GLU A C     
485 O O     . GLU A 80 ? 0.2307 0.2782 0.2246 0.0642  -0.0114 -0.0077 387 GLU A O     
486 C CB    . GLU A 80 ? 0.2059 0.2818 0.2268 0.0522  0.0009  -0.0131 387 GLU A CB    
487 C CG    . GLU A 80 ? 0.2288 0.3073 0.2527 0.0528  0.0093  -0.0137 387 GLU A CG    
488 C CD    . GLU A 80 ? 0.2842 0.3931 0.3256 0.0584  0.0126  -0.0143 387 GLU A CD    
489 O OE1   . GLU A 80 ? 0.3143 0.4477 0.3708 0.0562  0.0076  -0.0153 387 GLU A OE1   
490 O OE2   . GLU A 80 ? 0.3055 0.4153 0.3459 0.0653  0.0202  -0.0139 387 GLU A OE2   
491 N N     . MET A 81 ? 0.2115 0.3069 0.2332 0.0623  -0.0155 -0.0118 388 MET A N     
492 C CA    . MET A 81 ? 0.2200 0.3139 0.2357 0.0587  -0.0225 -0.0120 388 MET A CA    
493 C C     . MET A 81 ? 0.2027 0.2947 0.2214 0.0430  -0.0211 -0.0156 388 MET A C     
494 O O     . MET A 81 ? 0.1978 0.3052 0.2303 0.0347  -0.0191 -0.0187 388 MET A O     
495 C CB    . MET A 81 ? 0.2321 0.3537 0.2576 0.0648  -0.0305 -0.0129 388 MET A CB    
496 C CG    . MET A 81 ? 0.2801 0.4072 0.3042 0.0832  -0.0319 -0.0092 388 MET A CG    
497 S SD    . MET A 81 ? 0.3840 0.4750 0.3795 0.0936  -0.0331 -0.0035 388 MET A SD    
498 C CE    . MET A 81 ? 0.3822 0.4826 0.3716 0.0924  -0.0440 -0.0036 388 MET A CE    
499 N N     . ASN A 82 ? 0.1995 0.2718 0.2047 0.0393  -0.0216 -0.0146 389 ASN A N     
500 C CA    . ASN A 82 ? 0.1993 0.2664 0.2037 0.0272  -0.0201 -0.0177 389 ASN A CA    
501 C C     . ASN A 82 ? 0.2120 0.2712 0.2031 0.0275  -0.0244 -0.0178 389 ASN A C     
502 O O     . ASN A 82 ? 0.2167 0.2631 0.1962 0.0344  -0.0243 -0.0136 389 ASN A O     
503 C CB    . ASN A 82 ? 0.1926 0.2420 0.1937 0.0232  -0.0131 -0.0162 389 ASN A CB    
504 C CG    . ASN A 82 ? 0.1918 0.2467 0.2022 0.0215  -0.0085 -0.0167 389 ASN A CG    
505 O OD1   . ASN A 82 ? 0.2027 0.2689 0.2223 0.0143  -0.0071 -0.0196 389 ASN A OD1   
506 N ND2   . ASN A 82 ? 0.2065 0.2517 0.2127 0.0272  -0.0055 -0.0140 389 ASN A ND2   
507 N N     . PHE A 83 ? 0.2254 0.2899 0.2165 0.0195  -0.0275 -0.0226 390 PHE A N     
508 C CA    . PHE A 83 ? 0.2471 0.3043 0.2227 0.0201  -0.0318 -0.0237 390 PHE A CA    
509 C C     . PHE A 83 ? 0.2608 0.3260 0.2305 0.0311  -0.0391 -0.0208 390 PHE A C     
510 O O     . PHE A 83 ? 0.2899 0.3418 0.2420 0.0360  -0.0400 -0.0180 390 PHE A O     
511 C CB    . PHE A 83 ? 0.2496 0.2840 0.2122 0.0203  -0.0249 -0.0207 390 PHE A CB    
512 C CG    . PHE A 83 ? 0.2391 0.2651 0.2067 0.0132  -0.0178 -0.0221 390 PHE A CG    
513 C CD1   . PHE A 83 ? 0.2506 0.2720 0.2145 0.0055  -0.0171 -0.0273 390 PHE A CD1   
514 C CD2   . PHE A 83 ? 0.2352 0.2555 0.2083 0.0148  -0.0125 -0.0180 390 PHE A CD2   
515 C CE1   . PHE A 83 ? 0.2367 0.2477 0.2027 0.0012  -0.0104 -0.0276 390 PHE A CE1   
516 C CE2   . PHE A 83 ? 0.2226 0.2358 0.1989 0.0101  -0.0071 -0.0185 390 PHE A CE2   
517 C CZ    . PHE A 83 ? 0.2189 0.2272 0.1917 0.0042  -0.0058 -0.0228 390 PHE A CZ    
518 N N     . GLY A 84 ? 0.2601 0.3465 0.2437 0.0359  -0.0435 -0.0207 391 GLY A N     
519 C CA    . GLY A 84 ? 0.2643 0.3605 0.2434 0.0491  -0.0510 -0.0175 391 GLY A CA    
520 C C     . GLY A 84 ? 0.2704 0.3458 0.2359 0.0611  -0.0469 -0.0101 391 GLY A C     
521 O O     . GLY A 84 ? 0.2878 0.3611 0.2412 0.0727  -0.0522 -0.0061 391 GLY A O     
522 N N     . LYS A 85 ? 0.2561 0.3150 0.2222 0.0578  -0.0379 -0.0082 392 LYS A N     
523 C CA    . LYS A 85 ? 0.2591 0.2952 0.2115 0.0656  -0.0337 -0.0021 392 LYS A CA    
524 C C     . LYS A 85 ? 0.2422 0.2714 0.2018 0.0646  -0.0271 -0.0016 392 LYS A C     
525 O O     . LYS A 85 ? 0.2227 0.2638 0.1970 0.0581  -0.0248 -0.0054 392 LYS A O     
526 C CB    . LYS A 85 ? 0.2797 0.2945 0.2154 0.0607  -0.0302 0.0006  392 LYS A CB    
527 C CG    . LYS A 85 ? 0.2744 0.2830 0.2159 0.0489  -0.0234 -0.0015 392 LYS A CG    
528 C CD    . LYS A 85 ? 0.3014 0.2980 0.2295 0.0450  -0.0203 -0.0001 392 LYS A CD    
529 C CE    . LYS A 85 ? 0.3143 0.2919 0.2252 0.0502  -0.0173 0.0070  392 LYS A CE    
530 N NZ    . LYS A 85 ? 0.2961 0.2640 0.1959 0.0457  -0.0116 0.0088  392 LYS A NZ    
531 N N     . LYS A 86 ? 0.2427 0.2504 0.1894 0.0709  -0.0241 0.0031  393 LYS A N     
532 C CA    . LYS A 86 ? 0.2320 0.2275 0.1800 0.0687  -0.0185 0.0031  393 LYS A CA    
533 C C     . LYS A 86 ? 0.2319 0.2111 0.1750 0.0573  -0.0143 0.0042  393 LYS A C     
534 O O     . LYS A 86 ? 0.2581 0.2207 0.1880 0.0568  -0.0130 0.0083  393 LYS A O     
535 C CB    . LYS A 86 ? 0.2569 0.2358 0.1918 0.0815  -0.0179 0.0067  393 LYS A CB    
536 C CG    . LYS A 86 ? 0.2561 0.2548 0.1996 0.0950  -0.0207 0.0056  393 LYS A CG    
537 C CD    . LYS A 86 ? 0.2665 0.2446 0.1927 0.1108  -0.0199 0.0099  393 LYS A CD    
538 C CE    . LYS A 86 ? 0.2794 0.2479 0.1894 0.1193  -0.0247 0.0152  393 LYS A CE    
539 N NZ    . LYS A 86 ? 0.3264 0.2724 0.2176 0.1367  -0.0235 0.0198  393 LYS A NZ    
540 N N     . LEU A 87 ? 0.2113 0.1967 0.1657 0.0486  -0.0117 0.0010  394 LEU A N     
541 C CA    . LEU A 87 ? 0.2037 0.1797 0.1575 0.0389  -0.0083 0.0019  394 LEU A CA    
542 C C     . LEU A 87 ? 0.2114 0.1687 0.1577 0.0370  -0.0063 0.0042  394 LEU A C     
543 O O     . LEU A 87 ? 0.2196 0.1712 0.1636 0.0408  -0.0063 0.0029  394 LEU A O     
544 C CB    . LEU A 87 ? 0.1845 0.1722 0.1507 0.0318  -0.0070 -0.0018 394 LEU A CB    
545 C CG    . LEU A 87 ? 0.1831 0.1842 0.1543 0.0298  -0.0085 -0.0047 394 LEU A CG    
546 C CD1   . LEU A 87 ? 0.1976 0.2041 0.1781 0.0233  -0.0061 -0.0077 394 LEU A CD1   
547 C CD2   . LEU A 87 ? 0.2082 0.2040 0.1708 0.0288  -0.0080 -0.0031 394 LEU A CD2   
548 N N     . ILE A 88 ? 0.2164 0.1640 0.1581 0.0306  -0.0040 0.0074  395 ILE A N     
549 C CA    . ILE A 88 ? 0.2239 0.1566 0.1616 0.0238  -0.0025 0.0090  395 ILE A CA    
550 C C     . ILE A 88 ? 0.2054 0.1488 0.1559 0.0170  -0.0029 0.0061  395 ILE A C     
551 O O     . ILE A 88 ? 0.1979 0.1536 0.1579 0.0132  -0.0015 0.0062  395 ILE A O     
552 C CB    . ILE A 88 ? 0.2394 0.1633 0.1713 0.0178  0.0008  0.0139  395 ILE A CB    
553 C CG1   . ILE A 88 ? 0.2875 0.1953 0.2015 0.0254  0.0013  0.0179  395 ILE A CG1   
554 C CG2   . ILE A 88 ? 0.2614 0.1770 0.1951 0.0066  0.0019  0.0150  395 ILE A CG2   
555 N N     . LEU A 89 ? 0.1951 0.1324 0.1434 0.0171  -0.0045 0.0035  396 LEU A N     
556 C CA    . LEU A 89 ? 0.1767 0.1223 0.1335 0.0125  -0.0057 0.0011  396 LEU A CA    
557 C C     . LEU A 89 ? 0.1871 0.1192 0.1374 0.0057  -0.0082 0.0007  396 LEU A C     
558 O O     . LEU A 89 ? 0.2070 0.1208 0.1434 0.0083  -0.0089 -0.0006 396 LEU A O     
559 C CB    . LEU A 89 ? 0.1763 0.1286 0.1349 0.0187  -0.0054 -0.0023 396 LEU A CB    
560 C CG    . LEU A 89 ? 0.1794 0.1463 0.1451 0.0234  -0.0041 -0.0029 396 LEU A CG    
561 C CD1   . LEU A 89 ? 0.2050 0.1790 0.1736 0.0274  -0.0027 -0.0057 396 LEU A CD1   
562 C CD2   . LEU A 89 ? 0.1574 0.1342 0.1316 0.0183  -0.0033 -0.0025 396 LEU A CD2   
563 N N     . GLU A 90 ? 0.1737 0.1146 0.1334 -0.0024 -0.0098 0.0016  397 GLU A N     
564 C CA    . GLU A 90 ? 0.1894 0.1210 0.1452 -0.0117 -0.0139 0.0010  397 GLU A CA    
565 C C     . GLU A 90 ? 0.1777 0.1246 0.1444 -0.0158 -0.0180 0.0004  397 GLU A C     
566 O O     . GLU A 90 ? 0.1718 0.1351 0.1498 -0.0121 -0.0163 0.0016  397 GLU A O     
567 C CB    . GLU A 90 ? 0.2010 0.1282 0.1579 -0.0205 -0.0122 0.0049  397 GLU A CB    
568 C CG    . GLU A 90 ? 0.2172 0.1287 0.1619 -0.0157 -0.0076 0.0075  397 GLU A CG    
569 C CD    . GLU A 90 ? 0.2701 0.1525 0.1937 -0.0139 -0.0088 0.0057  397 GLU A CD    
570 O OE1   . GLU A 90 ? 0.3072 0.1744 0.2186 -0.0087 -0.0056 0.0085  397 GLU A OE1   
571 O OE2   . GLU A 90 ? 0.2956 0.1687 0.2125 -0.0167 -0.0129 0.0016  397 GLU A OE2   
572 N N     . VAL A 91 ? 0.1975 0.1371 0.1587 -0.0231 -0.0240 -0.0018 398 VAL A N     
573 C CA    . VAL A 91 ? 0.1998 0.1565 0.1722 -0.0274 -0.0296 -0.0015 398 VAL A CA    
574 C C     . VAL A 91 ? 0.2047 0.1799 0.1957 -0.0338 -0.0279 0.0030  398 VAL A C     
575 O O     . VAL A 91 ? 0.2159 0.1844 0.2063 -0.0426 -0.0265 0.0043  398 VAL A O     
576 C CB    . VAL A 91 ? 0.2200 0.1646 0.1806 -0.0351 -0.0380 -0.0054 398 VAL A CB    
577 C CG1   . VAL A 91 ? 0.2386 0.2033 0.2110 -0.0388 -0.0457 -0.0047 398 VAL A CG1   
578 C CG2   . VAL A 91 ? 0.2357 0.1597 0.1752 -0.0274 -0.0375 -0.0097 398 VAL A CG2   
579 N N     . SER A 92 ? 0.1968 0.1934 0.2028 -0.0290 -0.0269 0.0054  399 SER A N     
580 C CA    . SER A 92 ? 0.2057 0.2223 0.2301 -0.0324 -0.0233 0.0099  399 SER A CA    
581 C C     . SER A 92 ? 0.2337 0.2647 0.2704 -0.0442 -0.0299 0.0108  399 SER A C     
582 O O     . SER A 92 ? 0.2307 0.2670 0.2676 -0.0454 -0.0388 0.0089  399 SER A O     
583 C CB    . SER A 92 ? 0.1888 0.2216 0.2235 -0.0220 -0.0193 0.0120  399 SER A CB    
584 O OG    . SER A 92 ? 0.1924 0.2433 0.2432 -0.0238 -0.0139 0.0163  399 SER A OG    
585 N N     . SER A 93 ? 0.2537 0.2915 0.3002 -0.0533 -0.0254 0.0141  400 SER A N     
586 C CA    . SER A 93 ? 0.2901 0.3457 0.3525 -0.0675 -0.0306 0.0155  400 SER A CA    
587 C C     . SER A 93 ? 0.2967 0.3867 0.3855 -0.0648 -0.0254 0.0210  400 SER A C     
588 O O     . SER A 93 ? 0.3090 0.4232 0.4177 -0.0756 -0.0288 0.0231  400 SER A O     
589 C CB    . SER A 93 ? 0.3065 0.3425 0.3596 -0.0818 -0.0278 0.0158  400 SER A CB    
590 O OG    . SER A 93 ? 0.3181 0.3499 0.3702 -0.0784 -0.0159 0.0202  400 SER A OG    
591 N N     . SER A 94 ? 0.3044 0.3971 0.3933 -0.0504 -0.0171 0.0229  401 SER A N     
592 C CA    . SER A 94 ? 0.3186 0.4385 0.4278 -0.0450 -0.0090 0.0279  401 SER A CA    
593 C C     . SER A 94 ? 0.3263 0.4760 0.4551 -0.0393 -0.0156 0.0294  401 SER A C     
594 O O     . SER A 94 ? 0.3268 0.4708 0.4475 -0.0297 -0.0221 0.0271  401 SER A O     
595 C CB    . SER A 94 ? 0.3108 0.4192 0.4091 -0.0310 0.0009  0.0281  401 SER A CB    
596 O OG    . SER A 94 ? 0.3302 0.4615 0.4444 -0.0235 0.0094  0.0323  401 SER A OG    
597 N N     . ASN A 95 ? 0.3368 0.5188 0.4915 -0.0450 -0.0136 0.0338  402 ASN A N     
598 C CA    . ASN A 95 ? 0.3467 0.5633 0.5238 -0.0369 -0.0188 0.0365  402 ASN A CA    
599 C C     . ASN A 95 ? 0.3457 0.5764 0.5316 -0.0191 -0.0067 0.0406  402 ASN A C     
600 O O     . ASN A 95 ? 0.3471 0.5581 0.5187 -0.0131 0.0047  0.0403  402 ASN A O     
601 C CB    . ASN A 95 ? 0.3557 0.6055 0.5595 -0.0532 -0.0249 0.0388  402 ASN A CB    
602 C CG    . ASN A 95 ? 0.3814 0.6161 0.5743 -0.0704 -0.0389 0.0336  402 ASN A CG    
603 O OD1   . ASN A 95 ? 0.4264 0.6537 0.6082 -0.0658 -0.0511 0.0300  402 ASN A OD1   
604 N ND2   . ASN A 95 ? 0.4127 0.6404 0.6061 -0.0903 -0.0367 0.0333  402 ASN A ND2   
605 O "O3'" . U   B 1  ? 0.9326 0.7424 0.4523 0.2643  -0.1553 -0.0110 0   U   C "O3'" 
606 P P     . U   B 2  ? 0.9080 0.6770 0.4001 0.2187  -0.0477 0.0551  1   U   C P     
607 O OP1   . U   B 2  ? 1.0428 0.7631 0.3717 0.2560  0.0009  0.0856  1   U   C OP1   
608 O OP2   . U   B 2  ? 0.8812 0.6121 0.4145 0.2097  -0.0351 0.0917  1   U   C OP2   
609 O "O5'" . U   B 2  ? 0.7270 0.5613 0.3577 0.1500  -0.0222 0.0270  1   U   C "O5'" 
610 C "C5'" . U   B 2  ? 0.6691 0.5248 0.2944 0.1322  0.0171  0.0188  1   U   C "C5'" 
611 C "C4'" . U   B 2  ? 0.5181 0.4120 0.2679 0.0735  0.0398  0.0148  1   U   C "C4'" 
612 O "O4'" . U   B 2  ? 0.4366 0.3404 0.2572 0.0594  0.0104  0.0072  1   U   C "O4'" 
613 C "C3'" . U   B 2  ? 0.5220 0.3991 0.2987 0.0402  0.1006  0.0467  1   U   C "C3'" 
614 O "O3'" . U   B 2  ? 0.4443 0.3707 0.3078 0.0102  0.1075  0.0245  1   U   C "O3'" 
615 C "C2'" . U   B 2  ? 0.4897 0.3392 0.3004 0.0249  0.0889  0.0560  1   U   C "C2'" 
616 O "O2'" . U   B 2  ? 0.4852 0.3361 0.3730 -0.0147 0.1095  0.0512  1   U   C "O2'" 
617 C "C1'" . U   B 2  ? 0.4022 0.2885 0.2511 0.0294  0.0412  0.0255  1   U   C "C1'" 
618 N N1    . U   B 2  ? 0.3836 0.2497 0.2495 0.0391  0.0277  0.0281  1   U   C N1    
619 C C2    . U   B 2  ? 0.3194 0.2010 0.2344 0.0235  0.0313  0.0144  1   U   C C2    
620 O O2    . U   B 2  ? 0.2913 0.1946 0.2203 0.0066  0.0352  0.0058  1   U   C O2    
621 N N3    . U   B 2  ? 0.3395 0.2060 0.2761 0.0388  0.0325  0.0131  1   U   C N3    
622 C C4    . U   B 2  ? 0.4073 0.2467 0.3372 0.0685  0.0178  0.0232  1   U   C C4    
623 O O4    . U   B 2  ? 0.4500 0.2833 0.4224 0.0845  0.0215  0.0163  1   U   C O4    
624 C C5    . U   B 2  ? 0.4800 0.2946 0.3387 0.0888  0.0026  0.0437  1   U   C C5    
625 C C6    . U   B 2  ? 0.4419 0.2695 0.2637 0.0740  0.0147  0.0457  1   U   C C6    
626 P P     . C   B 3  ? 0.4712 0.4174 0.4008 -0.0122 0.1669  0.0330  2   C   C P     
627 O OP1   . C   B 3  ? 0.5882 0.5037 0.4330 0.0164  0.2315  0.0643  2   C   C OP1   
628 O OP2   . C   B 3  ? 0.4725 0.4145 0.4970 -0.0509 0.1644  0.0303  2   C   C OP2   
629 O "O5'" . C   B 3  ? 0.3995 0.4068 0.3942 -0.0121 0.1379  -0.0052 2   C   C "O5'" 
630 C "C5'" . C   B 3  ? 0.3876 0.4036 0.3340 0.0203  0.1189  -0.0273 2   C   C "C5'" 
631 C "C4'" . C   B 3  ? 0.2946 0.3456 0.3228 0.0152  0.0789  -0.0536 2   C   C "C4'" 
632 O "O4'" . C   B 3  ? 0.2408 0.2735 0.2691 0.0054  0.0380  -0.0458 2   C   C "O4'" 
633 C "C3'" . C   B 3  ? 0.2714 0.3674 0.4089 -0.0010 0.0860  -0.0613 2   C   C "C3'" 
634 O "O3'" . C   B 3  ? 0.2648 0.3823 0.4476 0.0187  0.0597  -0.0834 2   C   C "O3'" 
635 C "C2'" . C   B 3  ? 0.2365 0.3192 0.3837 -0.0202 0.0460  -0.0543 2   C   C "C2'" 
636 O "O2'" . C   B 3  ? 0.2428 0.3589 0.4691 -0.0194 0.0068  -0.0733 2   C   C "O2'" 
637 C "C1'" . C   B 3  ? 0.2176 0.2654 0.2966 -0.0062 0.0196  -0.0450 2   C   C "C1'" 
638 N N1    . C   B 3  ? 0.2094 0.2279 0.2499 -0.0143 0.0065  -0.0317 2   C   C N1    
639 C C2    . C   B 3  ? 0.2257 0.2290 0.2464 -0.0015 -0.0187 -0.0239 2   C   C C2    
640 O O2    . C   B 3  ? 0.2273 0.2362 0.2704 0.0149  -0.0350 -0.0209 2   C   C O2    
641 N N3    . C   B 3  ? 0.2447 0.2172 0.2088 0.0014  -0.0186 -0.0167 2   C   C N3    
642 C C4    . C   B 3  ? 0.2462 0.2056 0.1992 -0.0119 -0.0029 -0.0216 2   C   C C4    
643 N N4    . C   B 3  ? 0.2875 0.2149 0.1870 -0.0017 -0.0007 -0.0230 2   C   C N4    
644 C C5    . C   B 3  ? 0.2424 0.2095 0.2234 -0.0264 0.0174  -0.0214 2   C   C C5    
645 C C6    . C   B 3  ? 0.2381 0.2334 0.2490 -0.0251 0.0253  -0.0239 2   C   C C6    
646 P P     . U   B 4  ? 0.2975 0.4744 0.5988 0.0295  0.0777  -0.1076 3   U   C P     
647 O OP1   . U   B 4  ? 0.3267 0.5296 0.6595 0.0209  0.1579  -0.1030 3   U   C OP1   
648 O OP2   . U   B 4  ? 0.2803 0.4807 0.6633 0.0294  0.0173  -0.1134 3   U   C OP2   
649 O "O5'" . U   B 4  ? 0.3250 0.4851 0.6000 0.0655  0.0695  -0.1327 3   U   C "O5'" 
650 C "C5'" . U   B 4  ? 0.4153 0.5430 0.5882 0.0863  0.0920  -0.1486 3   U   C "C5'" 
651 C "C4'" . U   B 4  ? 0.4552 0.5667 0.6516 0.1190  0.0624  -0.1924 3   U   C "C4'" 
652 O "O4'" . U   B 4  ? 0.4201 0.4973 0.6564 0.1051  0.0066  -0.1770 3   U   C "O4'" 
653 C "C3'" . U   B 4  ? 0.4812 0.6337 0.7834 0.1434  0.0813  -0.2194 3   U   C "C3'" 
654 O "O3'" . U   B 4  ? 0.5810 0.7091 0.8571 0.1856  0.0827  -0.2758 3   U   C "O3'" 
655 C "C2'" . U   B 4  ? 0.4278 0.5715 0.8182 0.1353  0.0223  -0.1971 3   U   C "C2'" 
656 O "O2'" . U   B 4  ? 0.4560 0.6105 0.9472 0.1701  0.0100  -0.2244 3   U   C "O2'" 
657 C "C1'" . U   B 4  ? 0.4288 0.5054 0.7598 0.1245  -0.0122 -0.1872 3   U   C "C1'" 
658 N N1    . U   B 4  ? 0.4126 0.4506 0.7686 0.1136  -0.0476 -0.1386 3   U   C N1    
659 C C2    . U   B 4  ? 0.4513 0.4296 0.8617 0.1266  -0.0672 -0.1354 3   U   C C2    
660 O O2    . U   B 4  ? 0.5012 0.4594 0.9592 0.1429  -0.0718 -0.1841 3   U   C O2    
661 N N3    . U   B 4  ? 0.4772 0.4074 0.8803 0.1247  -0.0770 -0.0725 3   U   C N3    
662 C C4    . U   B 4  ? 0.4756 0.4140 0.8023 0.1189  -0.0806 -0.0273 3   U   C C4    
663 O O4    . U   B 4  ? 0.5430 0.4225 0.8317 0.1324  -0.0815 0.0298  3   U   C O4    
664 C C5    . U   B 4  ? 0.4155 0.4221 0.7096 0.1020  -0.0767 -0.0523 3   U   C C5    
665 C C6    . U   B 4  ? 0.3808 0.4314 0.6998 0.0965  -0.0543 -0.0982 3   U   C C6    
666 P P     . U   B 5  ? 0.7109 0.8684 0.9543 0.2311  0.1610  -0.3173 4   U   C P     
667 O OP1   . U   B 5  ? 0.6722 0.9041 1.0704 0.2276  0.2051  -0.3062 4   U   C OP1   
668 O OP2   . U   B 5  ? 0.7960 0.9065 0.9924 0.2800  0.1311  -0.3914 4   U   C OP2   
669 O "O5'" . U   B 5  ? 0.7650 0.9078 0.8494 0.2264  0.2146  -0.2833 4   U   C "O5'" 
# 
loop_
_pdbx_poly_seq_scheme.asym_id 
_pdbx_poly_seq_scheme.entity_id 
_pdbx_poly_seq_scheme.seq_id 
_pdbx_poly_seq_scheme.mon_id 
_pdbx_poly_seq_scheme.ndb_seq_num 
_pdbx_poly_seq_scheme.pdb_seq_num 
_pdbx_poly_seq_scheme.auth_seq_num 
_pdbx_poly_seq_scheme.pdb_mon_id 
_pdbx_poly_seq_scheme.auth_mon_id 
_pdbx_poly_seq_scheme.pdb_strand_id 
_pdbx_poly_seq_scheme.pdb_ins_code 
_pdbx_poly_seq_scheme.hetero 
A 1 1  MET 1  308 ?   ?   ?   A . n 
A 1 2  GLY 2  309 ?   ?   ?   A . n 
A 1 3  SER 3  310 ?   ?   ?   A . n 
A 1 4  SER 4  311 ?   ?   ?   A . n 
A 1 5  HIS 5  312 ?   ?   ?   A . n 
A 1 6  HIS 6  313 ?   ?   ?   A . n 
A 1 7  HIS 7  314 ?   ?   ?   A . n 
A 1 8  HIS 8  315 ?   ?   ?   A . n 
A 1 9  HIS 9  316 ?   ?   ?   A . n 
A 1 10 HIS 10 317 ?   ?   ?   A . n 
A 1 11 SER 11 318 ?   ?   ?   A . n 
A 1 12 SER 12 319 ?   ?   ?   A . n 
A 1 13 GLY 13 320 ?   ?   ?   A . n 
A 1 14 LEU 14 321 ?   ?   ?   A . n 
A 1 15 VAL 15 322 ?   ?   ?   A . n 
A 1 16 PRO 16 323 ?   ?   ?   A . n 
A 1 17 ARG 17 324 ?   ?   ?   A . n 
A 1 18 GLY 18 325 ?   ?   ?   A . n 
A 1 19 SER 19 326 ?   ?   ?   A . n 
A 1 20 HIS 20 327 ?   ?   ?   A . n 
A 1 21 MET 21 328 328 MET MET A . n 
A 1 22 LYS 22 329 329 LYS LYS A . n 
A 1 23 SER 23 330 330 SER SER A . n 
A 1 24 ARG 24 331 331 ARG ARG A . n 
A 1 25 LEU 25 332 332 LEU LEU A . n 
A 1 26 PHE 26 333 333 PHE PHE A . n 
A 1 27 ILE 27 334 334 ILE ILE A . n 
A 1 28 GLY 28 335 335 GLY GLY A . n 
A 1 29 ASN 29 336 336 ASN ASN A . n 
A 1 30 LEU 30 337 337 LEU LEU A . n 
A 1 31 PRO 31 338 338 PRO PRO A . n 
A 1 32 LEU 32 339 339 LEU LEU A . n 
A 1 33 LYS 33 340 340 LYS LYS A . n 
A 1 34 ASN 34 341 341 ASN ASN A . n 
A 1 35 VAL 35 342 342 VAL VAL A . n 
A 1 36 SER 36 343 343 SER SER A . n 
A 1 37 LYS 37 344 344 LYS LYS A . n 
A 1 38 GLU 38 345 345 GLU GLU A . n 
A 1 39 ASP 39 346 346 ASP ASP A . n 
A 1 40 LEU 40 347 347 LEU LEU A . n 
A 1 41 PHE 41 348 348 PHE PHE A . n 
A 1 42 ARG 42 349 349 ARG ARG A . n 
A 1 43 ILE 43 350 350 ILE ILE A . n 
A 1 44 PHE 44 351 351 PHE PHE A . n 
A 1 45 SER 45 352 352 SER SER A . n 
A 1 46 PRO 46 353 353 PRO PRO A . n 
A 1 47 TYR 47 354 354 TYR TYR A . n 
A 1 48 GLY 48 355 355 GLY GLY A . n 
A 1 49 HIS 49 356 356 HIS HIS A . n 
A 1 50 ILE 50 357 357 ILE ILE A . n 
A 1 51 MET 51 358 358 MET MET A . n 
A 1 52 GLN 52 359 359 GLN GLN A . n 
A 1 53 ILE 53 360 360 ILE ILE A . n 
A 1 54 ASN 54 361 361 ASN ASN A . n 
A 1 55 ILE 55 362 362 ILE ILE A . n 
A 1 56 LYS 56 363 363 LYS LYS A . n 
A 1 57 ASN 57 364 364 ASN ASN A . n 
A 1 58 ALA 58 365 365 ALA ALA A . n 
A 1 59 PHE 59 366 366 PHE PHE A . n 
A 1 60 GLY 60 367 367 GLY GLY A . n 
A 1 61 PHE 61 368 368 PHE PHE A . n 
A 1 62 ILE 62 369 369 ILE ILE A . n 
A 1 63 GLN 63 370 370 GLN GLN A . n 
A 1 64 PHE 64 371 371 PHE PHE A . n 
A 1 65 ASP 65 372 372 ASP ASP A . n 
A 1 66 ASN 66 373 373 ASN ASN A . n 
A 1 67 PRO 67 374 374 PRO PRO A . n 
A 1 68 GLN 68 375 375 GLN GLN A . n 
A 1 69 SER 69 376 376 SER SER A . n 
A 1 70 VAL 70 377 377 VAL VAL A . n 
A 1 71 ARG 71 378 378 ARG ARG A . n 
A 1 72 ASP 72 379 379 ASP ASP A . n 
A 1 73 ALA 73 380 380 ALA ALA A . n 
A 1 74 ILE 74 381 381 ILE ILE A . n 
A 1 75 GLU 75 382 382 GLU GLU A . n 
A 1 76 CYS 76 383 383 CYS CYS A . n 
A 1 77 GLU 77 384 384 GLU GLU A . n 
A 1 78 SER 78 385 385 SER SER A . n 
A 1 79 GLN 79 386 386 GLN GLN A . n 
A 1 80 GLU 80 387 387 GLU GLU A . n 
A 1 81 MET 81 388 388 MET MET A . n 
A 1 82 ASN 82 389 389 ASN ASN A . n 
A 1 83 PHE 83 390 390 PHE PHE A . n 
A 1 84 GLY 84 391 391 GLY GLY A . n 
A 1 85 LYS 85 392 392 LYS LYS A . n 
A 1 86 LYS 86 393 393 LYS LYS A . n 
A 1 87 LEU 87 394 394 LEU LEU A . n 
A 1 88 ILE 88 395 395 ILE ILE A . n 
A 1 89 LEU 89 396 396 LEU LEU A . n 
A 1 90 GLU 90 397 397 GLU GLU A . n 
A 1 91 VAL 91 398 398 VAL VAL A . n 
A 1 92 SER 92 399 399 SER SER A . n 
A 1 93 SER 93 400 400 SER SER A . n 
A 1 94 SER 94 401 401 SER SER A . n 
A 1 95 ASN 95 402 402 ASN ASN A . n 
A 1 96 ALA 96 403 ?   ?   ?   A . n 
A 1 97 ARG 97 404 ?   ?   ?   A . n 
B 2 1  U   1  0   0   U   U   C . n 
B 2 2  U   2  1   1   U   U   C . n 
B 2 3  C   3  2   2   C   C   C . n 
B 2 4  U   4  3   3   U   U   C . n 
B 2 5  U   5  4   4   U   U   C . n 
B 2 6  A   6  5   ?   ?   ?   C . n 
B 2 7  U   7  6   ?   ?   ?   C . n 
B 2 8  U   8  7   ?   ?   ?   C . n 
B 2 9  C   9  8   ?   ?   ?   C . n 
B 2 10 U   10 9   ?   ?   ?   C . n 
B 2 11 U   11 10  ?   ?   ?   C . n 
B 2 12 A   12 11  ?   ?   ?   C . n 
# 
loop_
_pdbx_nonpoly_scheme.asym_id 
_pdbx_nonpoly_scheme.entity_id 
_pdbx_nonpoly_scheme.mon_id 
_pdbx_nonpoly_scheme.ndb_seq_num 
_pdbx_nonpoly_scheme.pdb_seq_num 
_pdbx_nonpoly_scheme.auth_seq_num 
_pdbx_nonpoly_scheme.pdb_mon_id 
_pdbx_nonpoly_scheme.auth_mon_id 
_pdbx_nonpoly_scheme.pdb_strand_id 
_pdbx_nonpoly_scheme.pdb_ins_code 
C 3 ACT 1  1000 1000 ACT ACT A . 
D 3 ACT 1  1001 1001 ACT ACT A . 
E 4 HOH 1  2001 2001 HOH HOH A . 
E 4 HOH 2  2002 2002 HOH HOH A . 
E 4 HOH 3  2003 2003 HOH HOH A . 
E 4 HOH 4  2004 2004 HOH HOH A . 
E 4 HOH 5  2005 2005 HOH HOH A . 
E 4 HOH 6  2006 2006 HOH HOH A . 
E 4 HOH 7  2007 2007 HOH HOH A . 
E 4 HOH 8  2008 2008 HOH HOH A . 
E 4 HOH 9  2009 2009 HOH HOH A . 
E 4 HOH 10 2010 2010 HOH HOH A . 
E 4 HOH 11 2011 2011 HOH HOH A . 
E 4 HOH 12 2012 2012 HOH HOH A . 
E 4 HOH 13 2013 2013 HOH HOH A . 
E 4 HOH 14 2014 2014 HOH HOH A . 
E 4 HOH 15 2015 2015 HOH HOH A . 
E 4 HOH 16 2016 2016 HOH HOH A . 
E 4 HOH 17 2017 2017 HOH HOH A . 
E 4 HOH 18 2018 2018 HOH HOH A . 
E 4 HOH 19 2019 2019 HOH HOH A . 
E 4 HOH 20 2020 2020 HOH HOH A . 
E 4 HOH 21 2021 2021 HOH HOH A . 
E 4 HOH 22 2022 2022 HOH HOH A . 
E 4 HOH 23 2023 2023 HOH HOH A . 
E 4 HOH 24 2024 2024 HOH HOH A . 
E 4 HOH 25 2025 2025 HOH HOH A . 
E 4 HOH 26 2026 2026 HOH HOH A . 
E 4 HOH 27 2027 2027 HOH HOH A . 
E 4 HOH 28 2028 2028 HOH HOH A . 
E 4 HOH 29 2029 2029 HOH HOH A . 
E 4 HOH 30 2030 2030 HOH HOH A . 
E 4 HOH 31 2031 2031 HOH HOH A . 
E 4 HOH 32 2032 2032 HOH HOH A . 
E 4 HOH 33 2033 2033 HOH HOH A . 
E 4 HOH 34 2034 2034 HOH HOH A . 
E 4 HOH 35 2035 2035 HOH HOH A . 
E 4 HOH 36 2036 2036 HOH HOH A . 
E 4 HOH 37 2037 2037 HOH HOH A . 
E 4 HOH 38 2038 2038 HOH HOH A . 
E 4 HOH 39 2039 2039 HOH HOH A . 
E 4 HOH 40 2040 2040 HOH HOH A . 
E 4 HOH 41 2041 2041 HOH HOH A . 
E 4 HOH 42 2042 2042 HOH HOH A . 
E 4 HOH 43 2043 2043 HOH HOH A . 
E 4 HOH 44 2044 2044 HOH HOH A . 
E 4 HOH 45 2045 2045 HOH HOH A . 
E 4 HOH 46 2046 2046 HOH HOH A . 
E 4 HOH 47 2047 2047 HOH HOH A . 
# 
_pdbx_struct_assembly.id                   1 
_pdbx_struct_assembly.details              author_and_software_defined_assembly 
_pdbx_struct_assembly.method_details       PISA 
_pdbx_struct_assembly.oligomeric_details   dimeric 
_pdbx_struct_assembly.oligomeric_count     2 
# 
_pdbx_struct_assembly_gen.assembly_id       1 
_pdbx_struct_assembly_gen.oper_expression   1 
_pdbx_struct_assembly_gen.asym_id_list      A,B,C,D,E 
# 
loop_
_pdbx_struct_assembly_prop.biol_id 
_pdbx_struct_assembly_prop.type 
_pdbx_struct_assembly_prop.value 
_pdbx_struct_assembly_prop.details 
1 'ABSA (A^2)' 1080 ? 
1 MORE         -3.5 ? 
1 'SSA (A^2)'  5920 ? 
# 
_pdbx_struct_oper_list.id                   1 
_pdbx_struct_oper_list.type                 'identity operation' 
_pdbx_struct_oper_list.name                 1_555 
_pdbx_struct_oper_list.symmetry_operation   x,y,z 
_pdbx_struct_oper_list.matrix[1][1]         1.0000000000 
_pdbx_struct_oper_list.matrix[1][2]         0.0000000000 
_pdbx_struct_oper_list.matrix[1][3]         0.0000000000 
_pdbx_struct_oper_list.vector[1]            0.0000000000 
_pdbx_struct_oper_list.matrix[2][1]         0.0000000000 
_pdbx_struct_oper_list.matrix[2][2]         1.0000000000 
_pdbx_struct_oper_list.matrix[2][3]         0.0000000000 
_pdbx_struct_oper_list.vector[2]            0.0000000000 
_pdbx_struct_oper_list.matrix[3][1]         0.0000000000 
_pdbx_struct_oper_list.matrix[3][2]         0.0000000000 
_pdbx_struct_oper_list.matrix[3][3]         1.0000000000 
_pdbx_struct_oper_list.vector[3]            0.0000000000 
# 
loop_
_pdbx_audit_revision_history.ordinal 
_pdbx_audit_revision_history.data_content_type 
_pdbx_audit_revision_history.major_revision 
_pdbx_audit_revision_history.minor_revision 
_pdbx_audit_revision_history.revision_date 
1 'Structure model' 1 0 2010-09-08 
2 'Structure model' 1 1 2011-05-08 
3 'Structure model' 1 2 2011-07-13 
4 'Structure model' 1 3 2023-12-20 
# 
_pdbx_audit_revision_details.ordinal             1 
_pdbx_audit_revision_details.revision_ordinal    1 
_pdbx_audit_revision_details.data_content_type   'Structure model' 
_pdbx_audit_revision_details.provider            repository 
_pdbx_audit_revision_details.type                'Initial release' 
_pdbx_audit_revision_details.description         ? 
_pdbx_audit_revision_details.details             ? 
# 
loop_
_pdbx_audit_revision_group.ordinal 
_pdbx_audit_revision_group.revision_ordinal 
_pdbx_audit_revision_group.data_content_type 
_pdbx_audit_revision_group.group 
1 2 'Structure model' 'Version format compliance' 
2 3 'Structure model' 'Version format compliance' 
3 4 'Structure model' 'Data collection'           
4 4 'Structure model' 'Database references'       
5 4 'Structure model' 'Derived calculations'      
6 4 'Structure model' Other                       
7 4 'Structure model' 'Refinement description'    
# 
loop_
_pdbx_audit_revision_category.ordinal 
_pdbx_audit_revision_category.revision_ordinal 
_pdbx_audit_revision_category.data_content_type 
_pdbx_audit_revision_category.category 
1 4 'Structure model' chem_comp_atom                
2 4 'Structure model' chem_comp_bond                
3 4 'Structure model' database_2                    
4 4 'Structure model' pdbx_database_status          
5 4 'Structure model' pdbx_initial_refinement_model 
6 4 'Structure model' struct_site                   
# 
loop_
_pdbx_audit_revision_item.ordinal 
_pdbx_audit_revision_item.revision_ordinal 
_pdbx_audit_revision_item.data_content_type 
_pdbx_audit_revision_item.item 
1 4 'Structure model' '_database_2.pdbx_DOI'                 
2 4 'Structure model' '_database_2.pdbx_database_accession'  
3 4 'Structure model' '_pdbx_database_status.status_code_sf' 
4 4 'Structure model' '_struct_site.pdbx_auth_asym_id'       
5 4 'Structure model' '_struct_site.pdbx_auth_comp_id'       
6 4 'Structure model' '_struct_site.pdbx_auth_seq_id'        
# 
loop_
_pdbx_refine_tls.pdbx_refine_id 
_pdbx_refine_tls.id 
_pdbx_refine_tls.details 
_pdbx_refine_tls.method 
_pdbx_refine_tls.origin_x 
_pdbx_refine_tls.origin_y 
_pdbx_refine_tls.origin_z 
_pdbx_refine_tls.T[1][1] 
_pdbx_refine_tls.T[2][2] 
_pdbx_refine_tls.T[3][3] 
_pdbx_refine_tls.T[1][2] 
_pdbx_refine_tls.T[1][3] 
_pdbx_refine_tls.T[2][3] 
_pdbx_refine_tls.L[1][1] 
_pdbx_refine_tls.L[2][2] 
_pdbx_refine_tls.L[3][3] 
_pdbx_refine_tls.L[1][2] 
_pdbx_refine_tls.L[1][3] 
_pdbx_refine_tls.L[2][3] 
_pdbx_refine_tls.S[1][1] 
_pdbx_refine_tls.S[1][2] 
_pdbx_refine_tls.S[1][3] 
_pdbx_refine_tls.S[2][1] 
_pdbx_refine_tls.S[2][2] 
_pdbx_refine_tls.S[2][3] 
_pdbx_refine_tls.S[3][1] 
_pdbx_refine_tls.S[3][2] 
_pdbx_refine_tls.S[3][3] 
'X-RAY DIFFRACTION' 1 ? refined -0.0286 0.0782  -0.0475 0.0646 0.0556 0.0559 0.0108 0.0009 -0.0022 1.0055  1.9519  2.8711 -0.2893 -0.3068 -0.1480 0.0300  -0.0287 -0.0004 -0.0213 0.0418 0.0666 0.0363 -0.0249 -0.0718 
'X-RAY DIFFRACTION' 2 ? refined -8.8745 -5.7218 5.6252  0.0725 0.1027 0.0823 0.0144 0.0430 -0.0508 17.9127 25.1640 8.1952 -9.3522 -0.9741 3.6095  -0.5994 -0.9420 0.3820  1.0369  0.2296 0.9219 0.2741 -0.6046 0.3698 
# 
loop_
_pdbx_refine_tls_group.pdbx_refine_id 
_pdbx_refine_tls_group.id 
_pdbx_refine_tls_group.refine_tls_id 
_pdbx_refine_tls_group.beg_auth_asym_id 
_pdbx_refine_tls_group.beg_auth_seq_id 
_pdbx_refine_tls_group.beg_label_asym_id 
_pdbx_refine_tls_group.beg_label_seq_id 
_pdbx_refine_tls_group.end_auth_asym_id 
_pdbx_refine_tls_group.end_auth_seq_id 
_pdbx_refine_tls_group.end_label_asym_id 
_pdbx_refine_tls_group.end_label_seq_id 
_pdbx_refine_tls_group.selection 
_pdbx_refine_tls_group.selection_details 
'X-RAY DIFFRACTION' 1 1 A 328 ? ? A 402 ? ? ? ? 
'X-RAY DIFFRACTION' 2 2 C 0   ? ? C 4   ? ? ? ? 
# 
loop_
_software.name 
_software.classification 
_software.version 
_software.citation_id 
_software.pdbx_ordinal 
REFMAC refinement       5.5.0102 ? 1 
XDS    'data reduction' .        ? 2 
XDS    'data scaling'   .        ? 3 
PHASER phasing          .        ? 4 
# 
_pdbx_entry_details.entry_id                 2XNR 
_pdbx_entry_details.compound_details         ? 
_pdbx_entry_details.source_details           ? 
_pdbx_entry_details.nonpolymer_details       ? 
_pdbx_entry_details.sequence_details         
;SEQUENCE OF NAB3-RRM DOMAIN WITH N-TERMINAL HIS-TAG AND
THROMBIN CLEAVAGE SITE
;
_pdbx_entry_details.has_ligand_of_interest   ? 
# 
loop_
_pdbx_validate_torsion.id 
_pdbx_validate_torsion.PDB_model_num 
_pdbx_validate_torsion.auth_comp_id 
_pdbx_validate_torsion.auth_asym_id 
_pdbx_validate_torsion.auth_seq_id 
_pdbx_validate_torsion.PDB_ins_code 
_pdbx_validate_torsion.label_alt_id 
_pdbx_validate_torsion.phi 
_pdbx_validate_torsion.psi 
1 1 ASN A 336 ? ? -145.49 48.64   
2 1 ASN A 364 ? ? 56.22   -117.06 
# 
loop_
_pdbx_unobs_or_zero_occ_atoms.id 
_pdbx_unobs_or_zero_occ_atoms.PDB_model_num 
_pdbx_unobs_or_zero_occ_atoms.polymer_flag 
_pdbx_unobs_or_zero_occ_atoms.occupancy_flag 
_pdbx_unobs_or_zero_occ_atoms.auth_asym_id 
_pdbx_unobs_or_zero_occ_atoms.auth_comp_id 
_pdbx_unobs_or_zero_occ_atoms.auth_seq_id 
_pdbx_unobs_or_zero_occ_atoms.PDB_ins_code 
_pdbx_unobs_or_zero_occ_atoms.auth_atom_id 
_pdbx_unobs_or_zero_occ_atoms.label_alt_id 
_pdbx_unobs_or_zero_occ_atoms.label_asym_id 
_pdbx_unobs_or_zero_occ_atoms.label_comp_id 
_pdbx_unobs_or_zero_occ_atoms.label_seq_id 
_pdbx_unobs_or_zero_occ_atoms.label_atom_id 
1  1 Y 1 A ILE 395 ? CD1   ? A ILE 88 CD1   
2  1 Y 1 C U   0   ? "O5'" ? B U   1  "O5'" 
3  1 Y 1 C U   0   ? "C5'" ? B U   1  "C5'" 
4  1 Y 1 C U   0   ? "C4'" ? B U   1  "C4'" 
5  1 Y 1 C U   0   ? "O4'" ? B U   1  "O4'" 
6  1 Y 1 C U   0   ? "C3'" ? B U   1  "C3'" 
7  1 Y 1 C U   0   ? "C2'" ? B U   1  "C2'" 
8  1 Y 1 C U   0   ? "O2'" ? B U   1  "O2'" 
9  1 Y 1 C U   0   ? "C1'" ? B U   1  "C1'" 
10 1 Y 1 C U   0   ? N1    ? B U   1  N1    
11 1 Y 1 C U   0   ? C2    ? B U   1  C2    
12 1 Y 1 C U   0   ? O2    ? B U   1  O2    
13 1 Y 1 C U   0   ? N3    ? B U   1  N3    
14 1 Y 1 C U   0   ? C4    ? B U   1  C4    
15 1 Y 1 C U   0   ? O4    ? B U   1  O4    
16 1 Y 1 C U   0   ? C5    ? B U   1  C5    
17 1 Y 1 C U   0   ? C6    ? B U   1  C6    
18 1 Y 1 C U   4   ? "C5'" ? B U   5  "C5'" 
19 1 Y 1 C U   4   ? "C4'" ? B U   5  "C4'" 
20 1 Y 1 C U   4   ? "O4'" ? B U   5  "O4'" 
21 1 Y 1 C U   4   ? "C3'" ? B U   5  "C3'" 
22 1 Y 1 C U   4   ? "O3'" ? B U   5  "O3'" 
23 1 Y 1 C U   4   ? "C2'" ? B U   5  "C2'" 
24 1 Y 1 C U   4   ? "O2'" ? B U   5  "O2'" 
25 1 Y 1 C U   4   ? "C1'" ? B U   5  "C1'" 
26 1 Y 1 C U   4   ? N1    ? B U   5  N1    
27 1 Y 1 C U   4   ? C2    ? B U   5  C2    
28 1 Y 1 C U   4   ? O2    ? B U   5  O2    
29 1 Y 1 C U   4   ? N3    ? B U   5  N3    
30 1 Y 1 C U   4   ? C4    ? B U   5  C4    
31 1 Y 1 C U   4   ? O4    ? B U   5  O4    
32 1 Y 1 C U   4   ? C5    ? B U   5  C5    
33 1 Y 1 C U   4   ? C6    ? B U   5  C6    
# 
loop_
_pdbx_unobs_or_zero_occ_residues.id 
_pdbx_unobs_or_zero_occ_residues.PDB_model_num 
_pdbx_unobs_or_zero_occ_residues.polymer_flag 
_pdbx_unobs_or_zero_occ_residues.occupancy_flag 
_pdbx_unobs_or_zero_occ_residues.auth_asym_id 
_pdbx_unobs_or_zero_occ_residues.auth_comp_id 
_pdbx_unobs_or_zero_occ_residues.auth_seq_id 
_pdbx_unobs_or_zero_occ_residues.PDB_ins_code 
_pdbx_unobs_or_zero_occ_residues.label_asym_id 
_pdbx_unobs_or_zero_occ_residues.label_comp_id 
_pdbx_unobs_or_zero_occ_residues.label_seq_id 
1  1 Y 1 A MET 308 ? A MET 1  
2  1 Y 1 A GLY 309 ? A GLY 2  
3  1 Y 1 A SER 310 ? A SER 3  
4  1 Y 1 A SER 311 ? A SER 4  
5  1 Y 1 A HIS 312 ? A HIS 5  
6  1 Y 1 A HIS 313 ? A HIS 6  
7  1 Y 1 A HIS 314 ? A HIS 7  
8  1 Y 1 A HIS 315 ? A HIS 8  
9  1 Y 1 A HIS 316 ? A HIS 9  
10 1 Y 1 A HIS 317 ? A HIS 10 
11 1 Y 1 A SER 318 ? A SER 11 
12 1 Y 1 A SER 319 ? A SER 12 
13 1 Y 1 A GLY 320 ? A GLY 13 
14 1 Y 1 A LEU 321 ? A LEU 14 
15 1 Y 1 A VAL 322 ? A VAL 15 
16 1 Y 1 A PRO 323 ? A PRO 16 
17 1 Y 1 A ARG 324 ? A ARG 17 
18 1 Y 1 A GLY 325 ? A GLY 18 
19 1 Y 1 A SER 326 ? A SER 19 
20 1 Y 1 A HIS 327 ? A HIS 20 
21 1 Y 1 A ALA 403 ? A ALA 96 
22 1 Y 1 A ARG 404 ? A ARG 97 
23 1 Y 1 C A   5   ? B A   6  
24 1 Y 1 C U   6   ? B U   7  
25 1 Y 1 C U   7   ? B U   8  
26 1 Y 1 C C   8   ? B C   9  
27 1 Y 1 C U   9   ? B U   10 
28 1 Y 1 C U   10  ? B U   11 
29 1 Y 1 C A   11  ? B A   12 
# 
loop_
_chem_comp_atom.comp_id 
_chem_comp_atom.atom_id 
_chem_comp_atom.type_symbol 
_chem_comp_atom.pdbx_aromatic_flag 
_chem_comp_atom.pdbx_stereo_config 
_chem_comp_atom.pdbx_ordinal 
A   OP3    O N N 1   
A   P      P N N 2   
A   OP1    O N N 3   
A   OP2    O N N 4   
A   "O5'"  O N N 5   
A   "C5'"  C N N 6   
A   "C4'"  C N R 7   
A   "O4'"  O N N 8   
A   "C3'"  C N S 9   
A   "O3'"  O N N 10  
A   "C2'"  C N R 11  
A   "O2'"  O N N 12  
A   "C1'"  C N R 13  
A   N9     N Y N 14  
A   C8     C Y N 15  
A   N7     N Y N 16  
A   C5     C Y N 17  
A   C6     C Y N 18  
A   N6     N N N 19  
A   N1     N Y N 20  
A   C2     C Y N 21  
A   N3     N Y N 22  
A   C4     C Y N 23  
A   HOP3   H N N 24  
A   HOP2   H N N 25  
A   "H5'"  H N N 26  
A   "H5''" H N N 27  
A   "H4'"  H N N 28  
A   "H3'"  H N N 29  
A   "HO3'" H N N 30  
A   "H2'"  H N N 31  
A   "HO2'" H N N 32  
A   "H1'"  H N N 33  
A   H8     H N N 34  
A   H61    H N N 35  
A   H62    H N N 36  
A   H2     H N N 37  
ACT C      C N N 38  
ACT O      O N N 39  
ACT OXT    O N N 40  
ACT CH3    C N N 41  
ACT H1     H N N 42  
ACT H2     H N N 43  
ACT H3     H N N 44  
ALA N      N N N 45  
ALA CA     C N S 46  
ALA C      C N N 47  
ALA O      O N N 48  
ALA CB     C N N 49  
ALA OXT    O N N 50  
ALA H      H N N 51  
ALA H2     H N N 52  
ALA HA     H N N 53  
ALA HB1    H N N 54  
ALA HB2    H N N 55  
ALA HB3    H N N 56  
ALA HXT    H N N 57  
ARG N      N N N 58  
ARG CA     C N S 59  
ARG C      C N N 60  
ARG O      O N N 61  
ARG CB     C N N 62  
ARG CG     C N N 63  
ARG CD     C N N 64  
ARG NE     N N N 65  
ARG CZ     C N N 66  
ARG NH1    N N N 67  
ARG NH2    N N N 68  
ARG OXT    O N N 69  
ARG H      H N N 70  
ARG H2     H N N 71  
ARG HA     H N N 72  
ARG HB2    H N N 73  
ARG HB3    H N N 74  
ARG HG2    H N N 75  
ARG HG3    H N N 76  
ARG HD2    H N N 77  
ARG HD3    H N N 78  
ARG HE     H N N 79  
ARG HH11   H N N 80  
ARG HH12   H N N 81  
ARG HH21   H N N 82  
ARG HH22   H N N 83  
ARG HXT    H N N 84  
ASN N      N N N 85  
ASN CA     C N S 86  
ASN C      C N N 87  
ASN O      O N N 88  
ASN CB     C N N 89  
ASN CG     C N N 90  
ASN OD1    O N N 91  
ASN ND2    N N N 92  
ASN OXT    O N N 93  
ASN H      H N N 94  
ASN H2     H N N 95  
ASN HA     H N N 96  
ASN HB2    H N N 97  
ASN HB3    H N N 98  
ASN HD21   H N N 99  
ASN HD22   H N N 100 
ASN HXT    H N N 101 
ASP N      N N N 102 
ASP CA     C N S 103 
ASP C      C N N 104 
ASP O      O N N 105 
ASP CB     C N N 106 
ASP CG     C N N 107 
ASP OD1    O N N 108 
ASP OD2    O N N 109 
ASP OXT    O N N 110 
ASP H      H N N 111 
ASP H2     H N N 112 
ASP HA     H N N 113 
ASP HB2    H N N 114 
ASP HB3    H N N 115 
ASP HD2    H N N 116 
ASP HXT    H N N 117 
C   OP3    O N N 118 
C   P      P N N 119 
C   OP1    O N N 120 
C   OP2    O N N 121 
C   "O5'"  O N N 122 
C   "C5'"  C N N 123 
C   "C4'"  C N R 124 
C   "O4'"  O N N 125 
C   "C3'"  C N S 126 
C   "O3'"  O N N 127 
C   "C2'"  C N R 128 
C   "O2'"  O N N 129 
C   "C1'"  C N R 130 
C   N1     N N N 131 
C   C2     C N N 132 
C   O2     O N N 133 
C   N3     N N N 134 
C   C4     C N N 135 
C   N4     N N N 136 
C   C5     C N N 137 
C   C6     C N N 138 
C   HOP3   H N N 139 
C   HOP2   H N N 140 
C   "H5'"  H N N 141 
C   "H5''" H N N 142 
C   "H4'"  H N N 143 
C   "H3'"  H N N 144 
C   "HO3'" H N N 145 
C   "H2'"  H N N 146 
C   "HO2'" H N N 147 
C   "H1'"  H N N 148 
C   H41    H N N 149 
C   H42    H N N 150 
C   H5     H N N 151 
C   H6     H N N 152 
CYS N      N N N 153 
CYS CA     C N R 154 
CYS C      C N N 155 
CYS O      O N N 156 
CYS CB     C N N 157 
CYS SG     S N N 158 
CYS OXT    O N N 159 
CYS H      H N N 160 
CYS H2     H N N 161 
CYS HA     H N N 162 
CYS HB2    H N N 163 
CYS HB3    H N N 164 
CYS HG     H N N 165 
CYS HXT    H N N 166 
GLN N      N N N 167 
GLN CA     C N S 168 
GLN C      C N N 169 
GLN O      O N N 170 
GLN CB     C N N 171 
GLN CG     C N N 172 
GLN CD     C N N 173 
GLN OE1    O N N 174 
GLN NE2    N N N 175 
GLN OXT    O N N 176 
GLN H      H N N 177 
GLN H2     H N N 178 
GLN HA     H N N 179 
GLN HB2    H N N 180 
GLN HB3    H N N 181 
GLN HG2    H N N 182 
GLN HG3    H N N 183 
GLN HE21   H N N 184 
GLN HE22   H N N 185 
GLN HXT    H N N 186 
GLU N      N N N 187 
GLU CA     C N S 188 
GLU C      C N N 189 
GLU O      O N N 190 
GLU CB     C N N 191 
GLU CG     C N N 192 
GLU CD     C N N 193 
GLU OE1    O N N 194 
GLU OE2    O N N 195 
GLU OXT    O N N 196 
GLU H      H N N 197 
GLU H2     H N N 198 
GLU HA     H N N 199 
GLU HB2    H N N 200 
GLU HB3    H N N 201 
GLU HG2    H N N 202 
GLU HG3    H N N 203 
GLU HE2    H N N 204 
GLU HXT    H N N 205 
GLY N      N N N 206 
GLY CA     C N N 207 
GLY C      C N N 208 
GLY O      O N N 209 
GLY OXT    O N N 210 
GLY H      H N N 211 
GLY H2     H N N 212 
GLY HA2    H N N 213 
GLY HA3    H N N 214 
GLY HXT    H N N 215 
HIS N      N N N 216 
HIS CA     C N S 217 
HIS C      C N N 218 
HIS O      O N N 219 
HIS CB     C N N 220 
HIS CG     C Y N 221 
HIS ND1    N Y N 222 
HIS CD2    C Y N 223 
HIS CE1    C Y N 224 
HIS NE2    N Y N 225 
HIS OXT    O N N 226 
HIS H      H N N 227 
HIS H2     H N N 228 
HIS HA     H N N 229 
HIS HB2    H N N 230 
HIS HB3    H N N 231 
HIS HD1    H N N 232 
HIS HD2    H N N 233 
HIS HE1    H N N 234 
HIS HE2    H N N 235 
HIS HXT    H N N 236 
HOH O      O N N 237 
HOH H1     H N N 238 
HOH H2     H N N 239 
ILE N      N N N 240 
ILE CA     C N S 241 
ILE C      C N N 242 
ILE O      O N N 243 
ILE CB     C N S 244 
ILE CG1    C N N 245 
ILE CG2    C N N 246 
ILE CD1    C N N 247 
ILE OXT    O N N 248 
ILE H      H N N 249 
ILE H2     H N N 250 
ILE HA     H N N 251 
ILE HB     H N N 252 
ILE HG12   H N N 253 
ILE HG13   H N N 254 
ILE HG21   H N N 255 
ILE HG22   H N N 256 
ILE HG23   H N N 257 
ILE HD11   H N N 258 
ILE HD12   H N N 259 
ILE HD13   H N N 260 
ILE HXT    H N N 261 
LEU N      N N N 262 
LEU CA     C N S 263 
LEU C      C N N 264 
LEU O      O N N 265 
LEU CB     C N N 266 
LEU CG     C N N 267 
LEU CD1    C N N 268 
LEU CD2    C N N 269 
LEU OXT    O N N 270 
LEU H      H N N 271 
LEU H2     H N N 272 
LEU HA     H N N 273 
LEU HB2    H N N 274 
LEU HB3    H N N 275 
LEU HG     H N N 276 
LEU HD11   H N N 277 
LEU HD12   H N N 278 
LEU HD13   H N N 279 
LEU HD21   H N N 280 
LEU HD22   H N N 281 
LEU HD23   H N N 282 
LEU HXT    H N N 283 
LYS N      N N N 284 
LYS CA     C N S 285 
LYS C      C N N 286 
LYS O      O N N 287 
LYS CB     C N N 288 
LYS CG     C N N 289 
LYS CD     C N N 290 
LYS CE     C N N 291 
LYS NZ     N N N 292 
LYS OXT    O N N 293 
LYS H      H N N 294 
LYS H2     H N N 295 
LYS HA     H N N 296 
LYS HB2    H N N 297 
LYS HB3    H N N 298 
LYS HG2    H N N 299 
LYS HG3    H N N 300 
LYS HD2    H N N 301 
LYS HD3    H N N 302 
LYS HE2    H N N 303 
LYS HE3    H N N 304 
LYS HZ1    H N N 305 
LYS HZ2    H N N 306 
LYS HZ3    H N N 307 
LYS HXT    H N N 308 
MET N      N N N 309 
MET CA     C N S 310 
MET C      C N N 311 
MET O      O N N 312 
MET CB     C N N 313 
MET CG     C N N 314 
MET SD     S N N 315 
MET CE     C N N 316 
MET OXT    O N N 317 
MET H      H N N 318 
MET H2     H N N 319 
MET HA     H N N 320 
MET HB2    H N N 321 
MET HB3    H N N 322 
MET HG2    H N N 323 
MET HG3    H N N 324 
MET HE1    H N N 325 
MET HE2    H N N 326 
MET HE3    H N N 327 
MET HXT    H N N 328 
PHE N      N N N 329 
PHE CA     C N S 330 
PHE C      C N N 331 
PHE O      O N N 332 
PHE CB     C N N 333 
PHE CG     C Y N 334 
PHE CD1    C Y N 335 
PHE CD2    C Y N 336 
PHE CE1    C Y N 337 
PHE CE2    C Y N 338 
PHE CZ     C Y N 339 
PHE OXT    O N N 340 
PHE H      H N N 341 
PHE H2     H N N 342 
PHE HA     H N N 343 
PHE HB2    H N N 344 
PHE HB3    H N N 345 
PHE HD1    H N N 346 
PHE HD2    H N N 347 
PHE HE1    H N N 348 
PHE HE2    H N N 349 
PHE HZ     H N N 350 
PHE HXT    H N N 351 
PRO N      N N N 352 
PRO CA     C N S 353 
PRO C      C N N 354 
PRO O      O N N 355 
PRO CB     C N N 356 
PRO CG     C N N 357 
PRO CD     C N N 358 
PRO OXT    O N N 359 
PRO H      H N N 360 
PRO HA     H N N 361 
PRO HB2    H N N 362 
PRO HB3    H N N 363 
PRO HG2    H N N 364 
PRO HG3    H N N 365 
PRO HD2    H N N 366 
PRO HD3    H N N 367 
PRO HXT    H N N 368 
SER N      N N N 369 
SER CA     C N S 370 
SER C      C N N 371 
SER O      O N N 372 
SER CB     C N N 373 
SER OG     O N N 374 
SER OXT    O N N 375 
SER H      H N N 376 
SER H2     H N N 377 
SER HA     H N N 378 
SER HB2    H N N 379 
SER HB3    H N N 380 
SER HG     H N N 381 
SER HXT    H N N 382 
TYR N      N N N 383 
TYR CA     C N S 384 
TYR C      C N N 385 
TYR O      O N N 386 
TYR CB     C N N 387 
TYR CG     C Y N 388 
TYR CD1    C Y N 389 
TYR CD2    C Y N 390 
TYR CE1    C Y N 391 
TYR CE2    C Y N 392 
TYR CZ     C Y N 393 
TYR OH     O N N 394 
TYR OXT    O N N 395 
TYR H      H N N 396 
TYR H2     H N N 397 
TYR HA     H N N 398 
TYR HB2    H N N 399 
TYR HB3    H N N 400 
TYR HD1    H N N 401 
TYR HD2    H N N 402 
TYR HE1    H N N 403 
TYR HE2    H N N 404 
TYR HH     H N N 405 
TYR HXT    H N N 406 
U   OP3    O N N 407 
U   P      P N N 408 
U   OP1    O N N 409 
U   OP2    O N N 410 
U   "O5'"  O N N 411 
U   "C5'"  C N N 412 
U   "C4'"  C N R 413 
U   "O4'"  O N N 414 
U   "C3'"  C N S 415 
U   "O3'"  O N N 416 
U   "C2'"  C N R 417 
U   "O2'"  O N N 418 
U   "C1'"  C N R 419 
U   N1     N N N 420 
U   C2     C N N 421 
U   O2     O N N 422 
U   N3     N N N 423 
U   C4     C N N 424 
U   O4     O N N 425 
U   C5     C N N 426 
U   C6     C N N 427 
U   HOP3   H N N 428 
U   HOP2   H N N 429 
U   "H5'"  H N N 430 
U   "H5''" H N N 431 
U   "H4'"  H N N 432 
U   "H3'"  H N N 433 
U   "HO3'" H N N 434 
U   "H2'"  H N N 435 
U   "HO2'" H N N 436 
U   "H1'"  H N N 437 
U   H3     H N N 438 
U   H5     H N N 439 
U   H6     H N N 440 
VAL N      N N N 441 
VAL CA     C N S 442 
VAL C      C N N 443 
VAL O      O N N 444 
VAL CB     C N N 445 
VAL CG1    C N N 446 
VAL CG2    C N N 447 
VAL OXT    O N N 448 
VAL H      H N N 449 
VAL H2     H N N 450 
VAL HA     H N N 451 
VAL HB     H N N 452 
VAL HG11   H N N 453 
VAL HG12   H N N 454 
VAL HG13   H N N 455 
VAL HG21   H N N 456 
VAL HG22   H N N 457 
VAL HG23   H N N 458 
VAL HXT    H N N 459 
# 
loop_
_chem_comp_bond.comp_id 
_chem_comp_bond.atom_id_1 
_chem_comp_bond.atom_id_2 
_chem_comp_bond.value_order 
_chem_comp_bond.pdbx_aromatic_flag 
_chem_comp_bond.pdbx_stereo_config 
_chem_comp_bond.pdbx_ordinal 
A   OP3   P      sing N N 1   
A   OP3   HOP3   sing N N 2   
A   P     OP1    doub N N 3   
A   P     OP2    sing N N 4   
A   P     "O5'"  sing N N 5   
A   OP2   HOP2   sing N N 6   
A   "O5'" "C5'"  sing N N 7   
A   "C5'" "C4'"  sing N N 8   
A   "C5'" "H5'"  sing N N 9   
A   "C5'" "H5''" sing N N 10  
A   "C4'" "O4'"  sing N N 11  
A   "C4'" "C3'"  sing N N 12  
A   "C4'" "H4'"  sing N N 13  
A   "O4'" "C1'"  sing N N 14  
A   "C3'" "O3'"  sing N N 15  
A   "C3'" "C2'"  sing N N 16  
A   "C3'" "H3'"  sing N N 17  
A   "O3'" "HO3'" sing N N 18  
A   "C2'" "O2'"  sing N N 19  
A   "C2'" "C1'"  sing N N 20  
A   "C2'" "H2'"  sing N N 21  
A   "O2'" "HO2'" sing N N 22  
A   "C1'" N9     sing N N 23  
A   "C1'" "H1'"  sing N N 24  
A   N9    C8     sing Y N 25  
A   N9    C4     sing Y N 26  
A   C8    N7     doub Y N 27  
A   C8    H8     sing N N 28  
A   N7    C5     sing Y N 29  
A   C5    C6     sing Y N 30  
A   C5    C4     doub Y N 31  
A   C6    N6     sing N N 32  
A   C6    N1     doub Y N 33  
A   N6    H61    sing N N 34  
A   N6    H62    sing N N 35  
A   N1    C2     sing Y N 36  
A   C2    N3     doub Y N 37  
A   C2    H2     sing N N 38  
A   N3    C4     sing Y N 39  
ACT C     O      doub N N 40  
ACT C     OXT    sing N N 41  
ACT C     CH3    sing N N 42  
ACT CH3   H1     sing N N 43  
ACT CH3   H2     sing N N 44  
ACT CH3   H3     sing N N 45  
ALA N     CA     sing N N 46  
ALA N     H      sing N N 47  
ALA N     H2     sing N N 48  
ALA CA    C      sing N N 49  
ALA CA    CB     sing N N 50  
ALA CA    HA     sing N N 51  
ALA C     O      doub N N 52  
ALA C     OXT    sing N N 53  
ALA CB    HB1    sing N N 54  
ALA CB    HB2    sing N N 55  
ALA CB    HB3    sing N N 56  
ALA OXT   HXT    sing N N 57  
ARG N     CA     sing N N 58  
ARG N     H      sing N N 59  
ARG N     H2     sing N N 60  
ARG CA    C      sing N N 61  
ARG CA    CB     sing N N 62  
ARG CA    HA     sing N N 63  
ARG C     O      doub N N 64  
ARG C     OXT    sing N N 65  
ARG CB    CG     sing N N 66  
ARG CB    HB2    sing N N 67  
ARG CB    HB3    sing N N 68  
ARG CG    CD     sing N N 69  
ARG CG    HG2    sing N N 70  
ARG CG    HG3    sing N N 71  
ARG CD    NE     sing N N 72  
ARG CD    HD2    sing N N 73  
ARG CD    HD3    sing N N 74  
ARG NE    CZ     sing N N 75  
ARG NE    HE     sing N N 76  
ARG CZ    NH1    sing N N 77  
ARG CZ    NH2    doub N N 78  
ARG NH1   HH11   sing N N 79  
ARG NH1   HH12   sing N N 80  
ARG NH2   HH21   sing N N 81  
ARG NH2   HH22   sing N N 82  
ARG OXT   HXT    sing N N 83  
ASN N     CA     sing N N 84  
ASN N     H      sing N N 85  
ASN N     H2     sing N N 86  
ASN CA    C      sing N N 87  
ASN CA    CB     sing N N 88  
ASN CA    HA     sing N N 89  
ASN C     O      doub N N 90  
ASN C     OXT    sing N N 91  
ASN CB    CG     sing N N 92  
ASN CB    HB2    sing N N 93  
ASN CB    HB3    sing N N 94  
ASN CG    OD1    doub N N 95  
ASN CG    ND2    sing N N 96  
ASN ND2   HD21   sing N N 97  
ASN ND2   HD22   sing N N 98  
ASN OXT   HXT    sing N N 99  
ASP N     CA     sing N N 100 
ASP N     H      sing N N 101 
ASP N     H2     sing N N 102 
ASP CA    C      sing N N 103 
ASP CA    CB     sing N N 104 
ASP CA    HA     sing N N 105 
ASP C     O      doub N N 106 
ASP C     OXT    sing N N 107 
ASP CB    CG     sing N N 108 
ASP CB    HB2    sing N N 109 
ASP CB    HB3    sing N N 110 
ASP CG    OD1    doub N N 111 
ASP CG    OD2    sing N N 112 
ASP OD2   HD2    sing N N 113 
ASP OXT   HXT    sing N N 114 
C   OP3   P      sing N N 115 
C   OP3   HOP3   sing N N 116 
C   P     OP1    doub N N 117 
C   P     OP2    sing N N 118 
C   P     "O5'"  sing N N 119 
C   OP2   HOP2   sing N N 120 
C   "O5'" "C5'"  sing N N 121 
C   "C5'" "C4'"  sing N N 122 
C   "C5'" "H5'"  sing N N 123 
C   "C5'" "H5''" sing N N 124 
C   "C4'" "O4'"  sing N N 125 
C   "C4'" "C3'"  sing N N 126 
C   "C4'" "H4'"  sing N N 127 
C   "O4'" "C1'"  sing N N 128 
C   "C3'" "O3'"  sing N N 129 
C   "C3'" "C2'"  sing N N 130 
C   "C3'" "H3'"  sing N N 131 
C   "O3'" "HO3'" sing N N 132 
C   "C2'" "O2'"  sing N N 133 
C   "C2'" "C1'"  sing N N 134 
C   "C2'" "H2'"  sing N N 135 
C   "O2'" "HO2'" sing N N 136 
C   "C1'" N1     sing N N 137 
C   "C1'" "H1'"  sing N N 138 
C   N1    C2     sing N N 139 
C   N1    C6     sing N N 140 
C   C2    O2     doub N N 141 
C   C2    N3     sing N N 142 
C   N3    C4     doub N N 143 
C   C4    N4     sing N N 144 
C   C4    C5     sing N N 145 
C   N4    H41    sing N N 146 
C   N4    H42    sing N N 147 
C   C5    C6     doub N N 148 
C   C5    H5     sing N N 149 
C   C6    H6     sing N N 150 
CYS N     CA     sing N N 151 
CYS N     H      sing N N 152 
CYS N     H2     sing N N 153 
CYS CA    C      sing N N 154 
CYS CA    CB     sing N N 155 
CYS CA    HA     sing N N 156 
CYS C     O      doub N N 157 
CYS C     OXT    sing N N 158 
CYS CB    SG     sing N N 159 
CYS CB    HB2    sing N N 160 
CYS CB    HB3    sing N N 161 
CYS SG    HG     sing N N 162 
CYS OXT   HXT    sing N N 163 
GLN N     CA     sing N N 164 
GLN N     H      sing N N 165 
GLN N     H2     sing N N 166 
GLN CA    C      sing N N 167 
GLN CA    CB     sing N N 168 
GLN CA    HA     sing N N 169 
GLN C     O      doub N N 170 
GLN C     OXT    sing N N 171 
GLN CB    CG     sing N N 172 
GLN CB    HB2    sing N N 173 
GLN CB    HB3    sing N N 174 
GLN CG    CD     sing N N 175 
GLN CG    HG2    sing N N 176 
GLN CG    HG3    sing N N 177 
GLN CD    OE1    doub N N 178 
GLN CD    NE2    sing N N 179 
GLN NE2   HE21   sing N N 180 
GLN NE2   HE22   sing N N 181 
GLN OXT   HXT    sing N N 182 
GLU N     CA     sing N N 183 
GLU N     H      sing N N 184 
GLU N     H2     sing N N 185 
GLU CA    C      sing N N 186 
GLU CA    CB     sing N N 187 
GLU CA    HA     sing N N 188 
GLU C     O      doub N N 189 
GLU C     OXT    sing N N 190 
GLU CB    CG     sing N N 191 
GLU CB    HB2    sing N N 192 
GLU CB    HB3    sing N N 193 
GLU CG    CD     sing N N 194 
GLU CG    HG2    sing N N 195 
GLU CG    HG3    sing N N 196 
GLU CD    OE1    doub N N 197 
GLU CD    OE2    sing N N 198 
GLU OE2   HE2    sing N N 199 
GLU OXT   HXT    sing N N 200 
GLY N     CA     sing N N 201 
GLY N     H      sing N N 202 
GLY N     H2     sing N N 203 
GLY CA    C      sing N N 204 
GLY CA    HA2    sing N N 205 
GLY CA    HA3    sing N N 206 
GLY C     O      doub N N 207 
GLY C     OXT    sing N N 208 
GLY OXT   HXT    sing N N 209 
HIS N     CA     sing N N 210 
HIS N     H      sing N N 211 
HIS N     H2     sing N N 212 
HIS CA    C      sing N N 213 
HIS CA    CB     sing N N 214 
HIS CA    HA     sing N N 215 
HIS C     O      doub N N 216 
HIS C     OXT    sing N N 217 
HIS CB    CG     sing N N 218 
HIS CB    HB2    sing N N 219 
HIS CB    HB3    sing N N 220 
HIS CG    ND1    sing Y N 221 
HIS CG    CD2    doub Y N 222 
HIS ND1   CE1    doub Y N 223 
HIS ND1   HD1    sing N N 224 
HIS CD2   NE2    sing Y N 225 
HIS CD2   HD2    sing N N 226 
HIS CE1   NE2    sing Y N 227 
HIS CE1   HE1    sing N N 228 
HIS NE2   HE2    sing N N 229 
HIS OXT   HXT    sing N N 230 
HOH O     H1     sing N N 231 
HOH O     H2     sing N N 232 
ILE N     CA     sing N N 233 
ILE N     H      sing N N 234 
ILE N     H2     sing N N 235 
ILE CA    C      sing N N 236 
ILE CA    CB     sing N N 237 
ILE CA    HA     sing N N 238 
ILE C     O      doub N N 239 
ILE C     OXT    sing N N 240 
ILE CB    CG1    sing N N 241 
ILE CB    CG2    sing N N 242 
ILE CB    HB     sing N N 243 
ILE CG1   CD1    sing N N 244 
ILE CG1   HG12   sing N N 245 
ILE CG1   HG13   sing N N 246 
ILE CG2   HG21   sing N N 247 
ILE CG2   HG22   sing N N 248 
ILE CG2   HG23   sing N N 249 
ILE CD1   HD11   sing N N 250 
ILE CD1   HD12   sing N N 251 
ILE CD1   HD13   sing N N 252 
ILE OXT   HXT    sing N N 253 
LEU N     CA     sing N N 254 
LEU N     H      sing N N 255 
LEU N     H2     sing N N 256 
LEU CA    C      sing N N 257 
LEU CA    CB     sing N N 258 
LEU CA    HA     sing N N 259 
LEU C     O      doub N N 260 
LEU C     OXT    sing N N 261 
LEU CB    CG     sing N N 262 
LEU CB    HB2    sing N N 263 
LEU CB    HB3    sing N N 264 
LEU CG    CD1    sing N N 265 
LEU CG    CD2    sing N N 266 
LEU CG    HG     sing N N 267 
LEU CD1   HD11   sing N N 268 
LEU CD1   HD12   sing N N 269 
LEU CD1   HD13   sing N N 270 
LEU CD2   HD21   sing N N 271 
LEU CD2   HD22   sing N N 272 
LEU CD2   HD23   sing N N 273 
LEU OXT   HXT    sing N N 274 
LYS N     CA     sing N N 275 
LYS N     H      sing N N 276 
LYS N     H2     sing N N 277 
LYS CA    C      sing N N 278 
LYS CA    CB     sing N N 279 
LYS CA    HA     sing N N 280 
LYS C     O      doub N N 281 
LYS C     OXT    sing N N 282 
LYS CB    CG     sing N N 283 
LYS CB    HB2    sing N N 284 
LYS CB    HB3    sing N N 285 
LYS CG    CD     sing N N 286 
LYS CG    HG2    sing N N 287 
LYS CG    HG3    sing N N 288 
LYS CD    CE     sing N N 289 
LYS CD    HD2    sing N N 290 
LYS CD    HD3    sing N N 291 
LYS CE    NZ     sing N N 292 
LYS CE    HE2    sing N N 293 
LYS CE    HE3    sing N N 294 
LYS NZ    HZ1    sing N N 295 
LYS NZ    HZ2    sing N N 296 
LYS NZ    HZ3    sing N N 297 
LYS OXT   HXT    sing N N 298 
MET N     CA     sing N N 299 
MET N     H      sing N N 300 
MET N     H2     sing N N 301 
MET CA    C      sing N N 302 
MET CA    CB     sing N N 303 
MET CA    HA     sing N N 304 
MET C     O      doub N N 305 
MET C     OXT    sing N N 306 
MET CB    CG     sing N N 307 
MET CB    HB2    sing N N 308 
MET CB    HB3    sing N N 309 
MET CG    SD     sing N N 310 
MET CG    HG2    sing N N 311 
MET CG    HG3    sing N N 312 
MET SD    CE     sing N N 313 
MET CE    HE1    sing N N 314 
MET CE    HE2    sing N N 315 
MET CE    HE3    sing N N 316 
MET OXT   HXT    sing N N 317 
PHE N     CA     sing N N 318 
PHE N     H      sing N N 319 
PHE N     H2     sing N N 320 
PHE CA    C      sing N N 321 
PHE CA    CB     sing N N 322 
PHE CA    HA     sing N N 323 
PHE C     O      doub N N 324 
PHE C     OXT    sing N N 325 
PHE CB    CG     sing N N 326 
PHE CB    HB2    sing N N 327 
PHE CB    HB3    sing N N 328 
PHE CG    CD1    doub Y N 329 
PHE CG    CD2    sing Y N 330 
PHE CD1   CE1    sing Y N 331 
PHE CD1   HD1    sing N N 332 
PHE CD2   CE2    doub Y N 333 
PHE CD2   HD2    sing N N 334 
PHE CE1   CZ     doub Y N 335 
PHE CE1   HE1    sing N N 336 
PHE CE2   CZ     sing Y N 337 
PHE CE2   HE2    sing N N 338 
PHE CZ    HZ     sing N N 339 
PHE OXT   HXT    sing N N 340 
PRO N     CA     sing N N 341 
PRO N     CD     sing N N 342 
PRO N     H      sing N N 343 
PRO CA    C      sing N N 344 
PRO CA    CB     sing N N 345 
PRO CA    HA     sing N N 346 
PRO C     O      doub N N 347 
PRO C     OXT    sing N N 348 
PRO CB    CG     sing N N 349 
PRO CB    HB2    sing N N 350 
PRO CB    HB3    sing N N 351 
PRO CG    CD     sing N N 352 
PRO CG    HG2    sing N N 353 
PRO CG    HG3    sing N N 354 
PRO CD    HD2    sing N N 355 
PRO CD    HD3    sing N N 356 
PRO OXT   HXT    sing N N 357 
SER N     CA     sing N N 358 
SER N     H      sing N N 359 
SER N     H2     sing N N 360 
SER CA    C      sing N N 361 
SER CA    CB     sing N N 362 
SER CA    HA     sing N N 363 
SER C     O      doub N N 364 
SER C     OXT    sing N N 365 
SER CB    OG     sing N N 366 
SER CB    HB2    sing N N 367 
SER CB    HB3    sing N N 368 
SER OG    HG     sing N N 369 
SER OXT   HXT    sing N N 370 
TYR N     CA     sing N N 371 
TYR N     H      sing N N 372 
TYR N     H2     sing N N 373 
TYR CA    C      sing N N 374 
TYR CA    CB     sing N N 375 
TYR CA    HA     sing N N 376 
TYR C     O      doub N N 377 
TYR C     OXT    sing N N 378 
TYR CB    CG     sing N N 379 
TYR CB    HB2    sing N N 380 
TYR CB    HB3    sing N N 381 
TYR CG    CD1    doub Y N 382 
TYR CG    CD2    sing Y N 383 
TYR CD1   CE1    sing Y N 384 
TYR CD1   HD1    sing N N 385 
TYR CD2   CE2    doub Y N 386 
TYR CD2   HD2    sing N N 387 
TYR CE1   CZ     doub Y N 388 
TYR CE1   HE1    sing N N 389 
TYR CE2   CZ     sing Y N 390 
TYR CE2   HE2    sing N N 391 
TYR CZ    OH     sing N N 392 
TYR OH    HH     sing N N 393 
TYR OXT   HXT    sing N N 394 
U   OP3   P      sing N N 395 
U   OP3   HOP3   sing N N 396 
U   P     OP1    doub N N 397 
U   P     OP2    sing N N 398 
U   P     "O5'"  sing N N 399 
U   OP2   HOP2   sing N N 400 
U   "O5'" "C5'"  sing N N 401 
U   "C5'" "C4'"  sing N N 402 
U   "C5'" "H5'"  sing N N 403 
U   "C5'" "H5''" sing N N 404 
U   "C4'" "O4'"  sing N N 405 
U   "C4'" "C3'"  sing N N 406 
U   "C4'" "H4'"  sing N N 407 
U   "O4'" "C1'"  sing N N 408 
U   "C3'" "O3'"  sing N N 409 
U   "C3'" "C2'"  sing N N 410 
U   "C3'" "H3'"  sing N N 411 
U   "O3'" "HO3'" sing N N 412 
U   "C2'" "O2'"  sing N N 413 
U   "C2'" "C1'"  sing N N 414 
U   "C2'" "H2'"  sing N N 415 
U   "O2'" "HO2'" sing N N 416 
U   "C1'" N1     sing N N 417 
U   "C1'" "H1'"  sing N N 418 
U   N1    C2     sing N N 419 
U   N1    C6     sing N N 420 
U   C2    O2     doub N N 421 
U   C2    N3     sing N N 422 
U   N3    C4     sing N N 423 
U   N3    H3     sing N N 424 
U   C4    O4     doub N N 425 
U   C4    C5     sing N N 426 
U   C5    C6     doub N N 427 
U   C5    H5     sing N N 428 
U   C6    H6     sing N N 429 
VAL N     CA     sing N N 430 
VAL N     H      sing N N 431 
VAL N     H2     sing N N 432 
VAL CA    C      sing N N 433 
VAL CA    CB     sing N N 434 
VAL CA    HA     sing N N 435 
VAL C     O      doub N N 436 
VAL C     OXT    sing N N 437 
VAL CB    CG1    sing N N 438 
VAL CB    CG2    sing N N 439 
VAL CB    HB     sing N N 440 
VAL CG1   HG11   sing N N 441 
VAL CG1   HG12   sing N N 442 
VAL CG1   HG13   sing N N 443 
VAL CG2   HG21   sing N N 444 
VAL CG2   HG22   sing N N 445 
VAL CG2   HG23   sing N N 446 
VAL OXT   HXT    sing N N 447 
# 
loop_
_pdbx_entity_nonpoly.entity_id 
_pdbx_entity_nonpoly.name 
_pdbx_entity_nonpoly.comp_id 
3 'ACETATE ION' ACT 
4 water         HOH 
# 
_pdbx_initial_refinement_model.id               1 
_pdbx_initial_refinement_model.entity_id_list   ? 
_pdbx_initial_refinement_model.type             'experimental model' 
_pdbx_initial_refinement_model.source_name      PDB 
_pdbx_initial_refinement_model.accession_code   2XNQ 
_pdbx_initial_refinement_model.details          'PDB ENTRY 2XNQ' 
# 
